data_8TQF
#
_entry.id   8TQF
#
_cell.length_a   86.208
_cell.length_b   89.020
_cell.length_c   146.190
_cell.angle_alpha   90.000
_cell.angle_beta   90.536
_cell.angle_gamma   90.000
#
_symmetry.space_group_name_H-M   'P 1 21 1'
#
loop_
_entity.id
_entity.type
_entity.pdbx_description
1 polymer 'Serine hydroxymethyltransferase'
2 non-polymer N-GLYCINE-[3-HYDROXY-2-METHYL-5-PHOSPHONOOXYMETHYL-PYRIDIN-4-YL-METHANE]
3 non-polymer 1,2-ETHANEDIOL
4 non-polymer 'N-[4-({[(6R)-2-amino-5-formyl-4-hydroxy-5,6,7,8-tetrahydropteridin-6-yl]methyl}amino)benzoyl]-L-gamma-glutamyl-L-glutamic acid'
5 water water
#
_entity_poly.entity_id   1
_entity_poly.type   'polypeptide(L)'
_entity_poly.pdbx_seq_one_letter_code
;MGSSHHHHHHHSSGLVPRGSHMDPVSVWGNTPLATVDPEIHDLIEKEKRRQCRGIELIASENFTSFAVIEALGSALTNKY
SEGMPGNRYYGGNEYIDQIENLCRSRALQAFHLDAQSWGVNVQPYSGSPANFAAYTAVLNPHDRIMGLDLPSGGHLTHGY
YTSGGKKISATSIYFESLPYKVNSTTGYIDYDRLEEKALDFRPKLIICGGSAYPRDWDYKRFREVADKCGALLLCDMAHT
SGLVAAQEVNSPFEYCDIVTTTTHKSLRGPRAGMIFYRKGPKPPKKGQPENAVYDFEDKINFAVFPSLQGGPHNHQIGAL
AVALKQAASPGFKAYAKQVKANAVALGKYLMGKGYSLVTGGTENHLVLWDLRPLGLTGNKVEKLCDLCNITVNKNAVFGD
SSALAPGGVRIGAPAMTSRGLVEKDFEQIGEFLHRAVTLTLEIQKEHGKLLKDFNKGLVNNKAIEDLKADVEKFSALFDM
PGFLVSEMKYKD
;
_entity_poly.pdbx_strand_id   A,B,C,D
#
loop_
_chem_comp.id
_chem_comp.type
_chem_comp.name
_chem_comp.formula
EDO non-polymer 1,2-ETHANEDIOL 'C2 H6 O2'
PLG non-polymer N-GLYCINE-[3-HYDROXY-2-METHYL-5-PHOSPHONOOXYMETHYL-PYRIDIN-4-YL-METHANE] 'C10 H15 N2 O7 P'
S8R non-polymer 'N-[4-({[(6R)-2-amino-5-formyl-4-hydroxy-5,6,7,8-tetrahydropteridin-6-yl]methyl}amino)benzoyl]-L-gamma-glutamyl-L-glutamic acid' 'C25 H30 N8 O10'
#
# COMPACT_ATOMS: atom_id res chain seq x y z
N HIS A 21 1.60 -53.06 12.50
CA HIS A 21 2.17 -53.32 11.17
C HIS A 21 1.38 -52.61 10.08
N MET A 22 2.08 -52.19 9.03
CA MET A 22 1.49 -51.51 7.88
C MET A 22 0.70 -52.48 6.99
N ASP A 23 -0.25 -51.92 6.25
CA ASP A 23 -0.86 -52.66 5.15
C ASP A 23 0.20 -53.03 4.13
N PRO A 24 -0.02 -54.08 3.34
CA PRO A 24 0.84 -54.31 2.18
C PRO A 24 0.71 -53.16 1.19
N VAL A 25 1.84 -52.78 0.59
CA VAL A 25 1.81 -51.72 -0.41
C VAL A 25 0.75 -51.97 -1.48
N SER A 26 0.63 -53.22 -1.96
CA SER A 26 -0.31 -53.48 -3.05
C SER A 26 -1.74 -53.15 -2.65
N VAL A 27 -2.11 -53.43 -1.40
CA VAL A 27 -3.52 -53.31 -1.00
C VAL A 27 -3.99 -51.85 -1.08
N TRP A 28 -3.26 -50.94 -0.43
CA TRP A 28 -3.67 -49.54 -0.55
C TRP A 28 -3.14 -48.88 -1.81
N GLY A 29 -1.95 -49.29 -2.27
CA GLY A 29 -1.20 -48.52 -3.24
C GLY A 29 -1.31 -48.93 -4.69
N ASN A 30 -1.70 -50.17 -4.98
CA ASN A 30 -1.78 -50.60 -6.36
C ASN A 30 -3.18 -51.04 -6.77
N THR A 31 -4.10 -51.08 -5.83
CA THR A 31 -5.46 -51.53 -6.11
C THR A 31 -6.22 -50.46 -6.90
N PRO A 32 -7.03 -50.85 -7.88
CA PRO A 32 -7.76 -49.86 -8.68
C PRO A 32 -8.77 -49.06 -7.86
N LEU A 33 -9.05 -47.86 -8.38
CA LEU A 33 -10.03 -46.96 -7.76
C LEU A 33 -11.39 -47.64 -7.59
N ALA A 34 -11.81 -48.44 -8.58
CA ALA A 34 -13.10 -49.11 -8.48
C ALA A 34 -13.23 -49.91 -7.18
N THR A 35 -12.13 -50.52 -6.72
CA THR A 35 -12.13 -51.23 -5.45
C THR A 35 -11.81 -50.35 -4.26
N VAL A 36 -10.79 -49.47 -4.38
CA VAL A 36 -10.39 -48.66 -3.24
C VAL A 36 -11.51 -47.72 -2.80
N ASP A 37 -12.18 -47.09 -3.77
CA ASP A 37 -13.15 -46.04 -3.46
C ASP A 37 -14.32 -46.16 -4.42
N PRO A 38 -15.18 -47.16 -4.23
CA PRO A 38 -16.29 -47.35 -5.18
C PRO A 38 -17.16 -46.10 -5.32
N GLU A 39 -17.29 -45.32 -4.25
CA GLU A 39 -18.10 -44.11 -4.28
C GLU A 39 -17.55 -43.09 -5.27
N ILE A 40 -16.27 -42.78 -5.16
CA ILE A 40 -15.70 -41.83 -6.10
C ILE A 40 -15.68 -42.42 -7.49
N HIS A 41 -15.39 -43.72 -7.61
CA HIS A 41 -15.44 -44.35 -8.92
C HIS A 41 -16.82 -44.17 -9.54
N ASP A 42 -17.87 -44.41 -8.75
CA ASP A 42 -19.23 -44.35 -9.28
C ASP A 42 -19.57 -42.93 -9.70
N LEU A 43 -19.19 -41.95 -8.88
CA LEU A 43 -19.47 -40.56 -9.20
C LEU A 43 -18.75 -40.12 -10.46
N ILE A 44 -17.51 -40.58 -10.65
CA ILE A 44 -16.82 -40.26 -11.90
C ILE A 44 -17.52 -40.91 -13.08
N GLU A 45 -17.97 -42.17 -12.91
CA GLU A 45 -18.71 -42.82 -14.00
C GLU A 45 -19.98 -42.05 -14.31
N LYS A 46 -20.67 -41.54 -13.30
CA LYS A 46 -21.85 -40.75 -13.57
C LYS A 46 -21.49 -39.48 -14.32
N GLU A 47 -20.38 -38.85 -13.95
CA GLU A 47 -19.94 -37.66 -14.67
C GLU A 47 -19.57 -37.99 -16.11
N LYS A 48 -18.95 -39.15 -16.32
CA LYS A 48 -18.59 -39.59 -17.67
C LYS A 48 -19.85 -39.73 -18.53
N ARG A 49 -20.89 -40.35 -17.99
CA ARG A 49 -22.14 -40.46 -18.75
C ARG A 49 -22.75 -39.10 -19.02
N ARG A 50 -22.75 -38.22 -18.01
CA ARG A 50 -23.28 -36.88 -18.20
C ARG A 50 -22.55 -36.15 -19.32
N GLN A 51 -21.23 -36.31 -19.39
CA GLN A 51 -20.43 -35.60 -20.39
C GLN A 51 -20.73 -36.08 -21.81
N CYS A 52 -21.06 -37.35 -22.00
CA CYS A 52 -21.30 -37.84 -23.35
C CYS A 52 -22.78 -38.08 -23.66
N ARG A 53 -23.70 -37.71 -22.77
CA ARG A 53 -25.13 -37.85 -23.04
C ARG A 53 -25.88 -36.54 -22.97
N GLY A 54 -25.20 -35.42 -22.73
CA GLY A 54 -25.86 -34.15 -22.84
C GLY A 54 -25.22 -33.28 -23.90
N ILE A 55 -25.61 -32.03 -23.96
CA ILE A 55 -25.01 -31.06 -24.85
C ILE A 55 -24.24 -30.08 -23.98
N GLU A 56 -22.92 -30.14 -24.08
CA GLU A 56 -22.05 -29.39 -23.19
C GLU A 56 -21.63 -28.11 -23.91
N LEU A 57 -22.18 -26.97 -23.49
CA LEU A 57 -22.02 -25.73 -24.25
C LEU A 57 -21.32 -24.64 -23.44
N ILE A 58 -20.69 -24.97 -22.33
CA ILE A 58 -19.96 -23.95 -21.60
C ILE A 58 -18.74 -23.60 -22.44
N ALA A 59 -18.60 -22.30 -22.76
CA ALA A 59 -17.62 -21.88 -23.75
C ALA A 59 -16.18 -22.13 -23.29
N SER A 60 -15.98 -22.23 -21.98
CA SER A 60 -14.66 -22.45 -21.40
C SER A 60 -14.38 -23.91 -21.14
N GLU A 61 -15.29 -24.81 -21.50
CA GLU A 61 -15.03 -26.22 -21.32
C GLU A 61 -14.60 -26.85 -22.63
N ASN A 62 -13.85 -27.94 -22.52
CA ASN A 62 -13.55 -28.79 -23.66
C ASN A 62 -13.54 -30.25 -23.19
N PHE A 63 -13.38 -31.16 -24.14
CA PHE A 63 -13.22 -32.59 -23.85
C PHE A 63 -11.79 -32.94 -24.29
N THR A 64 -10.91 -33.12 -23.32
CA THR A 64 -9.52 -33.34 -23.69
C THR A 64 -9.29 -34.81 -24.01
N SER A 65 -8.11 -35.10 -24.56
CA SER A 65 -7.86 -36.42 -25.10
C SER A 65 -7.51 -37.40 -23.99
N PHE A 66 -7.66 -38.69 -24.31
CA PHE A 66 -7.23 -39.75 -23.39
C PHE A 66 -5.74 -39.66 -23.11
N ALA A 67 -4.94 -39.36 -24.14
CA ALA A 67 -3.50 -39.28 -23.97
C ALA A 67 -3.12 -38.21 -22.95
N VAL A 68 -3.78 -37.04 -23.04
CA VAL A 68 -3.60 -36.00 -22.02
C VAL A 68 -3.97 -36.50 -20.64
N ILE A 69 -5.10 -37.19 -20.53
CA ILE A 69 -5.56 -37.68 -19.23
C ILE A 69 -4.61 -38.75 -18.68
N GLU A 70 -4.01 -39.57 -19.54
CA GLU A 70 -3.04 -40.57 -19.05
C GLU A 70 -1.79 -39.91 -18.46
N ALA A 71 -1.33 -38.81 -19.06
CA ALA A 71 -0.19 -38.09 -18.49
C ALA A 71 -0.61 -37.38 -17.22
N LEU A 72 -1.84 -36.85 -17.22
CA LEU A 72 -2.35 -36.15 -16.05
C LEU A 72 -2.44 -37.09 -14.85
N GLY A 73 -2.96 -38.30 -15.07
CA GLY A 73 -3.00 -39.30 -14.02
C GLY A 73 -1.78 -40.19 -14.10
N SER A 74 -0.64 -39.68 -13.62
CA SER A 74 0.62 -40.40 -13.72
C SER A 74 1.47 -40.13 -12.49
N ALA A 75 2.55 -40.91 -12.36
CA ALA A 75 3.52 -40.74 -11.29
C ALA A 75 4.19 -39.37 -11.31
N LEU A 76 3.98 -38.58 -12.35
CA LEU A 76 4.50 -37.21 -12.35
C LEU A 76 4.00 -36.44 -11.13
N THR A 77 2.84 -36.82 -10.59
CA THR A 77 2.28 -36.09 -9.44
C THR A 77 3.18 -36.19 -8.22
N ASN A 78 4.09 -37.18 -8.21
CA ASN A 78 4.89 -37.41 -7.00
C ASN A 78 6.10 -36.50 -6.87
N LYS A 79 6.45 -35.73 -7.90
CA LYS A 79 7.74 -35.06 -7.92
C LYS A 79 7.67 -33.60 -7.48
N TYR A 80 8.51 -33.22 -6.52
CA TYR A 80 8.80 -31.82 -6.23
C TYR A 80 9.93 -31.34 -7.12
N SER A 81 9.72 -30.21 -7.81
CA SER A 81 10.70 -29.73 -8.77
C SER A 81 10.74 -28.21 -8.79
N GLU A 82 10.69 -27.59 -7.61
CA GLU A 82 10.74 -26.14 -7.58
C GLU A 82 11.99 -25.63 -8.27
N GLY A 83 11.84 -24.54 -9.00
CA GLY A 83 12.94 -23.97 -9.72
C GLY A 83 12.72 -24.04 -11.22
N MET A 84 13.82 -24.00 -11.95
CA MET A 84 13.94 -24.08 -13.39
C MET A 84 14.62 -25.37 -13.80
N PRO A 85 14.32 -25.89 -14.99
CA PRO A 85 15.11 -27.01 -15.50
C PRO A 85 16.61 -26.76 -15.35
N GLY A 86 17.33 -27.77 -14.86
CA GLY A 86 18.75 -27.67 -14.64
C GLY A 86 19.18 -26.81 -13.47
N ASN A 87 18.26 -26.08 -12.84
CA ASN A 87 18.52 -25.25 -11.67
C ASN A 87 17.34 -25.36 -10.71
N ARG A 88 17.26 -26.52 -10.06
CA ARG A 88 16.16 -26.89 -9.18
C ARG A 88 16.60 -26.80 -7.73
N TYR A 89 15.61 -26.70 -6.85
CA TYR A 89 15.81 -26.75 -5.40
C TYR A 89 15.71 -28.16 -4.84
N TYR A 90 15.69 -29.19 -5.70
CA TYR A 90 15.55 -30.56 -5.27
C TYR A 90 16.38 -31.41 -6.20
N GLY A 91 16.90 -32.50 -5.68
CA GLY A 91 17.43 -33.54 -6.54
C GLY A 91 16.35 -34.27 -7.34
N GLY A 92 16.84 -35.13 -8.22
CA GLY A 92 16.00 -36.14 -8.85
C GLY A 92 15.17 -35.66 -10.00
N ASN A 93 15.51 -34.52 -10.60
CA ASN A 93 14.69 -33.93 -11.65
C ASN A 93 15.22 -34.17 -13.06
N GLU A 94 16.02 -35.22 -13.27
CA GLU A 94 16.56 -35.52 -14.59
C GLU A 94 15.45 -35.58 -15.64
N TYR A 95 14.39 -36.34 -15.36
CA TYR A 95 13.35 -36.54 -16.37
C TYR A 95 12.30 -35.45 -16.31
N ILE A 96 11.99 -34.92 -15.11
CA ILE A 96 11.06 -33.80 -15.00
C ILE A 96 11.60 -32.60 -15.77
N ASP A 97 12.93 -32.43 -15.80
CA ASP A 97 13.52 -31.31 -16.54
C ASP A 97 13.30 -31.48 -18.03
N GLN A 98 13.49 -32.70 -18.52
CA GLN A 98 13.25 -32.96 -19.94
C GLN A 98 11.79 -32.74 -20.30
N ILE A 99 10.88 -33.14 -19.41
CA ILE A 99 9.45 -32.95 -19.68
C ILE A 99 9.13 -31.46 -19.73
N GLU A 100 9.66 -30.70 -18.78
CA GLU A 100 9.31 -29.29 -18.76
C GLU A 100 9.97 -28.54 -19.91
N ASN A 101 11.21 -28.89 -20.27
CA ASN A 101 11.82 -28.27 -21.44
C ASN A 101 11.03 -28.58 -22.69
N LEU A 102 10.57 -29.83 -22.83
CA LEU A 102 9.80 -30.22 -24.00
C LEU A 102 8.48 -29.46 -24.08
N CYS A 103 7.77 -29.34 -22.96
CA CYS A 103 6.53 -28.58 -22.91
CA CYS A 103 6.52 -28.62 -23.03
C CYS A 103 6.74 -27.14 -23.36
N ARG A 104 7.80 -26.51 -22.83
CA ARG A 104 8.07 -25.12 -23.23
C ARG A 104 8.41 -25.01 -24.70
N SER A 105 9.24 -25.91 -25.21
CA SER A 105 9.55 -25.84 -26.63
C SER A 105 8.30 -26.08 -27.47
N ARG A 106 7.47 -27.07 -27.09
CA ARG A 106 6.23 -27.31 -27.83
C ARG A 106 5.27 -26.16 -27.69
N ALA A 107 5.29 -25.46 -26.56
CA ALA A 107 4.45 -24.28 -26.41
C ALA A 107 4.85 -23.20 -27.42
N LEU A 108 6.15 -22.91 -27.51
CA LEU A 108 6.61 -21.95 -28.52
C LEU A 108 6.28 -22.43 -29.92
N GLN A 109 6.45 -23.73 -30.19
CA GLN A 109 6.14 -24.25 -31.51
C GLN A 109 4.65 -24.18 -31.82
N ALA A 110 3.80 -24.47 -30.82
CA ALA A 110 2.36 -24.46 -31.07
C ALA A 110 1.88 -23.09 -31.52
N PHE A 111 2.53 -22.03 -31.05
CA PHE A 111 2.14 -20.68 -31.42
C PHE A 111 3.09 -20.02 -32.41
N HIS A 112 3.98 -20.80 -33.04
CA HIS A 112 4.85 -20.30 -34.11
C HIS A 112 5.68 -19.12 -33.62
N LEU A 113 6.28 -19.30 -32.45
CA LEU A 113 7.10 -18.28 -31.82
C LEU A 113 8.58 -18.67 -31.90
N ASP A 114 9.41 -17.72 -32.28
CA ASP A 114 10.85 -17.90 -32.31
C ASP A 114 11.39 -17.82 -30.87
N ALA A 115 12.18 -18.81 -30.45
CA ALA A 115 12.71 -18.82 -29.09
C ALA A 115 13.61 -17.61 -28.79
N GLN A 116 14.21 -17.00 -29.80
CA GLN A 116 15.00 -15.79 -29.60
C GLN A 116 14.15 -14.58 -29.29
N SER A 117 12.85 -14.63 -29.57
CA SER A 117 11.97 -13.48 -29.39
C SER A 117 10.90 -13.71 -28.35
N TRP A 118 10.68 -14.95 -27.92
CA TRP A 118 9.63 -15.32 -26.98
C TRP A 118 10.13 -16.43 -26.07
N GLY A 119 9.77 -16.32 -24.78
CA GLY A 119 9.92 -17.40 -23.84
C GLY A 119 8.56 -17.73 -23.24
N VAL A 120 8.50 -18.85 -22.53
CA VAL A 120 7.25 -19.21 -21.88
C VAL A 120 7.54 -19.90 -20.56
N ASN A 121 6.69 -19.63 -19.57
CA ASN A 121 6.68 -20.34 -18.30
C ASN A 121 5.45 -21.22 -18.30
N VAL A 122 5.64 -22.53 -18.12
CA VAL A 122 4.53 -23.47 -18.18
C VAL A 122 4.16 -23.98 -16.79
N GLN A 123 4.66 -23.35 -15.73
CA GLN A 123 4.34 -23.80 -14.38
C GLN A 123 3.04 -23.25 -13.76
N PRO A 124 2.40 -22.18 -14.25
CA PRO A 124 1.18 -21.71 -13.57
C PRO A 124 0.16 -22.82 -13.36
N TYR A 125 -0.43 -22.83 -12.16
CA TYR A 125 -1.36 -23.90 -11.82
C TYR A 125 -2.61 -23.83 -12.66
N SER A 126 -3.04 -22.64 -13.04
CA SER A 126 -4.25 -22.46 -13.81
C SER A 126 -4.20 -21.06 -14.40
N GLY A 127 -5.33 -20.63 -14.99
CA GLY A 127 -5.35 -19.33 -15.64
C GLY A 127 -5.23 -18.17 -14.68
N SER A 128 -5.96 -18.23 -13.58
CA SER A 128 -5.92 -17.13 -12.62
C SER A 128 -4.54 -17.03 -11.97
N PRO A 129 -3.93 -18.14 -11.57
CA PRO A 129 -2.52 -18.04 -11.12
C PRO A 129 -1.58 -17.49 -12.19
N ALA A 130 -1.79 -17.82 -13.46
CA ALA A 130 -0.93 -17.28 -14.50
C ALA A 130 -1.00 -15.77 -14.54
N ASN A 131 -2.22 -15.23 -14.46
CA ASN A 131 -2.39 -13.79 -14.57
C ASN A 131 -1.83 -13.09 -13.33
N PHE A 132 -2.12 -13.62 -12.15
CA PHE A 132 -1.58 -13.01 -10.95
C PHE A 132 -0.06 -13.03 -10.95
N ALA A 133 0.54 -14.10 -11.48
CA ALA A 133 2.00 -14.14 -11.56
C ALA A 133 2.53 -13.13 -12.57
N ALA A 134 1.92 -13.03 -13.74
CA ALA A 134 2.32 -12.03 -14.73
C ALA A 134 2.25 -10.63 -14.13
N TYR A 135 1.15 -10.33 -13.41
CA TYR A 135 1.00 -9.02 -12.80
C TYR A 135 2.08 -8.79 -11.76
N THR A 136 2.29 -9.77 -10.89
CA THR A 136 3.30 -9.65 -9.86
C THR A 136 4.69 -9.44 -10.44
N ALA A 137 4.94 -10.02 -11.62
CA ALA A 137 6.25 -9.88 -12.25
C ALA A 137 6.54 -8.44 -12.65
N VAL A 138 5.54 -7.73 -13.17
CA VAL A 138 5.76 -6.42 -13.78
C VAL A 138 5.12 -5.27 -13.00
N LEU A 139 4.37 -5.55 -11.95
CA LEU A 139 3.71 -4.51 -11.18
C LEU A 139 4.14 -4.57 -9.72
N ASN A 140 4.18 -3.41 -9.10
CA ASN A 140 4.22 -3.33 -7.65
C ASN A 140 2.80 -3.30 -7.11
N PRO A 141 2.61 -3.63 -5.83
CA PRO A 141 1.30 -3.45 -5.21
C PRO A 141 0.78 -2.05 -5.46
N HIS A 142 -0.50 -1.97 -5.83
CA HIS A 142 -1.28 -0.76 -6.12
C HIS A 142 -0.97 -0.15 -7.47
N ASP A 143 -0.06 -0.72 -8.26
CA ASP A 143 0.11 -0.17 -9.61
C ASP A 143 -1.20 -0.31 -10.38
N ARG A 144 -1.35 0.54 -11.41
CA ARG A 144 -2.61 0.66 -12.11
C ARG A 144 -2.72 -0.30 -13.30
N ILE A 145 -3.89 -0.91 -13.44
CA ILE A 145 -4.17 -1.83 -14.53
C ILE A 145 -5.51 -1.46 -15.15
N MET A 146 -5.64 -1.72 -16.45
CA MET A 146 -6.90 -1.55 -17.13
C MET A 146 -7.19 -2.81 -17.91
N GLY A 147 -8.39 -3.37 -17.71
CA GLY A 147 -8.81 -4.56 -18.41
C GLY A 147 -10.26 -4.40 -18.84
N LEU A 148 -10.71 -5.30 -19.71
CA LEU A 148 -12.09 -5.23 -20.14
C LEU A 148 -13.01 -5.51 -18.95
N ASP A 149 -13.98 -4.63 -18.76
CA ASP A 149 -14.93 -4.78 -17.66
C ASP A 149 -15.67 -6.11 -17.78
N LEU A 150 -15.88 -6.77 -16.64
CA LEU A 150 -16.51 -8.09 -16.67
C LEU A 150 -17.85 -8.10 -17.41
N PRO A 151 -18.80 -7.19 -17.14
CA PRO A 151 -20.05 -7.21 -17.91
C PRO A 151 -19.85 -6.92 -19.38
N SER A 152 -18.73 -6.30 -19.75
CA SER A 152 -18.43 -6.09 -21.16
C SER A 152 -17.76 -7.30 -21.80
N GLY A 153 -17.38 -8.30 -21.00
CA GLY A 153 -16.76 -9.51 -21.52
C GLY A 153 -15.39 -9.85 -20.94
N GLY A 154 -14.83 -9.01 -20.05
CA GLY A 154 -13.51 -9.30 -19.50
C GLY A 154 -13.58 -10.35 -18.40
N HIS A 155 -12.41 -10.84 -18.01
CA HIS A 155 -12.34 -11.84 -16.95
C HIS A 155 -12.26 -11.21 -15.56
N LEU A 156 -12.69 -12.00 -14.56
CA LEU A 156 -12.47 -11.63 -13.16
C LEU A 156 -11.06 -11.10 -12.91
N THR A 157 -10.05 -11.79 -13.42
CA THR A 157 -8.69 -11.44 -13.05
C THR A 157 -8.19 -10.23 -13.80
N HIS A 158 -9.05 -9.58 -14.56
CA HIS A 158 -8.68 -8.37 -15.28
C HIS A 158 -8.99 -7.10 -14.50
N GLY A 159 -9.08 -7.21 -13.18
CA GLY A 159 -9.31 -6.06 -12.32
C GLY A 159 -10.75 -5.86 -11.88
N TYR A 160 -11.54 -6.91 -11.80
CA TYR A 160 -12.98 -6.74 -11.66
C TYR A 160 -13.37 -6.25 -10.27
N TYR A 161 -14.05 -5.11 -10.23
CA TYR A 161 -14.87 -4.71 -9.10
C TYR A 161 -16.22 -4.27 -9.64
N THR A 162 -17.24 -4.33 -8.81
CA THR A 162 -18.56 -4.13 -9.36
C THR A 162 -18.85 -2.65 -9.56
N SER A 163 -19.92 -2.38 -10.31
CA SER A 163 -20.41 -1.00 -10.43
C SER A 163 -20.80 -0.42 -9.07
N GLY A 164 -21.05 -1.26 -8.08
CA GLY A 164 -21.29 -0.78 -6.74
C GLY A 164 -20.06 -0.60 -5.90
N GLY A 165 -18.88 -0.82 -6.48
CA GLY A 165 -17.64 -0.58 -5.77
C GLY A 165 -17.13 -1.75 -4.96
N LYS A 166 -17.76 -2.92 -5.06
CA LYS A 166 -17.29 -4.07 -4.31
C LYS A 166 -16.13 -4.70 -5.08
N LYS A 167 -14.97 -4.79 -4.43
CA LYS A 167 -13.84 -5.47 -5.03
C LYS A 167 -14.11 -6.96 -5.01
N ILE A 168 -14.13 -7.58 -6.19
CA ILE A 168 -14.49 -8.98 -6.34
C ILE A 168 -13.23 -9.80 -6.56
N SER A 169 -12.47 -9.44 -7.59
CA SER A 169 -11.19 -10.10 -7.83
C SER A 169 -10.10 -9.48 -6.96
N ALA A 170 -9.18 -10.33 -6.50
CA ALA A 170 -8.02 -9.79 -5.80
C ALA A 170 -7.17 -8.92 -6.73
N THR A 171 -7.36 -9.05 -8.04
CA THR A 171 -6.69 -8.16 -8.97
CA THR A 171 -6.64 -8.14 -8.93
C THR A 171 -7.11 -6.71 -8.77
N SER A 172 -8.26 -6.46 -8.13
CA SER A 172 -8.67 -5.08 -7.82
C SER A 172 -8.34 -4.69 -6.40
N ILE A 173 -7.74 -5.59 -5.63
CA ILE A 173 -7.36 -5.34 -4.26
C ILE A 173 -5.88 -5.04 -4.22
N TYR A 174 -5.07 -5.96 -4.74
CA TYR A 174 -3.61 -5.79 -4.71
C TYR A 174 -3.12 -4.84 -5.79
N PHE A 175 -3.94 -4.59 -6.80
CA PHE A 175 -3.63 -3.61 -7.83
C PHE A 175 -4.79 -2.63 -7.94
N GLU A 176 -4.55 -1.53 -8.64
CA GLU A 176 -5.54 -0.48 -8.79
C GLU A 176 -6.14 -0.59 -10.19
N SER A 177 -7.42 -0.95 -10.27
CA SER A 177 -8.06 -1.28 -11.53
C SER A 177 -8.99 -0.18 -12.00
N LEU A 178 -9.01 0.07 -13.31
CA LEU A 178 -10.02 0.91 -13.95
C LEU A 178 -10.40 0.23 -15.27
N PRO A 179 -11.52 -0.45 -15.33
CA PRO A 179 -11.86 -1.21 -16.53
C PRO A 179 -12.27 -0.31 -17.68
N TYR A 180 -12.04 -0.79 -18.90
CA TYR A 180 -12.65 -0.21 -20.09
C TYR A 180 -13.85 -1.07 -20.54
N LYS A 181 -14.73 -0.46 -21.33
CA LYS A 181 -16.02 -1.08 -21.59
C LYS A 181 -16.29 -1.15 -23.08
N VAL A 182 -17.25 -2.00 -23.43
CA VAL A 182 -17.77 -2.01 -24.80
C VAL A 182 -18.74 -0.85 -24.98
N ASN A 183 -18.95 -0.50 -26.25
CA ASN A 183 -20.03 0.39 -26.64
C ASN A 183 -21.36 -0.24 -26.25
N SER A 184 -22.14 0.49 -25.46
CA SER A 184 -23.38 -0.06 -24.92
C SER A 184 -24.41 -0.33 -26.01
N THR A 185 -24.27 0.29 -27.18
CA THR A 185 -25.21 0.09 -28.28
C THR A 185 -24.77 -1.04 -29.20
N THR A 186 -23.47 -1.16 -29.49
CA THR A 186 -23.00 -2.11 -30.48
C THR A 186 -22.40 -3.38 -29.90
N GLY A 187 -21.96 -3.35 -28.64
CA GLY A 187 -21.31 -4.50 -28.03
C GLY A 187 -19.84 -4.62 -28.32
N TYR A 188 -19.30 -3.79 -29.21
CA TYR A 188 -17.89 -3.78 -29.55
C TYR A 188 -17.12 -2.86 -28.61
N ILE A 189 -15.86 -3.22 -28.36
CA ILE A 189 -14.97 -2.39 -27.56
C ILE A 189 -14.93 -0.99 -28.12
N ASP A 190 -15.07 0.00 -27.24
CA ASP A 190 -14.98 1.41 -27.64
C ASP A 190 -13.51 1.81 -27.51
N TYR A 191 -12.77 1.74 -28.61
CA TYR A 191 -11.34 1.96 -28.55
C TYR A 191 -11.00 3.43 -28.30
N ASP A 192 -11.87 4.35 -28.72
CA ASP A 192 -11.65 5.75 -28.39
C ASP A 192 -11.77 5.99 -26.89
N ARG A 193 -12.80 5.43 -26.25
CA ARG A 193 -12.96 5.61 -24.82
C ARG A 193 -11.85 4.91 -24.04
N LEU A 194 -11.43 3.74 -24.50
CA LEU A 194 -10.25 3.08 -23.93
C LEU A 194 -9.05 4.01 -23.92
N GLU A 195 -8.78 4.66 -25.07
CA GLU A 195 -7.66 5.58 -25.16
C GLU A 195 -7.81 6.74 -24.19
N GLU A 196 -8.98 7.38 -24.17
CA GLU A 196 -9.17 8.51 -23.26
C GLU A 196 -8.98 8.10 -21.81
N LYS A 197 -9.56 6.95 -21.42
CA LYS A 197 -9.37 6.43 -20.07
C LYS A 197 -7.91 6.16 -19.78
N ALA A 198 -7.23 5.50 -20.72
CA ALA A 198 -5.81 5.17 -20.50
C ALA A 198 -4.98 6.43 -20.32
N LEU A 199 -5.28 7.48 -21.08
CA LEU A 199 -4.52 8.71 -20.95
C LEU A 199 -4.84 9.43 -19.64
N ASP A 200 -6.04 9.23 -19.08
CA ASP A 200 -6.40 9.90 -17.82
C ASP A 200 -5.87 9.13 -16.61
N PHE A 201 -6.04 7.80 -16.63
CA PHE A 201 -5.70 6.93 -15.52
C PHE A 201 -4.23 6.57 -15.49
N ARG A 202 -3.58 6.55 -16.66
CA ARG A 202 -2.15 6.22 -16.78
C ARG A 202 -1.85 4.85 -16.18
N PRO A 203 -2.41 3.79 -16.74
CA PRO A 203 -2.13 2.45 -16.22
C PRO A 203 -0.70 2.05 -16.52
N LYS A 204 -0.14 1.25 -15.62
CA LYS A 204 1.12 0.59 -15.91
C LYS A 204 0.94 -0.62 -16.81
N LEU A 205 -0.22 -1.25 -16.76
CA LEU A 205 -0.51 -2.43 -17.56
C LEU A 205 -1.90 -2.33 -18.15
N ILE A 206 -2.02 -2.58 -19.45
CA ILE A 206 -3.31 -2.74 -20.11
C ILE A 206 -3.45 -4.20 -20.48
N ILE A 207 -4.61 -4.78 -20.15
CA ILE A 207 -4.92 -6.17 -20.41
C ILE A 207 -5.95 -6.20 -21.51
N CYS A 208 -5.76 -7.10 -22.46
CA CYS A 208 -6.78 -7.39 -23.44
C CYS A 208 -7.01 -8.89 -23.43
N GLY A 209 -8.00 -9.33 -24.21
CA GLY A 209 -8.52 -10.67 -24.08
C GLY A 209 -9.66 -10.71 -23.09
N GLY A 210 -10.49 -11.74 -23.20
CA GLY A 210 -11.60 -11.78 -22.27
C GLY A 210 -12.29 -13.13 -22.28
N SER A 211 -13.41 -13.17 -21.57
CA SER A 211 -14.16 -14.37 -21.27
C SER A 211 -15.48 -14.48 -22.00
N ALA A 212 -16.06 -13.37 -22.42
CA ALA A 212 -17.38 -13.38 -23.04
C ALA A 212 -17.49 -12.36 -24.16
N TYR A 213 -16.36 -11.95 -24.75
CA TYR A 213 -16.39 -11.01 -25.86
C TYR A 213 -16.45 -11.81 -27.16
N PRO A 214 -17.51 -11.70 -27.95
CA PRO A 214 -17.66 -12.57 -29.13
C PRO A 214 -16.93 -12.08 -30.36
N ARG A 215 -16.03 -11.11 -30.25
CA ARG A 215 -15.38 -10.57 -31.42
C ARG A 215 -13.87 -10.66 -31.24
N ASP A 216 -13.16 -10.45 -32.34
CA ASP A 216 -11.71 -10.39 -32.28
C ASP A 216 -11.25 -9.04 -31.74
N TRP A 217 -9.94 -8.96 -31.52
CA TRP A 217 -9.32 -7.84 -30.82
C TRP A 217 -8.40 -7.09 -31.76
N ASP A 218 -8.47 -5.76 -31.73
CA ASP A 218 -7.55 -4.94 -32.50
C ASP A 218 -6.31 -4.71 -31.64
N TYR A 219 -5.42 -5.72 -31.63
CA TYR A 219 -4.22 -5.64 -30.81
C TYR A 219 -3.32 -4.48 -31.23
N LYS A 220 -3.31 -4.16 -32.53
CA LYS A 220 -2.59 -2.97 -33.00
C LYS A 220 -3.07 -1.71 -32.31
N ARG A 221 -4.39 -1.53 -32.20
CA ARG A 221 -4.89 -0.34 -31.52
C ARG A 221 -4.53 -0.37 -30.05
N PHE A 222 -4.61 -1.55 -29.42
CA PHE A 222 -4.17 -1.66 -28.03
C PHE A 222 -2.70 -1.29 -27.89
N ARG A 223 -1.87 -1.69 -28.86
CA ARG A 223 -0.46 -1.32 -28.79
C ARG A 223 -0.27 0.18 -28.97
N GLU A 224 -1.01 0.79 -29.89
CA GLU A 224 -0.96 2.25 -30.04
C GLU A 224 -1.36 2.94 -28.74
N VAL A 225 -2.41 2.46 -28.08
CA VAL A 225 -2.84 3.07 -26.83
C VAL A 225 -1.78 2.87 -25.75
N ALA A 226 -1.30 1.64 -25.60
CA ALA A 226 -0.28 1.34 -24.60
C ALA A 226 0.94 2.23 -24.79
N ASP A 227 1.35 2.45 -26.05
CA ASP A 227 2.51 3.30 -26.32
C ASP A 227 2.24 4.76 -25.99
N LYS A 228 1.00 5.23 -26.18
CA LYS A 228 0.70 6.62 -25.90
C LYS A 228 0.68 6.93 -24.41
N CYS A 229 0.41 5.94 -23.57
CA CYS A 229 0.45 6.17 -22.13
C CYS A 229 1.61 5.45 -21.46
N GLY A 230 2.49 4.81 -22.23
CA GLY A 230 3.66 4.19 -21.65
C GLY A 230 3.39 2.92 -20.89
N ALA A 231 2.31 2.21 -21.23
CA ALA A 231 1.95 1.01 -20.50
C ALA A 231 2.53 -0.24 -21.13
N LEU A 232 2.65 -1.28 -20.31
CA LEU A 232 2.83 -2.61 -20.82
C LEU A 232 1.50 -3.12 -21.36
N LEU A 233 1.58 -4.03 -22.32
CA LEU A 233 0.39 -4.59 -22.94
C LEU A 233 0.39 -6.09 -22.77
N LEU A 234 -0.60 -6.62 -22.05
CA LEU A 234 -0.78 -8.05 -21.87
C LEU A 234 -2.06 -8.50 -22.53
N CYS A 235 -2.01 -9.63 -23.24
CA CYS A 235 -3.21 -10.28 -23.73
C CYS A 235 -3.41 -11.58 -22.96
N ASP A 236 -4.62 -11.75 -22.43
CA ASP A 236 -5.05 -13.02 -21.85
C ASP A 236 -5.91 -13.72 -22.90
N MET A 237 -5.28 -14.66 -23.61
CA MET A 237 -5.88 -15.43 -24.68
C MET A 237 -6.53 -16.75 -24.24
N ALA A 238 -6.83 -16.90 -22.93
CA ALA A 238 -7.34 -18.16 -22.40
C ALA A 238 -8.40 -18.80 -23.31
N HIS A 239 -9.47 -18.07 -23.58
CA HIS A 239 -10.58 -18.68 -24.31
C HIS A 239 -10.18 -19.10 -25.72
N THR A 240 -9.48 -18.24 -26.45
CA THR A 240 -9.26 -18.50 -27.86
C THR A 240 -7.87 -19.04 -28.15
N SER A 241 -7.14 -19.46 -27.13
CA SER A 241 -5.77 -19.94 -27.31
CA SER A 241 -5.78 -19.97 -27.28
C SER A 241 -5.68 -20.98 -28.42
N GLY A 242 -6.64 -21.89 -28.51
CA GLY A 242 -6.60 -22.88 -29.57
C GLY A 242 -6.80 -22.28 -30.93
N LEU A 243 -7.65 -21.25 -31.02
CA LEU A 243 -7.84 -20.57 -32.30
C LEU A 243 -6.60 -19.75 -32.67
N VAL A 244 -5.91 -19.21 -31.66
CA VAL A 244 -4.67 -18.47 -31.92
C VAL A 244 -3.61 -19.40 -32.47
N ALA A 245 -3.40 -20.53 -31.81
CA ALA A 245 -2.40 -21.50 -32.27
C ALA A 245 -2.67 -21.91 -33.71
N ALA A 246 -3.93 -22.20 -34.03
CA ALA A 246 -4.30 -22.58 -35.39
C ALA A 246 -4.30 -21.40 -36.36
N GLN A 247 -3.95 -20.19 -35.91
CA GLN A 247 -3.93 -19.01 -36.76
C GLN A 247 -5.30 -18.75 -37.39
N GLU A 248 -6.35 -18.88 -36.58
CA GLU A 248 -7.72 -18.65 -37.02
C GLU A 248 -8.35 -17.40 -36.42
N VAL A 249 -7.67 -16.74 -35.49
CA VAL A 249 -8.02 -15.40 -35.02
C VAL A 249 -6.73 -14.59 -34.98
N ASN A 250 -6.87 -13.30 -34.70
CA ASN A 250 -5.71 -12.42 -34.65
C ASN A 250 -4.71 -12.92 -33.62
N SER A 251 -3.43 -12.78 -33.93
CA SER A 251 -2.39 -13.19 -33.00
C SER A 251 -2.08 -12.04 -32.05
N PRO A 252 -2.19 -12.22 -30.74
CA PRO A 252 -1.77 -11.16 -29.82
C PRO A 252 -0.25 -10.98 -29.77
N PHE A 253 0.53 -12.01 -30.14
CA PHE A 253 1.98 -11.96 -30.08
C PHE A 253 2.56 -10.89 -30.98
N GLU A 254 1.83 -10.47 -32.00
CA GLU A 254 2.33 -9.43 -32.89
C GLU A 254 2.54 -8.11 -32.14
N TYR A 255 1.74 -7.85 -31.08
CA TYR A 255 1.65 -6.52 -30.49
C TYR A 255 1.79 -6.50 -28.98
N CYS A 256 1.72 -7.63 -28.31
CA CYS A 256 1.66 -7.66 -26.86
C CYS A 256 3.02 -8.04 -26.28
N ASP A 257 3.30 -7.45 -25.11
CA ASP A 257 4.51 -7.75 -24.36
C ASP A 257 4.45 -9.13 -23.74
N ILE A 258 3.30 -9.45 -23.15
CA ILE A 258 3.05 -10.69 -22.42
C ILE A 258 1.74 -11.27 -22.93
N VAL A 259 1.71 -12.59 -23.10
CA VAL A 259 0.48 -13.29 -23.41
C VAL A 259 0.30 -14.40 -22.40
N THR A 260 -0.80 -14.35 -21.68
CA THR A 260 -1.15 -15.40 -20.75
C THR A 260 -2.26 -16.25 -21.36
N THR A 261 -2.40 -17.47 -20.82
CA THR A 261 -3.46 -18.32 -21.32
C THR A 261 -3.73 -19.43 -20.31
N THR A 262 -4.93 -19.98 -20.38
CA THR A 262 -5.17 -21.32 -19.87
C THR A 262 -4.89 -22.31 -20.98
N THR A 263 -4.89 -23.58 -20.61
CA THR A 263 -4.65 -24.60 -21.60
C THR A 263 -5.83 -25.54 -21.77
N HIS A 264 -6.91 -25.38 -20.99
CA HIS A 264 -8.01 -26.33 -21.00
C HIS A 264 -9.23 -25.85 -21.79
N LYS A 265 -9.21 -24.65 -22.34
CA LYS A 265 -10.38 -24.22 -23.09
C LYS A 265 -10.21 -24.62 -24.56
N SER A 266 -10.16 -23.67 -25.49
CA SER A 266 -10.09 -24.09 -26.89
C SER A 266 -8.79 -24.80 -27.21
N LEU A 267 -7.76 -24.63 -26.37
CA LEU A 267 -6.51 -25.36 -26.58
C LEU A 267 -6.65 -26.85 -26.27
N ARG A 268 -7.68 -27.25 -25.53
CA ARG A 268 -8.08 -28.66 -25.38
C ARG A 268 -7.03 -29.49 -24.62
N GLY A 269 -6.38 -28.86 -23.64
CA GLY A 269 -5.40 -29.54 -22.83
C GLY A 269 -5.85 -29.75 -21.40
N PRO A 270 -4.90 -29.99 -20.51
CA PRO A 270 -5.21 -30.04 -19.08
C PRO A 270 -5.53 -28.65 -18.56
N ARG A 271 -5.99 -28.58 -17.32
CA ARG A 271 -6.17 -27.30 -16.67
C ARG A 271 -4.81 -26.83 -16.16
N ALA A 272 -4.32 -25.74 -16.72
CA ALA A 272 -3.02 -25.20 -16.39
C ALA A 272 -2.97 -23.82 -17.02
N GLY A 273 -1.92 -23.08 -16.71
CA GLY A 273 -1.72 -21.80 -17.33
C GLY A 273 -0.33 -21.72 -17.92
N MET A 274 -0.18 -20.79 -18.87
CA MET A 274 1.12 -20.44 -19.40
CA MET A 274 1.11 -20.42 -19.44
C MET A 274 1.25 -18.93 -19.47
N ILE A 275 2.50 -18.48 -19.38
CA ILE A 275 2.83 -17.07 -19.52
C ILE A 275 3.91 -16.98 -20.59
N PHE A 276 3.57 -16.42 -21.74
CA PHE A 276 4.53 -16.08 -22.78
C PHE A 276 5.01 -14.64 -22.56
N TYR A 277 6.27 -14.38 -22.90
CA TYR A 277 6.85 -13.06 -22.71
C TYR A 277 7.89 -12.81 -23.79
N ARG A 278 8.02 -11.55 -24.17
CA ARG A 278 9.01 -11.18 -25.16
C ARG A 278 10.41 -11.31 -24.60
N LYS A 279 11.34 -11.66 -25.49
CA LYS A 279 12.77 -11.72 -25.20
C LYS A 279 13.49 -10.98 -26.30
N GLY A 280 14.72 -10.56 -25.99
CA GLY A 280 15.62 -10.07 -27.01
C GLY A 280 15.45 -8.59 -27.29
N PRO A 281 15.90 -8.15 -28.47
CA PRO A 281 15.93 -6.71 -28.75
C PRO A 281 14.55 -6.07 -28.69
N LYS A 282 14.50 -4.91 -28.05
CA LYS A 282 13.27 -4.14 -27.98
C LYS A 282 13.07 -3.37 -29.29
N PRO A 283 11.82 -3.09 -29.65
CA PRO A 283 11.55 -2.31 -30.86
C PRO A 283 12.02 -0.87 -30.69
N PRO A 284 12.34 -0.19 -31.79
CA PRO A 284 12.90 1.17 -31.68
C PRO A 284 11.93 2.15 -31.05
N LYS A 285 12.46 3.02 -30.19
CA LYS A 285 11.69 4.09 -29.56
C LYS A 285 12.67 5.16 -29.10
N LYS A 286 12.43 6.40 -29.51
CA LYS A 286 13.28 7.50 -29.10
C LYS A 286 13.32 7.60 -27.58
N GLY A 287 14.50 7.93 -27.05
CA GLY A 287 14.73 7.93 -25.63
C GLY A 287 15.18 6.59 -25.08
N GLN A 288 14.76 5.49 -25.72
CA GLN A 288 15.22 4.16 -25.31
C GLN A 288 16.62 3.90 -25.86
N PRO A 289 17.56 3.45 -25.02
CA PRO A 289 18.92 3.19 -25.50
C PRO A 289 18.97 2.21 -26.66
N GLU A 290 20.04 2.31 -27.43
CA GLU A 290 20.39 1.24 -28.34
C GLU A 290 20.76 -0.01 -27.54
N ASN A 291 20.66 -1.16 -28.20
CA ASN A 291 20.95 -2.45 -27.58
C ASN A 291 20.03 -2.75 -26.40
N ALA A 292 18.91 -2.02 -26.27
CA ALA A 292 17.95 -2.33 -25.22
C ALA A 292 17.28 -3.66 -25.49
N VAL A 293 17.19 -4.50 -24.47
CA VAL A 293 16.56 -5.80 -24.61
C VAL A 293 15.44 -5.90 -23.58
N TYR A 294 14.50 -6.79 -23.86
CA TYR A 294 13.41 -7.05 -22.93
C TYR A 294 13.96 -7.67 -21.66
N ASP A 295 13.27 -7.41 -20.54
CA ASP A 295 13.69 -7.89 -19.24
CA ASP A 295 13.70 -7.94 -19.25
C ASP A 295 12.54 -8.60 -18.52
N PHE A 296 11.64 -9.26 -19.26
CA PHE A 296 10.51 -9.93 -18.65
C PHE A 296 10.88 -11.29 -18.06
N GLU A 297 11.78 -12.00 -18.73
CA GLU A 297 11.98 -13.41 -18.44
CA GLU A 297 12.00 -13.41 -18.44
C GLU A 297 12.24 -13.66 -16.96
N ASP A 298 13.28 -13.05 -16.41
CA ASP A 298 13.63 -13.35 -15.02
C ASP A 298 12.52 -12.91 -14.09
N LYS A 299 11.85 -11.80 -14.38
CA LYS A 299 10.79 -11.31 -13.50
C LYS A 299 9.60 -12.25 -13.52
N ILE A 300 9.21 -12.71 -14.71
CA ILE A 300 8.09 -13.64 -14.79
CA ILE A 300 8.10 -13.65 -14.84
C ILE A 300 8.44 -14.97 -14.15
N ASN A 301 9.61 -15.52 -14.45
CA ASN A 301 9.98 -16.78 -13.81
C ASN A 301 9.97 -16.64 -12.30
N PHE A 302 10.57 -15.56 -11.78
CA PHE A 302 10.64 -15.34 -10.34
C PHE A 302 9.25 -15.16 -9.73
N ALA A 303 8.35 -14.45 -10.43
CA ALA A 303 7.01 -14.26 -9.90
C ALA A 303 6.29 -15.59 -9.76
N VAL A 304 6.45 -16.49 -10.72
CA VAL A 304 5.83 -17.80 -10.58
C VAL A 304 6.44 -18.55 -9.40
N PHE A 305 7.76 -18.58 -9.35
CA PHE A 305 8.44 -19.21 -8.23
C PHE A 305 9.80 -18.52 -8.07
N PRO A 306 10.17 -18.11 -6.85
CA PRO A 306 9.53 -18.46 -5.58
C PRO A 306 8.44 -17.51 -5.07
N SER A 307 8.01 -16.51 -5.83
CA SER A 307 7.16 -15.48 -5.25
CA SER A 307 7.16 -15.48 -5.27
C SER A 307 5.77 -16.02 -4.91
N LEU A 308 5.11 -16.70 -5.86
CA LEU A 308 3.71 -17.04 -5.70
C LEU A 308 3.44 -18.53 -5.55
N GLN A 309 4.03 -19.37 -6.38
CA GLN A 309 3.71 -20.78 -6.37
C GLN A 309 4.74 -21.54 -5.54
N GLY A 310 4.45 -22.81 -5.31
CA GLY A 310 5.42 -23.74 -4.76
C GLY A 310 5.83 -24.72 -5.84
N GLY A 311 5.71 -26.01 -5.57
CA GLY A 311 6.12 -27.02 -6.51
C GLY A 311 5.24 -26.99 -7.73
N PRO A 312 5.86 -27.04 -8.91
CA PRO A 312 5.08 -27.28 -10.13
C PRO A 312 4.26 -28.55 -10.01
N HIS A 313 3.14 -28.59 -10.71
CA HIS A 313 2.35 -29.82 -10.86
C HIS A 313 2.81 -30.50 -12.14
N ASN A 314 3.79 -31.39 -11.98
CA ASN A 314 4.46 -31.96 -13.14
C ASN A 314 3.54 -32.85 -13.97
N HIS A 315 2.53 -33.46 -13.35
CA HIS A 315 1.57 -34.23 -14.14
C HIS A 315 0.80 -33.32 -15.09
N GLN A 316 0.47 -32.10 -14.67
CA GLN A 316 -0.19 -31.13 -15.56
CA GLN A 316 -0.21 -31.28 -15.65
C GLN A 316 0.76 -30.65 -16.64
N ILE A 317 2.02 -30.43 -16.27
CA ILE A 317 3.02 -30.02 -17.26
C ILE A 317 3.19 -31.11 -18.33
N GLY A 318 3.34 -32.36 -17.89
CA GLY A 318 3.45 -33.45 -18.84
C GLY A 318 2.21 -33.59 -19.71
N ALA A 319 1.03 -33.50 -19.08
CA ALA A 319 -0.22 -33.52 -19.83
C ALA A 319 -0.28 -32.36 -20.80
N LEU A 320 0.22 -31.20 -20.37
CA LEU A 320 0.24 -30.03 -21.23
C LEU A 320 1.13 -30.25 -22.45
N ALA A 321 2.30 -30.86 -22.26
CA ALA A 321 3.16 -31.16 -23.39
C ALA A 321 2.45 -32.02 -24.43
N VAL A 322 1.67 -33.01 -23.97
CA VAL A 322 0.87 -33.81 -24.90
C VAL A 322 -0.11 -32.94 -25.66
N ALA A 323 -0.85 -32.10 -24.93
CA ALA A 323 -1.88 -31.30 -25.57
C ALA A 323 -1.28 -30.35 -26.59
N LEU A 324 -0.08 -29.84 -26.30
CA LEU A 324 0.56 -28.91 -27.21
C LEU A 324 1.07 -29.63 -28.44
N LYS A 325 1.47 -30.90 -28.30
CA LYS A 325 1.79 -31.67 -29.50
C LYS A 325 0.56 -31.87 -30.35
N GLN A 326 -0.59 -32.18 -29.72
CA GLN A 326 -1.82 -32.38 -30.46
C GLN A 326 -2.29 -31.09 -31.13
N ALA A 327 -2.14 -29.96 -30.45
CA ALA A 327 -2.58 -28.68 -30.99
C ALA A 327 -1.76 -28.25 -32.20
N ALA A 328 -0.53 -28.73 -32.34
CA ALA A 328 0.34 -28.40 -33.45
C ALA A 328 0.12 -29.29 -34.68
N SER A 329 -0.92 -30.08 -34.70
CA SER A 329 -1.16 -31.00 -35.78
C SER A 329 -2.17 -30.44 -36.78
N PRO A 330 -2.20 -30.97 -38.01
CA PRO A 330 -3.11 -30.40 -39.01
C PRO A 330 -4.57 -30.55 -38.67
N GLY A 331 -4.96 -31.67 -38.04
CA GLY A 331 -6.35 -31.83 -37.64
C GLY A 331 -6.81 -30.74 -36.68
N PHE A 332 -5.91 -30.21 -35.87
CA PHE A 332 -6.31 -29.20 -34.89
C PHE A 332 -6.69 -27.89 -35.59
N LYS A 333 -6.00 -27.54 -36.68
CA LYS A 333 -6.40 -26.35 -37.42
C LYS A 333 -7.79 -26.54 -37.99
N ALA A 334 -8.08 -27.72 -38.52
CA ALA A 334 -9.42 -28.02 -39.00
C ALA A 334 -10.42 -27.98 -37.85
N TYR A 335 -10.03 -28.50 -36.69
CA TYR A 335 -10.88 -28.39 -35.50
C TYR A 335 -11.18 -26.93 -35.19
N ALA A 336 -10.15 -26.09 -35.15
CA ALA A 336 -10.36 -24.69 -34.79
C ALA A 336 -11.24 -23.99 -35.80
N LYS A 337 -11.06 -24.30 -37.10
CA LYS A 337 -11.97 -23.78 -38.13
C LYS A 337 -13.40 -24.22 -37.85
N GLN A 338 -13.59 -25.50 -37.53
CA GLN A 338 -14.94 -26.01 -37.29
C GLN A 338 -15.56 -25.34 -36.07
N VAL A 339 -14.77 -25.15 -35.01
CA VAL A 339 -15.26 -24.43 -33.83
C VAL A 339 -15.84 -23.08 -34.23
N LYS A 340 -15.10 -22.31 -35.03
CA LYS A 340 -15.57 -20.98 -35.44
C LYS A 340 -16.82 -21.09 -36.30
N ALA A 341 -16.83 -22.03 -37.25
CA ALA A 341 -17.99 -22.19 -38.14
C ALA A 341 -19.22 -22.65 -37.38
N ASN A 342 -19.04 -23.53 -36.39
CA ASN A 342 -20.15 -23.99 -35.57
C ASN A 342 -20.73 -22.85 -34.74
N ALA A 343 -19.87 -22.06 -34.10
CA ALA A 343 -20.35 -20.91 -33.34
C ALA A 343 -21.13 -19.95 -34.25
N VAL A 344 -20.63 -19.72 -35.45
CA VAL A 344 -21.35 -18.86 -36.38
C VAL A 344 -22.70 -19.46 -36.75
N ALA A 345 -22.70 -20.74 -37.12
CA ALA A 345 -23.95 -21.38 -37.54
C ALA A 345 -24.96 -21.39 -36.41
N LEU A 346 -24.51 -21.67 -35.19
CA LEU A 346 -25.37 -21.53 -34.02
C LEU A 346 -25.87 -20.12 -33.87
N GLY A 347 -24.97 -19.14 -33.97
CA GLY A 347 -25.38 -17.75 -33.85
C GLY A 347 -26.41 -17.36 -34.88
N LYS A 348 -26.18 -17.70 -36.15
CA LYS A 348 -27.16 -17.36 -37.18
C LYS A 348 -28.52 -17.97 -36.87
N TYR A 349 -28.54 -19.21 -36.36
CA TYR A 349 -29.80 -19.86 -36.05
C TYR A 349 -30.58 -19.10 -34.98
N LEU A 350 -29.89 -18.72 -33.90
CA LEU A 350 -30.55 -18.01 -32.81
C LEU A 350 -31.04 -16.64 -33.25
N MET A 351 -30.23 -15.89 -34.00
CA MET A 351 -30.71 -14.61 -34.51
C MET A 351 -31.89 -14.81 -35.44
N GLY A 352 -31.86 -15.88 -36.24
CA GLY A 352 -32.97 -16.17 -37.12
C GLY A 352 -34.27 -16.43 -36.37
N LYS A 353 -34.18 -16.84 -35.11
CA LYS A 353 -35.35 -16.97 -34.27
C LYS A 353 -35.69 -15.66 -33.56
N GLY A 354 -34.93 -14.60 -33.79
CA GLY A 354 -35.19 -13.33 -33.17
C GLY A 354 -34.50 -13.11 -31.85
N TYR A 355 -33.58 -13.99 -31.46
CA TYR A 355 -32.87 -13.78 -30.21
C TYR A 355 -31.81 -12.70 -30.38
N SER A 356 -31.40 -12.14 -29.27
CA SER A 356 -30.54 -10.96 -29.26
C SER A 356 -29.14 -11.38 -28.82
N LEU A 357 -28.22 -11.46 -29.78
CA LEU A 357 -26.83 -11.79 -29.49
C LEU A 357 -26.02 -10.51 -29.41
N VAL A 358 -25.15 -10.43 -28.40
CA VAL A 358 -24.27 -9.28 -28.25
C VAL A 358 -23.37 -9.19 -29.47
N THR A 359 -23.31 -8.00 -30.08
CA THR A 359 -22.69 -7.68 -31.36
C THR A 359 -23.37 -8.38 -32.54
N GLY A 360 -24.46 -9.09 -32.32
CA GLY A 360 -25.17 -9.70 -33.44
C GLY A 360 -24.38 -10.75 -34.18
N GLY A 361 -23.55 -11.50 -33.46
CA GLY A 361 -22.81 -12.59 -34.09
C GLY A 361 -21.57 -12.89 -33.27
N THR A 362 -20.60 -13.54 -33.94
CA THR A 362 -19.35 -13.90 -33.32
C THR A 362 -18.25 -14.03 -34.35
N GLU A 363 -17.02 -13.76 -33.91
CA GLU A 363 -15.83 -14.07 -34.67
C GLU A 363 -14.98 -15.11 -33.96
N ASN A 364 -15.51 -15.76 -32.93
CA ASN A 364 -14.71 -16.77 -32.27
C ASN A 364 -15.56 -17.98 -31.94
N HIS A 365 -15.33 -18.57 -30.78
CA HIS A 365 -15.92 -19.84 -30.41
C HIS A 365 -17.22 -19.69 -29.64
N LEU A 366 -17.61 -18.48 -29.28
CA LEU A 366 -18.72 -18.33 -28.34
C LEU A 366 -19.73 -17.32 -28.88
N VAL A 367 -20.96 -17.43 -28.38
CA VAL A 367 -21.93 -16.35 -28.50
C VAL A 367 -22.38 -15.94 -27.11
N LEU A 368 -22.66 -14.65 -26.97
CA LEU A 368 -23.18 -14.09 -25.73
C LEU A 368 -24.59 -13.64 -26.02
N TRP A 369 -25.53 -14.18 -25.27
CA TRP A 369 -26.95 -14.16 -25.62
C TRP A 369 -27.67 -13.34 -24.55
N ASP A 370 -28.20 -12.20 -24.96
CA ASP A 370 -28.86 -11.28 -24.05
C ASP A 370 -30.32 -11.70 -23.90
N LEU A 371 -30.69 -12.16 -22.70
CA LEU A 371 -32.03 -12.65 -22.44
C LEU A 371 -32.97 -11.58 -21.92
N ARG A 372 -32.46 -10.41 -21.58
CA ARG A 372 -33.31 -9.38 -21.01
C ARG A 372 -34.44 -8.93 -21.94
N PRO A 373 -34.28 -8.88 -23.27
CA PRO A 373 -35.45 -8.59 -24.12
C PRO A 373 -36.57 -9.62 -24.00
N LEU A 374 -36.31 -10.76 -23.38
CA LEU A 374 -37.31 -11.79 -23.14
C LEU A 374 -37.91 -11.72 -21.75
N GLY A 375 -37.41 -10.83 -20.91
CA GLY A 375 -37.82 -10.80 -19.52
C GLY A 375 -37.30 -11.96 -18.71
N LEU A 376 -36.13 -12.49 -19.07
CA LEU A 376 -35.54 -13.64 -18.42
C LEU A 376 -34.16 -13.30 -17.88
N THR A 377 -33.82 -13.91 -16.76
CA THR A 377 -32.45 -13.89 -16.28
C THR A 377 -31.78 -15.24 -16.59
N GLY A 378 -30.45 -15.18 -16.70
CA GLY A 378 -29.68 -16.33 -17.15
C GLY A 378 -29.73 -17.53 -16.22
N ASN A 379 -29.94 -17.30 -14.93
CA ASN A 379 -30.02 -18.43 -14.00
C ASN A 379 -31.21 -19.34 -14.32
N LYS A 380 -32.33 -18.76 -14.73
CA LYS A 380 -33.49 -19.56 -15.09
C LYS A 380 -33.23 -20.41 -16.33
N VAL A 381 -32.59 -19.82 -17.34
CA VAL A 381 -32.24 -20.58 -18.55
C VAL A 381 -31.20 -21.64 -18.22
N GLU A 382 -30.19 -21.28 -17.42
CA GLU A 382 -29.19 -22.27 -17.02
C GLU A 382 -29.83 -23.43 -16.27
N LYS A 383 -30.74 -23.13 -15.34
CA LYS A 383 -31.35 -24.22 -14.56
C LYS A 383 -32.21 -25.11 -15.45
N LEU A 384 -33.07 -24.51 -16.28
CA LEU A 384 -33.94 -25.31 -17.13
C LEU A 384 -33.11 -26.15 -18.11
N CYS A 385 -32.11 -25.53 -18.73
CA CYS A 385 -31.23 -26.27 -19.62
C CYS A 385 -30.59 -27.46 -18.90
N ASP A 386 -30.13 -27.22 -17.67
CA ASP A 386 -29.48 -28.26 -16.88
C ASP A 386 -30.39 -29.48 -16.69
N LEU A 387 -31.68 -29.25 -16.47
CA LEU A 387 -32.62 -30.35 -16.31
C LEU A 387 -32.85 -31.10 -17.60
N CYS A 388 -32.57 -30.46 -18.74
CA CYS A 388 -32.68 -31.02 -20.07
C CYS A 388 -31.36 -31.55 -20.59
N ASN A 389 -30.34 -31.65 -19.72
CA ASN A 389 -29.01 -32.12 -20.10
C ASN A 389 -28.36 -31.17 -21.10
N ILE A 390 -28.71 -29.90 -21.03
CA ILE A 390 -28.10 -28.85 -21.82
C ILE A 390 -27.26 -28.02 -20.86
N THR A 391 -25.94 -28.10 -20.99
CA THR A 391 -25.04 -27.44 -20.04
C THR A 391 -24.58 -26.11 -20.63
N VAL A 392 -25.05 -25.03 -20.03
CA VAL A 392 -24.64 -23.67 -20.39
C VAL A 392 -24.16 -22.97 -19.12
N ASN A 393 -23.83 -21.69 -19.20
CA ASN A 393 -23.75 -20.91 -17.98
C ASN A 393 -24.43 -19.57 -18.20
N LYS A 394 -25.17 -19.15 -17.18
CA LYS A 394 -25.62 -17.77 -17.12
C LYS A 394 -24.40 -16.85 -17.25
N ASN A 395 -24.62 -15.65 -17.77
CA ASN A 395 -23.46 -14.79 -17.95
C ASN A 395 -23.90 -13.34 -17.82
N ALA A 396 -23.09 -12.55 -17.14
CA ALA A 396 -23.33 -11.11 -17.12
C ALA A 396 -23.33 -10.55 -18.54
N VAL A 397 -24.21 -9.58 -18.77
CA VAL A 397 -24.18 -8.77 -19.97
C VAL A 397 -24.07 -7.31 -19.55
N PHE A 398 -23.88 -6.43 -20.51
CA PHE A 398 -23.56 -5.03 -20.21
C PHE A 398 -24.64 -4.41 -19.35
N GLY A 399 -24.23 -3.73 -18.28
CA GLY A 399 -25.16 -3.12 -17.35
C GLY A 399 -25.64 -4.02 -16.24
N ASP A 400 -25.19 -5.27 -16.20
CA ASP A 400 -25.64 -6.20 -15.17
C ASP A 400 -25.04 -5.84 -13.81
N SER A 401 -25.88 -5.86 -12.78
CA SER A 401 -25.40 -5.73 -11.41
C SER A 401 -25.29 -7.08 -10.70
N SER A 402 -25.96 -8.11 -11.20
CA SER A 402 -25.95 -9.43 -10.58
C SER A 402 -25.16 -10.40 -11.45
N ALA A 403 -24.40 -11.28 -10.80
CA ALA A 403 -23.76 -12.39 -11.49
C ALA A 403 -24.48 -13.72 -11.30
N LEU A 404 -25.22 -13.88 -10.19
CA LEU A 404 -25.97 -15.11 -9.99
C LEU A 404 -27.34 -15.07 -10.61
N ALA A 405 -27.84 -13.88 -10.94
CA ALA A 405 -29.09 -13.70 -11.69
C ALA A 405 -28.85 -12.68 -12.79
N PRO A 406 -27.95 -12.96 -13.72
CA PRO A 406 -27.53 -11.97 -14.71
C PRO A 406 -28.51 -11.94 -15.88
N GLY A 407 -28.21 -11.07 -16.84
CA GLY A 407 -29.07 -10.82 -17.97
C GLY A 407 -28.83 -11.70 -19.17
N GLY A 408 -27.85 -12.60 -19.11
CA GLY A 408 -27.45 -13.30 -20.31
C GLY A 408 -27.13 -14.76 -20.04
N VAL A 409 -26.84 -15.44 -21.13
CA VAL A 409 -26.35 -16.81 -21.14
CA VAL A 409 -26.33 -16.81 -21.13
C VAL A 409 -25.27 -16.88 -22.21
N ARG A 410 -24.20 -17.60 -21.94
CA ARG A 410 -23.09 -17.70 -22.86
C ARG A 410 -23.04 -19.13 -23.41
N ILE A 411 -22.89 -19.26 -24.74
CA ILE A 411 -22.83 -20.55 -25.41
C ILE A 411 -21.49 -20.65 -26.15
N GLY A 412 -20.81 -21.78 -26.03
CA GLY A 412 -19.58 -22.00 -26.75
C GLY A 412 -19.57 -23.31 -27.53
N ALA A 413 -18.77 -23.33 -28.59
CA ALA A 413 -18.64 -24.45 -29.52
C ALA A 413 -17.52 -25.45 -29.23
N PRO A 414 -16.43 -25.12 -28.49
CA PRO A 414 -15.31 -26.07 -28.44
C PRO A 414 -15.66 -27.49 -28.03
N ALA A 415 -16.43 -27.66 -26.94
CA ALA A 415 -16.62 -29.01 -26.39
C ALA A 415 -17.37 -29.91 -27.37
N MET A 416 -18.46 -29.41 -27.93
CA MET A 416 -19.24 -30.31 -28.77
C MET A 416 -18.60 -30.48 -30.13
N THR A 417 -17.83 -29.47 -30.57
CA THR A 417 -17.06 -29.65 -31.78
C THR A 417 -16.04 -30.77 -31.63
N SER A 418 -15.46 -30.89 -30.42
CA SER A 418 -14.50 -31.96 -30.16
C SER A 418 -15.13 -33.33 -30.28
N ARG A 419 -16.44 -33.44 -30.06
CA ARG A 419 -17.13 -34.69 -30.30
C ARG A 419 -17.42 -34.92 -31.78
N GLY A 420 -17.01 -34.00 -32.64
CA GLY A 420 -17.18 -34.15 -34.07
C GLY A 420 -18.37 -33.43 -34.67
N LEU A 421 -19.03 -32.56 -33.91
CA LEU A 421 -20.20 -31.89 -34.43
C LEU A 421 -19.82 -30.85 -35.48
N VAL A 422 -20.65 -30.75 -36.52
CA VAL A 422 -20.48 -29.74 -37.56
C VAL A 422 -21.66 -28.76 -37.54
N GLU A 423 -21.75 -27.91 -38.59
CA GLU A 423 -22.67 -26.78 -38.55
C GLU A 423 -24.12 -27.23 -38.41
N LYS A 424 -24.51 -28.23 -39.20
CA LYS A 424 -25.89 -28.71 -39.13
C LYS A 424 -26.21 -29.22 -37.73
N ASP A 425 -25.22 -29.85 -37.08
CA ASP A 425 -25.42 -30.30 -35.70
C ASP A 425 -25.59 -29.11 -34.75
N PHE A 426 -24.82 -28.04 -34.97
CA PHE A 426 -24.99 -26.88 -34.12
C PHE A 426 -26.27 -26.11 -34.43
N GLU A 427 -26.83 -26.28 -35.62
CA GLU A 427 -28.15 -25.72 -35.87
C GLU A 427 -29.22 -26.45 -35.07
N GLN A 428 -29.10 -27.78 -34.95
CA GLN A 428 -29.99 -28.53 -34.07
C GLN A 428 -29.82 -28.11 -32.60
N ILE A 429 -28.56 -27.86 -32.18
CA ILE A 429 -28.32 -27.31 -30.84
C ILE A 429 -29.05 -25.98 -30.68
N GLY A 430 -29.01 -25.14 -31.72
CA GLY A 430 -29.77 -23.90 -31.70
C GLY A 430 -31.25 -24.15 -31.49
N GLU A 431 -31.80 -25.14 -32.19
CA GLU A 431 -33.19 -25.53 -32.00
C GLU A 431 -33.44 -26.06 -30.60
N PHE A 432 -32.50 -26.83 -30.05
CA PHE A 432 -32.70 -27.29 -28.68
C PHE A 432 -32.74 -26.12 -27.71
N LEU A 433 -31.84 -25.14 -27.92
CA LEU A 433 -31.80 -23.94 -27.07
C LEU A 433 -33.05 -23.11 -27.24
N HIS A 434 -33.52 -22.96 -28.49
CA HIS A 434 -34.78 -22.28 -28.73
C HIS A 434 -35.91 -22.94 -27.95
N ARG A 435 -36.02 -24.27 -28.05
CA ARG A 435 -37.02 -24.99 -27.28
C ARG A 435 -36.83 -24.72 -25.79
N ALA A 436 -35.59 -24.73 -25.32
CA ALA A 436 -35.33 -24.57 -23.89
C ALA A 436 -35.70 -23.19 -23.40
N VAL A 437 -35.33 -22.13 -24.15
CA VAL A 437 -35.69 -20.78 -23.73
C VAL A 437 -37.19 -20.54 -23.88
N THR A 438 -37.80 -21.10 -24.94
CA THR A 438 -39.26 -21.10 -25.02
C THR A 438 -39.89 -21.76 -23.79
N LEU A 439 -39.37 -22.92 -23.39
CA LEU A 439 -39.90 -23.60 -22.22
C LEU A 439 -39.71 -22.75 -20.95
N THR A 440 -38.53 -22.15 -20.78
CA THR A 440 -38.29 -21.24 -19.66
C THR A 440 -39.32 -20.12 -19.61
N LEU A 441 -39.65 -19.56 -20.78
CA LEU A 441 -40.68 -18.52 -20.85
C LEU A 441 -42.04 -19.06 -20.44
N GLU A 442 -42.42 -20.23 -20.97
CA GLU A 442 -43.71 -20.81 -20.62
C GLU A 442 -43.81 -21.07 -19.13
N ILE A 443 -42.73 -21.54 -18.52
CA ILE A 443 -42.76 -21.82 -17.08
C ILE A 443 -42.87 -20.53 -16.28
N GLN A 444 -42.12 -19.50 -16.66
CA GLN A 444 -42.19 -18.22 -15.96
C GLN A 444 -43.57 -17.57 -16.11
N LYS A 445 -44.16 -17.67 -17.30
CA LYS A 445 -45.50 -17.15 -17.50
C LYS A 445 -46.51 -17.93 -16.65
N GLU A 446 -46.35 -19.24 -16.57
CA GLU A 446 -47.34 -20.05 -15.87
C GLU A 446 -47.16 -20.00 -14.35
N HIS A 447 -45.92 -19.96 -13.87
CA HIS A 447 -45.66 -20.09 -12.43
C HIS A 447 -45.13 -18.83 -11.77
N GLY A 448 -44.58 -17.89 -12.50
CA GLY A 448 -44.08 -16.66 -11.92
C GLY A 448 -42.58 -16.52 -12.08
N LYS A 449 -42.10 -15.32 -11.72
CA LYS A 449 -40.69 -14.98 -11.88
C LYS A 449 -39.88 -15.12 -10.60
N LEU A 450 -40.52 -15.14 -9.43
CA LEU A 450 -39.78 -15.40 -8.20
C LEU A 450 -39.23 -16.82 -8.23
N LEU A 451 -37.98 -16.98 -7.78
CA LEU A 451 -37.30 -18.26 -7.92
C LEU A 451 -38.08 -19.39 -7.26
N LYS A 452 -38.66 -19.14 -6.09
CA LYS A 452 -39.44 -20.17 -5.42
C LYS A 452 -40.67 -20.56 -6.24
N ASP A 453 -41.26 -19.61 -6.97
CA ASP A 453 -42.40 -19.91 -7.82
C ASP A 453 -41.97 -20.60 -9.10
N PHE A 454 -40.87 -20.12 -9.70
CA PHE A 454 -40.40 -20.68 -10.96
C PHE A 454 -39.95 -22.12 -10.79
N ASN A 455 -39.28 -22.43 -9.67
CA ASN A 455 -38.76 -23.77 -9.45
C ASN A 455 -39.87 -24.81 -9.39
N LYS A 456 -41.02 -24.43 -8.84
CA LYS A 456 -42.14 -25.35 -8.81
C LYS A 456 -42.67 -25.67 -10.20
N GLY A 457 -42.43 -24.79 -11.17
CA GLY A 457 -42.73 -25.08 -12.55
C GLY A 457 -41.80 -26.06 -13.21
N LEU A 458 -40.70 -26.44 -12.54
CA LEU A 458 -39.72 -27.37 -13.06
C LEU A 458 -39.99 -28.82 -12.65
N VAL A 459 -41.09 -29.09 -11.98
CA VAL A 459 -41.41 -30.42 -11.50
C VAL A 459 -42.53 -30.96 -12.38
N ASN A 460 -42.41 -32.24 -12.77
CA ASN A 460 -43.43 -32.93 -13.56
C ASN A 460 -43.82 -32.13 -14.80
N ASN A 461 -42.81 -31.64 -15.51
CA ASN A 461 -43.04 -30.85 -16.72
C ASN A 461 -42.76 -31.76 -17.92
N LYS A 462 -43.81 -32.15 -18.63
CA LYS A 462 -43.64 -33.13 -19.71
C LYS A 462 -42.78 -32.59 -20.84
N ALA A 463 -42.86 -31.28 -21.09
CA ALA A 463 -42.01 -30.68 -22.11
C ALA A 463 -40.54 -30.75 -21.71
N ILE A 464 -40.24 -30.64 -20.41
CA ILE A 464 -38.84 -30.81 -19.99
C ILE A 464 -38.39 -32.23 -20.24
N GLU A 465 -39.21 -33.23 -19.87
CA GLU A 465 -38.81 -34.62 -20.11
C GLU A 465 -38.65 -34.91 -21.59
N ASP A 466 -39.54 -34.37 -22.42
CA ASP A 466 -39.42 -34.58 -23.86
C ASP A 466 -38.14 -33.96 -24.40
N LEU A 467 -37.84 -32.73 -24.00
CA LEU A 467 -36.63 -32.07 -24.48
C LEU A 467 -35.38 -32.78 -23.95
N LYS A 468 -35.38 -33.20 -22.68
CA LYS A 468 -34.27 -33.99 -22.17
C LYS A 468 -34.09 -35.27 -22.98
N ALA A 469 -35.18 -36.00 -23.23
CA ALA A 469 -35.08 -37.22 -24.02
C ALA A 469 -34.50 -36.94 -25.40
N ASP A 470 -34.94 -35.86 -26.05
CA ASP A 470 -34.42 -35.53 -27.38
C ASP A 470 -32.93 -35.20 -27.31
N VAL A 471 -32.51 -34.47 -26.27
CA VAL A 471 -31.12 -34.09 -26.09
C VAL A 471 -30.24 -35.33 -25.95
N GLU A 472 -30.63 -36.27 -25.08
CA GLU A 472 -29.88 -37.50 -24.92
C GLU A 472 -29.79 -38.29 -26.20
N LYS A 473 -30.92 -38.43 -26.91
CA LYS A 473 -30.91 -39.17 -28.17
C LYS A 473 -29.94 -38.55 -29.14
N PHE A 474 -29.98 -37.22 -29.26
CA PHE A 474 -29.05 -36.48 -30.10
C PHE A 474 -27.61 -36.69 -29.64
N SER A 475 -27.37 -36.53 -28.33
CA SER A 475 -26.00 -36.59 -27.82
C SER A 475 -25.41 -37.98 -28.03
N ALA A 476 -26.24 -39.02 -27.93
CA ALA A 476 -25.76 -40.39 -28.09
C ALA A 476 -25.27 -40.68 -29.50
N LEU A 477 -25.56 -39.80 -30.46
CA LEU A 477 -25.17 -40.05 -31.84
C LEU A 477 -23.66 -39.94 -32.04
N PHE A 478 -22.95 -39.26 -31.14
CA PHE A 478 -21.61 -38.77 -31.42
C PHE A 478 -20.55 -39.48 -30.59
N ASP A 479 -19.34 -39.54 -31.15
CA ASP A 479 -18.18 -40.07 -30.45
C ASP A 479 -17.80 -39.18 -29.27
N MET A 480 -16.78 -39.62 -28.53
CA MET A 480 -16.42 -38.94 -27.30
C MET A 480 -14.96 -39.15 -26.97
N PRO A 481 -14.16 -38.09 -26.86
CA PRO A 481 -12.75 -38.23 -26.51
C PRO A 481 -12.56 -38.38 -25.01
N GLY A 482 -11.39 -38.89 -24.65
CA GLY A 482 -10.95 -38.93 -23.27
C GLY A 482 -11.29 -40.21 -22.54
N PHE A 483 -12.37 -40.89 -22.94
CA PHE A 483 -12.70 -42.21 -22.40
C PHE A 483 -13.53 -42.92 -23.44
N LEU A 484 -13.62 -44.23 -23.27
CA LEU A 484 -14.37 -45.10 -24.18
C LEU A 484 -15.80 -45.20 -23.68
N VAL A 485 -16.73 -44.61 -24.43
CA VAL A 485 -18.16 -44.70 -24.10
C VAL A 485 -18.59 -46.17 -24.02
N SER A 486 -18.11 -46.99 -24.96
CA SER A 486 -18.47 -48.41 -24.95
C SER A 486 -18.08 -49.11 -23.66
N GLU A 487 -17.28 -48.47 -22.82
CA GLU A 487 -16.69 -49.12 -21.66
C GLU A 487 -17.22 -48.56 -20.36
N MET A 488 -18.06 -47.52 -20.39
CA MET A 488 -18.43 -46.89 -19.15
C MET A 488 -19.44 -47.73 -18.39
N LYS A 489 -19.55 -47.43 -17.10
CA LYS A 489 -20.42 -48.22 -16.23
C LYS A 489 -21.88 -47.97 -16.56
N TYR A 490 -22.26 -46.72 -16.79
CA TYR A 490 -23.66 -46.36 -16.94
C TYR A 490 -24.01 -46.32 -18.41
N LYS A 491 -24.40 -47.47 -18.94
CA LYS A 491 -24.78 -47.63 -20.33
C LYS A 491 -26.22 -47.17 -20.52
N ASP A 492 -26.60 -46.92 -21.77
CA ASP A 492 -27.94 -46.38 -22.00
C ASP A 492 -28.95 -47.46 -22.36
N HIS B 21 -9.76 -31.53 -43.09
CA HIS B 21 -10.85 -32.26 -42.44
C HIS B 21 -10.53 -32.57 -40.98
N MET B 22 -11.58 -32.58 -40.15
CA MET B 22 -11.44 -32.94 -38.74
C MET B 22 -11.00 -34.39 -38.61
N ASP B 23 -9.92 -34.61 -37.86
CA ASP B 23 -9.53 -35.98 -37.51
C ASP B 23 -10.71 -36.66 -36.84
N PRO B 24 -10.89 -37.97 -37.04
CA PRO B 24 -11.90 -38.69 -36.25
C PRO B 24 -11.57 -38.68 -34.77
N VAL B 25 -12.62 -38.64 -33.95
CA VAL B 25 -12.45 -38.46 -32.52
C VAL B 25 -11.54 -39.55 -31.94
N SER B 26 -11.65 -40.78 -32.44
CA SER B 26 -10.87 -41.87 -31.85
C SER B 26 -9.38 -41.68 -32.07
N VAL B 27 -8.97 -41.10 -33.20
CA VAL B 27 -7.55 -40.99 -33.54
C VAL B 27 -6.82 -40.07 -32.55
N TRP B 28 -7.32 -38.85 -32.37
CA TRP B 28 -6.69 -37.97 -31.41
C TRP B 28 -7.22 -38.17 -29.99
N GLY B 29 -8.50 -38.53 -29.86
CA GLY B 29 -9.15 -38.43 -28.57
C GLY B 29 -9.18 -39.68 -27.71
N ASN B 30 -9.07 -40.86 -28.32
CA ASN B 30 -9.11 -42.10 -27.53
C ASN B 30 -7.84 -42.92 -27.63
N THR B 31 -6.87 -42.49 -28.43
CA THR B 31 -5.65 -43.25 -28.58
C THR B 31 -4.78 -43.10 -27.32
N PRO B 32 -4.16 -44.19 -26.86
CA PRO B 32 -3.35 -44.10 -25.64
C PRO B 32 -2.13 -43.21 -25.85
N LEU B 33 -1.68 -42.65 -24.73
CA LEU B 33 -0.52 -41.75 -24.70
C LEU B 33 0.70 -42.38 -25.37
N ALA B 34 0.94 -43.68 -25.13
CA ALA B 34 2.09 -44.36 -25.71
C ALA B 34 2.13 -44.20 -27.23
N THR B 35 0.96 -44.12 -27.86
CA THR B 35 0.93 -43.89 -29.30
C THR B 35 0.88 -42.40 -29.65
N VAL B 36 0.07 -41.62 -28.96
CA VAL B 36 -0.11 -40.21 -29.33
C VAL B 36 1.17 -39.43 -29.12
N ASP B 37 1.89 -39.72 -28.04
CA ASP B 37 3.05 -38.92 -27.63
C ASP B 37 4.08 -39.86 -27.01
N PRO B 38 4.78 -40.65 -27.83
CA PRO B 38 5.76 -41.60 -27.27
C PRO B 38 6.86 -40.92 -26.47
N GLU B 39 7.26 -39.71 -26.85
CA GLU B 39 8.28 -38.96 -26.11
C GLU B 39 7.88 -38.75 -24.66
N ILE B 40 6.68 -38.20 -24.43
CA ILE B 40 6.22 -37.98 -23.07
C ILE B 40 5.99 -39.31 -22.38
N HIS B 41 5.36 -40.25 -23.07
CA HIS B 41 5.17 -41.58 -22.49
C HIS B 41 6.50 -42.15 -22.02
N ASP B 42 7.51 -42.04 -22.87
CA ASP B 42 8.83 -42.55 -22.53
C ASP B 42 9.44 -41.79 -21.35
N LEU B 43 9.30 -40.46 -21.34
CA LEU B 43 9.82 -39.69 -20.22
C LEU B 43 9.11 -40.06 -18.92
N ILE B 44 7.79 -40.26 -18.97
CA ILE B 44 7.09 -40.70 -17.76
C ILE B 44 7.59 -42.07 -17.31
N GLU B 45 7.86 -42.98 -18.25
CA GLU B 45 8.38 -44.29 -17.87
C GLU B 45 9.75 -44.17 -17.22
N LYS B 46 10.59 -43.25 -17.74
CA LYS B 46 11.90 -43.02 -17.12
C LYS B 46 11.75 -42.49 -15.71
N GLU B 47 10.78 -41.60 -15.48
CA GLU B 47 10.51 -41.07 -14.15
C GLU B 47 9.97 -42.13 -13.22
N LYS B 48 9.11 -43.00 -13.72
CA LYS B 48 8.61 -44.12 -12.93
C LYS B 48 9.74 -45.00 -12.42
N ARG B 49 10.65 -45.39 -13.32
CA ARG B 49 11.82 -46.17 -12.91
C ARG B 49 12.62 -45.43 -11.86
N ARG B 50 12.91 -44.14 -12.11
CA ARG B 50 13.65 -43.33 -11.15
C ARG B 50 13.01 -43.39 -9.76
N GLN B 51 11.69 -43.29 -9.72
CA GLN B 51 11.00 -43.24 -8.43
C GLN B 51 11.13 -44.53 -7.65
N CYS B 52 11.23 -45.67 -8.33
CA CYS B 52 11.28 -46.92 -7.58
C CYS B 52 12.66 -47.57 -7.62
N ARG B 53 13.67 -46.89 -8.15
CA ARG B 53 15.03 -47.41 -8.16
C ARG B 53 16.04 -46.50 -7.48
N GLY B 54 15.58 -45.42 -6.86
CA GLY B 54 16.43 -44.58 -6.04
C GLY B 54 15.97 -44.61 -4.60
N ILE B 55 16.67 -43.84 -3.77
CA ILE B 55 16.23 -43.58 -2.41
C ILE B 55 15.67 -42.17 -2.39
N GLU B 56 14.34 -42.06 -2.27
CA GLU B 56 13.64 -40.78 -2.38
C GLU B 56 13.42 -40.19 -0.99
N LEU B 57 14.20 -39.17 -0.64
CA LEU B 57 14.23 -38.66 0.72
C LEU B 57 13.80 -37.20 0.82
N ILE B 58 13.29 -36.61 -0.26
CA ILE B 58 12.73 -35.27 -0.13
C ILE B 58 11.55 -35.34 0.82
N ALA B 59 11.61 -34.58 1.92
CA ALA B 59 10.64 -34.75 3.02
C ALA B 59 9.23 -34.36 2.62
N SER B 60 9.07 -33.54 1.58
CA SER B 60 7.77 -33.14 1.09
C SER B 60 7.24 -34.03 -0.03
N GLU B 61 7.95 -35.09 -0.37
CA GLU B 61 7.49 -35.97 -1.42
C GLU B 61 6.84 -37.20 -0.80
N ASN B 62 5.92 -37.78 -1.56
CA ASN B 62 5.37 -39.07 -1.17
C ASN B 62 5.09 -39.82 -2.46
N PHE B 63 4.72 -41.08 -2.31
CA PHE B 63 4.26 -41.92 -3.41
C PHE B 63 2.79 -42.21 -3.18
N THR B 64 1.93 -41.61 -3.99
CA THR B 64 0.49 -41.74 -3.74
C THR B 64 -0.03 -43.01 -4.41
N SER B 65 -1.27 -43.34 -4.12
CA SER B 65 -1.81 -44.62 -4.55
C SER B 65 -2.27 -44.57 -6.01
N PHE B 66 -2.35 -45.76 -6.62
CA PHE B 66 -2.92 -45.88 -7.96
C PHE B 66 -4.35 -45.36 -7.99
N ALA B 67 -5.12 -45.58 -6.91
CA ALA B 67 -6.51 -45.16 -6.86
C ALA B 67 -6.62 -43.63 -6.93
N VAL B 68 -5.78 -42.95 -6.19
CA VAL B 68 -5.70 -41.49 -6.29
C VAL B 68 -5.34 -41.08 -7.71
N ILE B 69 -4.35 -41.75 -8.30
CA ILE B 69 -3.89 -41.40 -9.64
C ILE B 69 -4.99 -41.63 -10.67
N GLU B 70 -5.79 -42.68 -10.51
CA GLU B 70 -6.88 -42.93 -11.45
C GLU B 70 -7.93 -41.83 -11.39
N ALA B 71 -8.23 -41.33 -10.19
CA ALA B 71 -9.16 -40.21 -10.10
C ALA B 71 -8.53 -38.94 -10.66
N LEU B 72 -7.23 -38.76 -10.41
CA LEU B 72 -6.52 -37.58 -10.90
C LEU B 72 -6.54 -37.52 -12.42
N GLY B 73 -6.24 -38.63 -13.09
CA GLY B 73 -6.37 -38.66 -14.53
C GLY B 73 -7.74 -39.15 -14.95
N SER B 74 -8.71 -38.25 -14.96
CA SER B 74 -10.08 -38.64 -15.26
C SER B 74 -10.79 -37.48 -15.93
N ALA B 75 -11.99 -37.79 -16.43
CA ALA B 75 -12.83 -36.81 -17.09
C ALA B 75 -13.25 -35.68 -16.18
N LEU B 76 -12.98 -35.76 -14.88
CA LEU B 76 -13.27 -34.64 -14.00
C LEU B 76 -12.51 -33.38 -14.45
N THR B 77 -11.38 -33.56 -15.12
CA THR B 77 -10.63 -32.42 -15.61
C THR B 77 -11.45 -31.55 -16.56
N ASN B 78 -12.54 -32.08 -17.14
CA ASN B 78 -13.24 -31.33 -18.17
C ASN B 78 -14.24 -30.29 -17.64
N LYS B 79 -14.51 -30.25 -16.34
CA LYS B 79 -15.69 -29.53 -15.84
C LYS B 79 -15.33 -28.18 -15.23
N TYR B 80 -16.04 -27.14 -15.65
CA TYR B 80 -16.02 -25.85 -14.96
C TYR B 80 -17.08 -25.85 -13.87
N SER B 81 -16.69 -25.48 -12.65
CA SER B 81 -17.61 -25.57 -11.51
C SER B 81 -17.32 -24.47 -10.48
N GLU B 82 -17.09 -23.25 -10.95
CA GLU B 82 -16.86 -22.18 -9.98
C GLU B 82 -18.08 -22.00 -9.07
N GLY B 83 -17.80 -21.64 -7.83
CA GLY B 83 -18.83 -21.41 -6.84
C GLY B 83 -18.78 -22.48 -5.78
N MET B 84 -19.94 -22.78 -5.21
CA MET B 84 -20.09 -23.75 -4.14
C MET B 84 -21.04 -24.84 -4.59
N PRO B 85 -20.94 -26.03 -4.00
CA PRO B 85 -21.92 -27.07 -4.31
C PRO B 85 -23.32 -26.55 -4.16
N GLY B 86 -24.16 -26.82 -5.17
CA GLY B 86 -25.53 -26.37 -5.19
C GLY B 86 -25.71 -24.90 -5.52
N ASN B 87 -24.62 -24.13 -5.67
CA ASN B 87 -24.72 -22.72 -5.98
C ASN B 87 -23.51 -22.38 -6.84
N ARG B 88 -23.53 -22.87 -8.08
CA ARG B 88 -22.43 -22.76 -9.02
C ARG B 88 -22.72 -21.68 -10.05
N TYR B 89 -21.65 -21.23 -10.70
CA TYR B 89 -21.76 -20.31 -11.81
C TYR B 89 -21.91 -20.98 -13.16
N TYR B 90 -22.04 -22.31 -13.18
CA TYR B 90 -22.17 -23.08 -14.41
C TYR B 90 -23.16 -24.21 -14.17
N GLY B 91 -23.85 -24.63 -15.23
CA GLY B 91 -24.66 -25.81 -15.17
C GLY B 91 -23.83 -27.10 -15.24
N GLY B 92 -24.54 -28.22 -15.05
CA GLY B 92 -23.96 -29.55 -15.22
C GLY B 92 -23.17 -30.08 -14.04
N ASN B 93 -23.32 -29.51 -12.86
CA ASN B 93 -22.43 -29.86 -11.75
C ASN B 93 -23.07 -30.81 -10.73
N GLU B 94 -24.11 -31.54 -11.14
CA GLU B 94 -24.76 -32.49 -10.24
C GLU B 94 -23.76 -33.43 -9.59
N TYR B 95 -22.86 -34.00 -10.38
CA TYR B 95 -21.97 -34.99 -9.78
C TYR B 95 -20.72 -34.34 -9.22
N ILE B 96 -20.18 -33.31 -9.90
CA ILE B 96 -19.06 -32.57 -9.32
C ILE B 96 -19.43 -32.08 -7.92
N ASP B 97 -20.69 -31.67 -7.73
CA ASP B 97 -21.10 -31.18 -6.42
C ASP B 97 -21.02 -32.29 -5.38
N GLN B 98 -21.48 -33.50 -5.73
CA GLN B 98 -21.41 -34.61 -4.79
C GLN B 98 -19.96 -34.99 -4.50
N ILE B 99 -19.09 -34.87 -5.50
CA ILE B 99 -17.68 -35.20 -5.29
C ILE B 99 -17.05 -34.19 -4.33
N GLU B 100 -17.29 -32.89 -4.56
CA GLU B 100 -16.73 -31.87 -3.68
C GLU B 100 -17.30 -31.98 -2.28
N ASN B 101 -18.62 -32.21 -2.18
CA ASN B 101 -19.23 -32.43 -0.87
C ASN B 101 -18.60 -33.64 -0.19
N LEU B 102 -18.41 -34.72 -0.94
CA LEU B 102 -17.81 -35.93 -0.35
C LEU B 102 -16.39 -35.64 0.09
N CYS B 103 -15.63 -34.91 -0.73
CA CYS B 103 -14.28 -34.55 -0.35
C CYS B 103 -14.27 -33.72 0.93
N ARG B 104 -15.11 -32.70 1.01
CA ARG B 104 -15.13 -31.87 2.22
C ARG B 104 -15.48 -32.69 3.45
N SER B 105 -16.50 -33.54 3.35
CA SER B 105 -16.88 -34.33 4.51
CA SER B 105 -16.89 -34.35 4.50
C SER B 105 -15.76 -35.26 4.93
N ARG B 106 -15.08 -35.87 3.95
CA ARG B 106 -13.97 -36.77 4.26
C ARG B 106 -12.80 -36.03 4.88
N ALA B 107 -12.59 -34.79 4.48
CA ALA B 107 -11.52 -33.99 5.06
C ALA B 107 -11.79 -33.73 6.53
N LEU B 108 -13.03 -33.35 6.88
CA LEU B 108 -13.38 -33.22 8.29
C LEU B 108 -13.24 -34.54 9.03
N GLN B 109 -13.65 -35.65 8.41
CA GLN B 109 -13.60 -36.94 9.09
C GLN B 109 -12.16 -37.38 9.30
N ALA B 110 -11.28 -37.08 8.34
CA ALA B 110 -9.91 -37.54 8.42
C ALA B 110 -9.18 -36.87 9.57
N PHE B 111 -9.57 -35.64 9.91
CA PHE B 111 -9.00 -34.95 11.05
C PHE B 111 -9.92 -34.93 12.27
N HIS B 112 -10.96 -35.77 12.27
CA HIS B 112 -11.83 -35.94 13.45
C HIS B 112 -12.39 -34.61 13.92
N LEU B 113 -12.90 -33.82 12.96
CA LEU B 113 -13.41 -32.49 13.24
C LEU B 113 -14.93 -32.48 13.23
N ASP B 114 -15.52 -31.76 14.18
CA ASP B 114 -16.97 -31.61 14.23
C ASP B 114 -17.38 -30.58 13.17
N ALA B 115 -18.29 -30.95 12.26
CA ALA B 115 -18.71 -30.02 11.22
C ALA B 115 -19.38 -28.76 11.78
N GLN B 116 -19.90 -28.83 13.00
CA GLN B 116 -20.48 -27.65 13.63
C GLN B 116 -19.40 -26.67 14.09
N SER B 117 -18.17 -27.14 14.25
CA SER B 117 -17.07 -26.33 14.77
C SER B 117 -16.01 -26.02 13.73
N TRP B 118 -16.00 -26.75 12.62
CA TRP B 118 -14.97 -26.63 11.59
C TRP B 118 -15.62 -26.77 10.22
N GLY B 119 -15.16 -25.94 9.28
CA GLY B 119 -15.43 -26.15 7.88
C GLY B 119 -14.11 -26.26 7.11
N VAL B 120 -14.22 -26.63 5.84
CA VAL B 120 -13.04 -26.82 5.02
C VAL B 120 -13.37 -26.45 3.58
N ASN B 121 -12.45 -25.74 2.96
CA ASN B 121 -12.48 -25.46 1.54
C ASN B 121 -11.41 -26.33 0.88
N VAL B 122 -11.81 -27.16 -0.08
CA VAL B 122 -10.90 -28.09 -0.74
C VAL B 122 -10.56 -27.66 -2.16
N GLN B 123 -10.90 -26.44 -2.53
CA GLN B 123 -10.58 -25.95 -3.86
C GLN B 123 -9.18 -25.39 -4.07
N PRO B 124 -8.37 -25.06 -3.04
CA PRO B 124 -7.04 -24.49 -3.36
C PRO B 124 -6.23 -25.39 -4.28
N TYR B 125 -5.58 -24.76 -5.27
CA TYR B 125 -4.85 -25.55 -6.27
C TYR B 125 -3.65 -26.27 -5.67
N SER B 126 -3.01 -25.67 -4.67
CA SER B 126 -1.83 -26.26 -4.06
C SER B 126 -1.66 -25.59 -2.70
N GLY B 127 -0.54 -25.87 -2.04
CA GLY B 127 -0.35 -25.30 -0.70
C GLY B 127 -0.18 -23.80 -0.74
N SER B 128 0.64 -23.31 -1.66
CA SER B 128 0.89 -21.88 -1.72
C SER B 128 -0.38 -21.11 -2.07
N PRO B 129 -1.21 -21.56 -3.04
CA PRO B 129 -2.53 -20.95 -3.20
C PRO B 129 -3.39 -21.04 -1.95
N ALA B 130 -3.35 -22.14 -1.20
CA ALA B 130 -4.19 -22.23 0.00
C ALA B 130 -3.79 -21.18 1.03
N ASN B 131 -2.48 -20.97 1.19
CA ASN B 131 -2.02 -19.99 2.16
C ASN B 131 -2.36 -18.58 1.72
N PHE B 132 -2.14 -18.27 0.44
CA PHE B 132 -2.40 -16.91 0.00
C PHE B 132 -3.89 -16.56 0.12
N ALA B 133 -4.76 -17.53 -0.18
CA ALA B 133 -6.20 -17.33 0.02
C ALA B 133 -6.55 -17.15 1.50
N ALA B 134 -5.97 -17.96 2.38
CA ALA B 134 -6.24 -17.76 3.80
C ALA B 134 -5.82 -16.36 4.24
N TYR B 135 -4.66 -15.90 3.78
CA TYR B 135 -4.21 -14.56 4.15
C TYR B 135 -5.13 -13.51 3.58
N THR B 136 -5.49 -13.67 2.31
CA THR B 136 -6.39 -12.72 1.64
C THR B 136 -7.73 -12.66 2.34
N ALA B 137 -8.20 -13.79 2.88
CA ALA B 137 -9.49 -13.82 3.55
C ALA B 137 -9.49 -12.95 4.80
N VAL B 138 -8.40 -12.95 5.58
CA VAL B 138 -8.41 -12.31 6.89
C VAL B 138 -7.49 -11.10 6.98
N LEU B 139 -6.72 -10.79 5.95
CA LEU B 139 -5.83 -9.64 5.97
C LEU B 139 -6.16 -8.67 4.85
N ASN B 140 -5.90 -7.39 5.10
CA ASN B 140 -5.78 -6.38 4.07
C ASN B 140 -4.34 -6.30 3.61
N PRO B 141 -4.10 -5.79 2.41
CA PRO B 141 -2.71 -5.59 1.96
C PRO B 141 -1.92 -4.81 3.00
N HIS B 142 -0.68 -5.26 3.22
CA HIS B 142 0.30 -4.67 4.12
C HIS B 142 0.03 -4.98 5.59
N ASP B 143 -1.00 -5.75 5.92
CA ASP B 143 -1.19 -6.18 7.30
C ASP B 143 0.01 -7.03 7.72
N ARG B 144 0.24 -7.06 9.02
CA ARG B 144 1.46 -7.67 9.52
C ARG B 144 1.25 -9.14 9.85
N ILE B 145 2.24 -9.96 9.48
CA ILE B 145 2.19 -11.40 9.72
C ILE B 145 3.52 -11.81 10.32
N MET B 146 3.49 -12.87 11.15
CA MET B 146 4.70 -13.44 11.71
C MET B 146 4.68 -14.92 11.45
N GLY B 147 5.75 -15.42 10.87
CA GLY B 147 5.89 -16.84 10.63
C GLY B 147 7.28 -17.28 11.02
N LEU B 148 7.47 -18.59 11.06
CA LEU B 148 8.80 -19.10 11.39
C LEU B 148 9.76 -18.74 10.26
N ASP B 149 10.89 -18.15 10.63
CA ASP B 149 11.92 -17.76 9.66
C ASP B 149 12.35 -18.96 8.82
N LEU B 150 12.56 -18.75 7.52
CA LEU B 150 12.88 -19.88 6.66
C LEU B 150 14.14 -20.64 7.11
N PRO B 151 15.24 -19.99 7.48
CA PRO B 151 16.37 -20.77 7.99
C PRO B 151 16.09 -21.47 9.31
N SER B 152 15.08 -21.03 10.07
CA SER B 152 14.66 -21.72 11.28
C SER B 152 13.74 -22.89 10.98
N GLY B 153 13.30 -23.04 9.74
CA GLY B 153 12.46 -24.16 9.37
C GLY B 153 11.10 -23.75 8.84
N GLY B 154 10.87 -22.43 8.64
CA GLY B 154 9.58 -21.99 8.16
C GLY B 154 9.48 -22.09 6.65
N HIS B 155 8.27 -21.88 6.12
CA HIS B 155 8.04 -21.99 4.69
C HIS B 155 8.12 -20.63 3.98
N LEU B 156 8.51 -20.68 2.71
CA LEU B 156 8.44 -19.51 1.83
C LEU B 156 7.21 -18.65 2.06
N THR B 157 6.03 -19.26 2.06
CA THR B 157 4.77 -18.52 2.10
C THR B 157 4.44 -17.96 3.46
N HIS B 158 5.29 -18.21 4.44
CA HIS B 158 5.09 -17.65 5.76
C HIS B 158 5.73 -16.30 5.92
N GLY B 159 6.15 -15.68 4.82
CA GLY B 159 6.58 -14.29 4.91
C GLY B 159 8.06 -14.10 4.67
N TYR B 160 8.63 -14.94 3.84
CA TYR B 160 10.07 -14.96 3.63
C TYR B 160 10.58 -13.72 2.89
N TYR B 161 11.42 -12.94 3.58
CA TYR B 161 12.42 -12.11 2.94
C TYR B 161 13.75 -12.51 3.58
N THR B 162 14.83 -12.20 2.87
CA THR B 162 16.11 -12.76 3.28
C THR B 162 16.75 -11.91 4.36
N SER B 163 17.77 -12.49 5.00
CA SER B 163 18.62 -11.69 5.89
C SER B 163 19.30 -10.56 5.15
N GLY B 164 19.31 -10.57 3.82
CA GLY B 164 19.74 -9.44 3.03
C GLY B 164 18.64 -8.48 2.66
N GLY B 165 17.41 -8.74 3.12
CA GLY B 165 16.30 -7.84 2.90
C GLY B 165 15.61 -7.96 1.54
N LYS B 166 15.93 -8.98 0.76
CA LYS B 166 15.23 -9.20 -0.51
C LYS B 166 13.90 -9.89 -0.27
N LYS B 167 12.81 -9.29 -0.76
CA LYS B 167 11.48 -9.89 -0.64
C LYS B 167 11.37 -11.02 -1.64
N ILE B 168 11.29 -12.24 -1.13
CA ILE B 168 11.32 -13.42 -1.98
C ILE B 168 9.88 -13.90 -2.20
N SER B 169 9.18 -14.18 -1.11
CA SER B 169 7.80 -14.62 -1.23
C SER B 169 6.87 -13.43 -1.41
N ALA B 170 5.83 -13.62 -2.21
CA ALA B 170 4.77 -12.63 -2.31
C ALA B 170 4.11 -12.38 -0.97
N THR B 171 4.24 -13.30 -0.02
CA THR B 171 3.68 -13.04 1.30
C THR B 171 4.44 -11.93 2.01
N SER B 172 5.67 -11.61 1.59
CA SER B 172 6.39 -10.51 2.17
C SER B 172 6.29 -9.25 1.32
N ILE B 173 5.62 -9.36 0.18
CA ILE B 173 5.39 -8.22 -0.72
C ILE B 173 4.02 -7.62 -0.48
N TYR B 174 2.99 -8.45 -0.52
CA TYR B 174 1.63 -7.98 -0.32
C TYR B 174 1.27 -7.85 1.16
N PHE B 175 2.05 -8.43 2.05
CA PHE B 175 1.87 -8.27 3.49
C PHE B 175 3.22 -7.90 4.09
N GLU B 176 3.19 -7.45 5.34
CA GLU B 176 4.37 -7.02 6.07
C GLU B 176 4.76 -8.14 7.01
N SER B 177 5.85 -8.82 6.71
CA SER B 177 6.28 -9.99 7.46
CA SER B 177 6.23 -9.98 7.50
C SER B 177 7.40 -9.65 8.43
N LEU B 178 7.40 -10.33 9.58
CA LEU B 178 8.53 -10.32 10.49
C LEU B 178 8.61 -11.74 11.05
N PRO B 179 9.64 -12.48 10.75
CA PRO B 179 9.70 -13.88 11.20
C PRO B 179 10.15 -14.01 12.64
N TYR B 180 9.75 -15.12 13.25
CA TYR B 180 10.33 -15.52 14.52
C TYR B 180 11.27 -16.70 14.26
N LYS B 181 12.15 -16.93 15.22
CA LYS B 181 13.31 -17.78 14.98
C LYS B 181 13.42 -18.86 16.04
N VAL B 182 14.19 -19.89 15.73
CA VAL B 182 14.54 -20.86 16.75
C VAL B 182 15.64 -20.28 17.61
N ASN B 183 15.72 -20.80 18.83
CA ASN B 183 16.86 -20.56 19.69
C ASN B 183 18.10 -21.20 19.06
N SER B 184 19.21 -20.45 19.02
CA SER B 184 20.38 -21.01 18.36
C SER B 184 21.06 -22.10 19.20
N THR B 185 20.80 -22.16 20.51
CA THR B 185 21.40 -23.25 21.28
C THR B 185 20.63 -24.56 21.07
N THR B 186 19.29 -24.51 21.13
CA THR B 186 18.49 -25.73 21.14
C THR B 186 17.94 -26.10 19.78
N GLY B 187 17.83 -25.13 18.87
CA GLY B 187 17.18 -25.37 17.60
C GLY B 187 15.67 -25.41 17.68
N TYR B 188 15.09 -25.30 18.86
CA TYR B 188 13.65 -25.21 19.01
C TYR B 188 13.21 -23.76 18.90
N ILE B 189 11.95 -23.57 18.55
CA ILE B 189 11.34 -22.24 18.62
C ILE B 189 11.59 -21.61 19.99
N ASP B 190 12.00 -20.35 19.99
CA ASP B 190 12.18 -19.64 21.24
C ASP B 190 10.84 -18.95 21.53
N TYR B 191 10.04 -19.51 22.44
CA TYR B 191 8.67 -19.02 22.60
C TYR B 191 8.62 -17.68 23.31
N ASP B 192 9.56 -17.39 24.21
CA ASP B 192 9.59 -16.07 24.82
C ASP B 192 9.98 -14.99 23.81
N ARG B 193 10.92 -15.30 22.91
CA ARG B 193 11.28 -14.33 21.88
C ARG B 193 10.14 -14.15 20.89
N LEU B 194 9.46 -15.24 20.56
CA LEU B 194 8.23 -15.14 19.78
C LEU B 194 7.24 -14.18 20.43
N GLU B 195 6.99 -14.36 21.72
CA GLU B 195 6.03 -13.49 22.40
C GLU B 195 6.50 -12.04 22.35
N GLU B 196 7.77 -11.82 22.66
CA GLU B 196 8.29 -10.45 22.69
C GLU B 196 8.21 -9.80 21.30
N LYS B 197 8.56 -10.55 20.24
CA LYS B 197 8.43 -10.03 18.89
C LYS B 197 6.97 -9.72 18.55
N ALA B 198 6.06 -10.63 18.92
CA ALA B 198 4.64 -10.39 18.65
C ALA B 198 4.14 -9.16 19.37
N LEU B 199 4.59 -8.95 20.60
CA LEU B 199 4.15 -7.77 21.34
C LEU B 199 4.77 -6.49 20.78
N ASP B 200 5.95 -6.58 20.18
CA ASP B 200 6.58 -5.38 19.60
C ASP B 200 5.99 -5.09 18.23
N PHE B 201 5.89 -6.12 17.39
CA PHE B 201 5.50 -5.99 15.99
C PHE B 201 3.99 -5.88 15.82
N ARG B 202 3.24 -6.51 16.74
CA ARG B 202 1.78 -6.54 16.71
C ARG B 202 1.26 -7.11 15.40
N PRO B 203 1.53 -8.37 15.10
CA PRO B 203 1.00 -8.96 13.87
C PRO B 203 -0.51 -9.10 13.96
N LYS B 204 -1.15 -8.99 12.80
CA LYS B 204 -2.55 -9.38 12.68
C LYS B 204 -2.69 -10.89 12.60
N LEU B 205 -1.70 -11.57 12.06
CA LEU B 205 -1.74 -13.01 11.87
C LEU B 205 -0.42 -13.62 12.31
N ILE B 206 -0.47 -14.63 13.17
CA ILE B 206 0.71 -15.43 13.49
C ILE B 206 0.54 -16.77 12.81
N ILE B 207 1.59 -17.19 12.10
CA ILE B 207 1.59 -18.46 11.38
C ILE B 207 2.48 -19.41 12.14
N CYS B 208 2.01 -20.64 12.31
CA CYS B 208 2.85 -21.70 12.84
C CYS B 208 2.78 -22.86 11.86
N GLY B 209 3.58 -23.87 12.13
CA GLY B 209 3.85 -24.87 11.11
C GLY B 209 5.04 -24.50 10.25
N GLY B 210 5.70 -25.52 9.71
CA GLY B 210 6.90 -25.25 8.94
C GLY B 210 7.23 -26.32 7.93
N SER B 211 8.37 -26.10 7.27
CA SER B 211 8.86 -26.99 6.20
C SER B 211 10.07 -27.82 6.60
N ALA B 212 10.83 -27.36 7.59
CA ALA B 212 12.08 -28.04 7.94
C ALA B 212 12.30 -28.00 9.44
N TYR B 213 11.24 -27.83 10.22
CA TYR B 213 11.32 -27.85 11.66
C TYR B 213 11.12 -29.29 12.14
N PRO B 214 12.12 -29.91 12.76
CA PRO B 214 12.01 -31.34 13.08
C PRO B 214 11.30 -31.65 14.40
N ARG B 215 10.57 -30.68 14.97
CA ARG B 215 9.96 -30.90 16.28
C ARG B 215 8.49 -30.54 16.21
N ASP B 216 7.77 -30.89 17.28
CA ASP B 216 6.36 -30.54 17.33
C ASP B 216 6.22 -29.11 17.81
N TRP B 217 4.98 -28.65 17.82
CA TRP B 217 4.65 -27.26 18.09
C TRP B 217 3.81 -27.17 19.35
N ASP B 218 4.11 -26.20 20.20
CA ASP B 218 3.29 -25.91 21.36
C ASP B 218 2.19 -24.95 20.90
N TYR B 219 1.12 -25.54 20.33
CA TYR B 219 0.05 -24.68 19.82
C TYR B 219 -0.64 -23.93 20.94
N LYS B 220 -0.70 -24.52 22.14
CA LYS B 220 -1.26 -23.81 23.28
C LYS B 220 -0.51 -22.53 23.57
N ARG B 221 0.82 -22.59 23.55
CA ARG B 221 1.60 -21.37 23.76
C ARG B 221 1.43 -20.39 22.60
N PHE B 222 1.33 -20.87 21.36
CA PHE B 222 1.03 -19.96 20.25
C PHE B 222 -0.31 -19.26 20.49
N ARG B 223 -1.29 -19.98 21.01
CA ARG B 223 -2.58 -19.35 21.26
C ARG B 223 -2.45 -18.29 22.35
N GLU B 224 -1.70 -18.60 23.41
CA GLU B 224 -1.50 -17.62 24.47
C GLU B 224 -0.83 -16.37 23.92
N VAL B 225 0.13 -16.53 23.01
CA VAL B 225 0.79 -15.37 22.43
C VAL B 225 -0.19 -14.59 21.56
N ALA B 226 -0.91 -15.30 20.69
CA ALA B 226 -1.86 -14.63 19.80
C ALA B 226 -2.92 -13.89 20.58
N ASP B 227 -3.42 -14.49 21.66
CA ASP B 227 -4.41 -13.81 22.48
C ASP B 227 -3.83 -12.57 23.16
N LYS B 228 -2.56 -12.65 23.57
CA LYS B 228 -1.91 -11.52 24.22
C LYS B 228 -1.77 -10.33 23.28
N CYS B 229 -1.50 -10.57 21.99
CA CYS B 229 -1.30 -9.48 21.07
C CYS B 229 -2.48 -9.25 20.15
N GLY B 230 -3.56 -10.04 20.29
CA GLY B 230 -4.76 -9.80 19.51
C GLY B 230 -4.70 -10.34 18.10
N ALA B 231 -3.87 -11.34 17.86
CA ALA B 231 -3.67 -11.85 16.52
C ALA B 231 -4.56 -13.05 16.25
N LEU B 232 -4.89 -13.26 14.98
CA LEU B 232 -5.34 -14.55 14.50
C LEU B 232 -4.17 -15.54 14.49
N LEU B 233 -4.50 -16.82 14.62
CA LEU B 233 -3.49 -17.88 14.69
C LEU B 233 -3.79 -18.93 13.62
N LEU B 234 -2.86 -19.09 12.67
CA LEU B 234 -3.01 -20.01 11.57
C LEU B 234 -1.90 -21.06 11.66
N CYS B 235 -2.27 -22.32 11.52
CA CYS B 235 -1.28 -23.39 11.40
C CYS B 235 -1.24 -23.87 9.96
N ASP B 236 -0.05 -23.91 9.41
CA ASP B 236 0.20 -24.55 8.12
C ASP B 236 0.82 -25.90 8.41
N MET B 237 -0.01 -26.93 8.38
CA MET B 237 0.36 -28.31 8.69
C MET B 237 0.72 -29.14 7.45
N ALA B 238 0.99 -28.48 6.31
CA ALA B 238 1.33 -29.19 5.07
C ALA B 238 2.21 -30.42 5.28
N HIS B 239 3.34 -30.28 5.98
CA HIS B 239 4.31 -31.38 6.01
C HIS B 239 3.81 -32.55 6.85
N THR B 240 3.22 -32.27 8.00
CA THR B 240 2.84 -33.33 8.94
C THR B 240 1.34 -33.63 8.91
N SER B 241 0.63 -33.13 7.89
CA SER B 241 -0.82 -33.29 7.84
CA SER B 241 -0.81 -33.29 7.80
C SER B 241 -1.22 -34.75 8.01
N GLY B 242 -0.48 -35.67 7.40
CA GLY B 242 -0.81 -37.08 7.58
C GLY B 242 -0.61 -37.55 9.02
N LEU B 243 0.44 -37.04 9.67
CA LEU B 243 0.68 -37.39 11.06
C LEU B 243 -0.38 -36.77 11.96
N VAL B 244 -0.84 -35.56 11.63
CA VAL B 244 -1.93 -34.93 12.37
C VAL B 244 -3.21 -35.77 12.26
N ALA B 245 -3.58 -36.14 11.02
CA ALA B 245 -4.78 -36.95 10.82
C ALA B 245 -4.71 -38.24 11.63
N ALA B 246 -3.54 -38.85 11.68
CA ALA B 246 -3.39 -40.10 12.43
C ALA B 246 -3.20 -39.88 13.92
N GLN B 247 -3.29 -38.63 14.39
CA GLN B 247 -3.16 -38.30 15.80
C GLN B 247 -1.81 -38.75 16.36
N GLU B 248 -0.76 -38.59 15.56
CA GLU B 248 0.59 -38.96 15.95
C GLU B 248 1.45 -37.75 16.27
N VAL B 249 0.97 -36.53 16.01
CA VAL B 249 1.60 -35.29 16.43
C VAL B 249 0.52 -34.38 17.01
N ASN B 250 0.93 -33.26 17.60
CA ASN B 250 -0.03 -32.36 18.23
C ASN B 250 -1.03 -31.86 17.20
N SER B 251 -2.29 -31.72 17.64
CA SER B 251 -3.33 -31.23 16.74
C SER B 251 -3.36 -29.71 16.75
N PRO B 252 -3.14 -29.06 15.60
CA PRO B 252 -3.27 -27.59 15.56
C PRO B 252 -4.71 -27.15 15.74
N PHE B 253 -5.68 -28.00 15.42
CA PHE B 253 -7.09 -27.62 15.53
C PHE B 253 -7.48 -27.25 16.96
N GLU B 254 -6.77 -27.77 17.97
CA GLU B 254 -7.15 -27.46 19.34
C GLU B 254 -7.02 -25.97 19.65
N TYR B 255 -6.15 -25.26 18.94
CA TYR B 255 -5.79 -23.91 19.33
C TYR B 255 -5.78 -22.89 18.20
N CYS B 256 -5.75 -23.32 16.93
CA CYS B 256 -5.62 -22.40 15.82
C CYS B 256 -6.98 -22.05 15.23
N ASP B 257 -7.09 -20.80 14.74
CA ASP B 257 -8.30 -20.33 14.07
C ASP B 257 -8.47 -20.96 12.70
N ILE B 258 -7.38 -21.10 11.98
CA ILE B 258 -7.34 -21.57 10.60
C ILE B 258 -6.20 -22.57 10.51
N VAL B 259 -6.44 -23.66 9.78
CA VAL B 259 -5.39 -24.64 9.51
C VAL B 259 -5.35 -24.83 8.01
N THR B 260 -4.21 -24.52 7.39
CA THR B 260 -4.01 -24.80 5.97
C THR B 260 -3.15 -26.04 5.84
N THR B 261 -3.22 -26.64 4.64
CA THR B 261 -2.41 -27.82 4.42
C THR B 261 -2.33 -28.08 2.92
N THR B 262 -1.24 -28.73 2.52
CA THR B 262 -1.23 -29.44 1.27
C THR B 262 -1.73 -30.85 1.51
N THR B 263 -1.96 -31.56 0.42
CA THR B 263 -2.46 -32.91 0.53
C THR B 263 -1.50 -33.94 -0.05
N HIS B 264 -0.37 -33.51 -0.63
CA HIS B 264 0.55 -34.42 -1.30
C HIS B 264 1.77 -34.80 -0.48
N LYS B 265 1.89 -34.30 0.74
CA LYS B 265 3.08 -34.63 1.51
C LYS B 265 2.76 -35.84 2.38
N SER B 266 2.87 -35.72 3.71
CA SER B 266 2.63 -36.90 4.53
C SER B 266 1.18 -37.42 4.42
N LEU B 267 0.23 -36.57 3.99
CA LEU B 267 -1.13 -37.02 3.77
C LEU B 267 -1.25 -37.96 2.58
N ARG B 268 -0.28 -37.95 1.66
CA ARG B 268 -0.15 -38.99 0.64
C ARG B 268 -1.28 -38.93 -0.40
N GLY B 269 -1.73 -37.72 -0.70
CA GLY B 269 -2.75 -37.52 -1.69
C GLY B 269 -2.22 -36.87 -2.96
N PRO B 270 -3.14 -36.33 -3.75
CA PRO B 270 -2.74 -35.52 -4.90
C PRO B 270 -2.17 -34.20 -4.43
N ARG B 271 -1.65 -33.43 -5.40
CA ARG B 271 -1.16 -32.09 -5.09
C ARG B 271 -2.35 -31.15 -5.08
N ALA B 272 -2.64 -30.60 -3.92
CA ALA B 272 -3.78 -29.72 -3.71
C ALA B 272 -3.58 -29.10 -2.34
N GLY B 273 -4.43 -28.15 -2.01
CA GLY B 273 -4.42 -27.56 -0.70
C GLY B 273 -5.82 -27.58 -0.12
N MET B 274 -5.90 -27.24 1.16
CA MET B 274 -7.13 -27.36 1.90
C MET B 274 -7.04 -26.23 2.90
N ILE B 275 -8.15 -25.55 3.20
CA ILE B 275 -8.18 -24.56 4.26
C ILE B 275 -9.26 -24.97 5.24
N PHE B 276 -8.87 -25.26 6.48
CA PHE B 276 -9.83 -25.52 7.55
C PHE B 276 -10.04 -24.24 8.35
N TYR B 277 -11.27 -24.00 8.80
CA TYR B 277 -11.52 -22.77 9.53
C TYR B 277 -12.57 -23.02 10.60
N ARG B 278 -12.44 -22.31 11.70
CA ARG B 278 -13.40 -22.44 12.78
C ARG B 278 -14.77 -21.90 12.37
N LYS B 279 -15.80 -22.54 12.90
CA LYS B 279 -17.18 -22.13 12.76
C LYS B 279 -17.82 -22.15 14.12
N GLY B 280 -18.91 -21.40 14.27
CA GLY B 280 -19.74 -21.48 15.45
C GLY B 280 -19.32 -20.54 16.55
N PRO B 281 -19.80 -20.78 17.77
CA PRO B 281 -19.58 -19.83 18.86
C PRO B 281 -18.10 -19.67 19.14
N LYS B 282 -17.67 -18.43 19.36
CA LYS B 282 -16.31 -18.20 19.80
C LYS B 282 -16.16 -18.59 21.27
N PRO B 283 -14.94 -18.95 21.69
CA PRO B 283 -14.72 -19.18 23.11
C PRO B 283 -14.90 -17.89 23.89
N PRO B 284 -15.26 -17.99 25.17
CA PRO B 284 -15.44 -16.77 25.98
C PRO B 284 -14.18 -15.93 25.99
N LYS B 285 -14.36 -14.62 25.88
CA LYS B 285 -13.25 -13.68 25.90
C LYS B 285 -13.73 -12.38 26.54
N LYS B 286 -13.07 -11.96 27.63
CA LYS B 286 -13.32 -10.65 28.18
C LYS B 286 -12.96 -9.59 27.13
N GLY B 287 -13.96 -8.84 26.68
CA GLY B 287 -13.80 -7.99 25.52
C GLY B 287 -14.32 -8.68 24.29
N GLN B 288 -15.53 -9.24 24.40
CA GLN B 288 -16.19 -9.95 23.30
C GLN B 288 -17.67 -10.11 23.61
N PRO B 289 -18.55 -9.65 22.71
CA PRO B 289 -19.99 -9.86 22.90
C PRO B 289 -20.32 -11.32 23.23
N GLU B 290 -21.39 -11.49 24.00
CA GLU B 290 -21.97 -12.82 24.14
C GLU B 290 -22.58 -13.26 22.82
N ASN B 291 -22.66 -14.58 22.64
CA ASN B 291 -23.21 -15.20 21.43
C ASN B 291 -22.38 -14.87 20.18
N ALA B 292 -21.15 -14.38 20.37
CA ALA B 292 -20.27 -14.11 19.24
C ALA B 292 -19.89 -15.41 18.54
N VAL B 293 -19.91 -15.38 17.20
CA VAL B 293 -19.63 -16.57 16.40
C VAL B 293 -18.51 -16.25 15.43
N TYR B 294 -17.83 -17.31 15.00
CA TYR B 294 -16.74 -17.15 14.05
C TYR B 294 -17.28 -16.69 12.70
N ASP B 295 -16.48 -15.90 12.02
CA ASP B 295 -16.86 -15.25 10.78
C ASP B 295 -15.83 -15.57 9.69
N PHE B 296 -15.23 -16.76 9.73
CA PHE B 296 -14.20 -17.09 8.75
C PHE B 296 -14.76 -17.66 7.45
N GLU B 297 -15.78 -18.50 7.57
CA GLU B 297 -16.24 -19.31 6.44
CA GLU B 297 -16.25 -19.31 6.45
C GLU B 297 -16.44 -18.49 5.18
N ASP B 298 -17.27 -17.45 5.26
CA ASP B 298 -17.58 -16.70 4.03
C ASP B 298 -16.36 -15.98 3.48
N LYS B 299 -15.49 -15.46 4.36
CA LYS B 299 -14.28 -14.78 3.89
C LYS B 299 -13.33 -15.77 3.24
N ILE B 300 -13.13 -16.94 3.84
CA ILE B 300 -12.22 -17.89 3.25
CA ILE B 300 -12.24 -17.93 3.27
C ILE B 300 -12.77 -18.40 1.93
N ASN B 301 -14.06 -18.74 1.88
CA ASN B 301 -14.64 -19.17 0.61
C ASN B 301 -14.48 -18.10 -0.46
N PHE B 302 -14.78 -16.84 -0.11
CA PHE B 302 -14.73 -15.78 -1.10
C PHE B 302 -13.31 -15.51 -1.56
N ALA B 303 -12.34 -15.62 -0.64
CA ALA B 303 -10.95 -15.41 -1.01
C ALA B 303 -10.48 -16.45 -2.00
N VAL B 304 -10.86 -17.72 -1.80
CA VAL B 304 -10.53 -18.74 -2.79
C VAL B 304 -11.19 -18.41 -4.12
N PHE B 305 -12.48 -18.13 -4.11
CA PHE B 305 -13.18 -17.82 -5.32
C PHE B 305 -14.36 -16.93 -4.93
N PRO B 306 -14.55 -15.79 -5.59
CA PRO B 306 -13.90 -15.34 -6.83
C PRO B 306 -12.64 -14.49 -6.69
N SER B 307 -12.07 -14.34 -5.50
CA SER B 307 -10.99 -13.36 -5.35
CA SER B 307 -10.98 -13.37 -5.34
C SER B 307 -9.72 -13.81 -6.07
N LEU B 308 -9.29 -15.05 -5.86
CA LEU B 308 -7.98 -15.49 -6.29
C LEU B 308 -8.01 -16.55 -7.37
N GLN B 309 -8.76 -17.63 -7.16
CA GLN B 309 -8.72 -18.73 -8.11
C GLN B 309 -9.82 -18.58 -9.17
N GLY B 310 -9.77 -19.47 -10.16
CA GLY B 310 -10.83 -19.61 -11.14
C GLY B 310 -11.56 -20.93 -10.92
N GLY B 311 -11.67 -21.76 -11.95
CA GLY B 311 -12.38 -23.00 -11.81
C GLY B 311 -11.59 -23.95 -10.95
N PRO B 312 -12.27 -24.64 -10.03
CA PRO B 312 -11.62 -25.72 -9.28
C PRO B 312 -11.10 -26.79 -10.23
N HIS B 313 -10.06 -27.48 -9.79
CA HIS B 313 -9.52 -28.59 -10.56
C HIS B 313 -10.21 -29.83 -10.03
N ASN B 314 -11.29 -30.24 -10.68
CA ASN B 314 -12.15 -31.24 -10.04
C ASN B 314 -11.51 -32.61 -10.03
N HIS B 315 -10.59 -32.90 -10.96
CA HIS B 315 -9.86 -34.16 -10.89
C HIS B 315 -9.00 -34.21 -9.64
N GLN B 316 -8.45 -33.08 -9.20
CA GLN B 316 -7.68 -33.01 -7.96
CA GLN B 316 -7.68 -33.14 -7.97
C GLN B 316 -8.59 -33.23 -6.76
N ILE B 317 -9.79 -32.64 -6.80
CA ILE B 317 -10.72 -32.77 -5.70
C ILE B 317 -11.20 -34.21 -5.59
N GLY B 318 -11.51 -34.85 -6.72
CA GLY B 318 -11.85 -36.26 -6.70
C GLY B 318 -10.71 -37.11 -6.17
N ALA B 319 -9.49 -36.86 -6.65
CA ALA B 319 -8.34 -37.62 -6.17
C ALA B 319 -8.13 -37.38 -4.68
N LEU B 320 -8.38 -36.15 -4.24
CA LEU B 320 -8.23 -35.81 -2.83
C LEU B 320 -9.26 -36.54 -1.99
N ALA B 321 -10.48 -36.66 -2.49
CA ALA B 321 -11.48 -37.44 -1.76
C ALA B 321 -11.00 -38.88 -1.55
N VAL B 322 -10.39 -39.47 -2.58
CA VAL B 322 -9.85 -40.82 -2.44
C VAL B 322 -8.79 -40.86 -1.37
N ALA B 323 -7.85 -39.90 -1.43
CA ALA B 323 -6.75 -39.89 -0.48
C ALA B 323 -7.26 -39.71 0.93
N LEU B 324 -8.31 -38.90 1.10
CA LEU B 324 -8.83 -38.66 2.45
C LEU B 324 -9.51 -39.90 2.99
N LYS B 325 -10.18 -40.66 2.13
CA LYS B 325 -10.71 -41.94 2.57
C LYS B 325 -9.58 -42.88 2.99
N GLN B 326 -8.50 -42.93 2.19
CA GLN B 326 -7.38 -43.79 2.55
C GLN B 326 -6.71 -43.33 3.85
N ALA B 327 -6.62 -42.02 4.06
CA ALA B 327 -5.96 -41.49 5.26
C ALA B 327 -6.72 -41.82 6.53
N ALA B 328 -8.02 -42.05 6.45
CA ALA B 328 -8.82 -42.31 7.63
C ALA B 328 -8.88 -43.78 7.99
N SER B 329 -8.00 -44.59 7.41
CA SER B 329 -8.04 -46.03 7.60
C SER B 329 -7.06 -46.46 8.68
N PRO B 330 -7.31 -47.61 9.32
CA PRO B 330 -6.37 -48.08 10.33
C PRO B 330 -4.97 -48.26 9.81
N GLY B 331 -4.83 -48.76 8.58
CA GLY B 331 -3.51 -48.89 8.00
C GLY B 331 -2.77 -47.57 7.93
N PHE B 332 -3.50 -46.46 7.74
CA PHE B 332 -2.79 -45.19 7.61
C PHE B 332 -2.23 -44.72 8.94
N LYS B 333 -2.91 -45.00 10.06
CA LYS B 333 -2.31 -44.72 11.36
C LYS B 333 -1.00 -45.49 11.53
N ALA B 334 -0.99 -46.77 11.15
CA ALA B 334 0.24 -47.54 11.27
C ALA B 334 1.33 -46.94 10.38
N TYR B 335 0.94 -46.43 9.21
CA TYR B 335 1.89 -45.79 8.32
C TYR B 335 2.49 -44.56 8.97
N ALA B 336 1.64 -43.69 9.54
CA ALA B 336 2.12 -42.49 10.20
C ALA B 336 3.05 -42.82 11.36
N LYS B 337 2.68 -43.81 12.20
CA LYS B 337 3.60 -44.23 13.24
C LYS B 337 4.92 -44.68 12.64
N GLN B 338 4.87 -45.42 11.54
CA GLN B 338 6.10 -45.91 10.94
C GLN B 338 6.94 -44.78 10.39
N VAL B 339 6.31 -43.77 9.77
CA VAL B 339 7.07 -42.62 9.27
C VAL B 339 7.88 -42.02 10.39
N LYS B 340 7.26 -41.83 11.55
CA LYS B 340 7.97 -41.20 12.66
C LYS B 340 9.07 -42.11 13.18
N ALA B 341 8.78 -43.42 13.29
CA ALA B 341 9.80 -44.34 13.80
C ALA B 341 10.98 -44.41 12.85
N ASN B 342 10.70 -44.37 11.54
CA ASN B 342 11.78 -44.41 10.55
C ASN B 342 12.63 -43.16 10.61
N ALA B 343 12.00 -42.00 10.76
CA ALA B 343 12.75 -40.76 10.87
C ALA B 343 13.66 -40.77 12.09
N VAL B 344 13.13 -41.23 13.23
CA VAL B 344 13.95 -41.33 14.44
C VAL B 344 15.11 -42.29 14.21
N ALA B 345 14.83 -43.48 13.66
CA ALA B 345 15.88 -44.47 13.46
C ALA B 345 16.97 -43.93 12.54
N LEU B 346 16.58 -43.25 11.47
CA LEU B 346 17.56 -42.63 10.58
C LEU B 346 18.37 -41.58 11.31
N GLY B 347 17.69 -40.72 12.06
CA GLY B 347 18.36 -39.69 12.81
C GLY B 347 19.36 -40.26 13.80
N LYS B 348 18.95 -41.31 14.53
CA LYS B 348 19.87 -41.90 15.52
C LYS B 348 21.08 -42.51 14.83
N TYR B 349 20.87 -43.13 13.66
CA TYR B 349 21.98 -43.71 12.92
C TYR B 349 22.96 -42.64 12.47
N LEU B 350 22.45 -41.54 11.93
CA LEU B 350 23.35 -40.47 11.49
C LEU B 350 24.08 -39.85 12.66
N MET B 351 23.36 -39.68 13.76
CA MET B 351 23.88 -39.02 14.94
C MET B 351 24.93 -39.92 15.59
N GLY B 352 24.75 -41.23 15.46
CA GLY B 352 25.75 -42.19 15.90
C GLY B 352 27.03 -42.16 15.09
N LYS B 353 26.98 -41.67 13.86
CA LYS B 353 28.17 -41.53 13.03
C LYS B 353 28.89 -40.20 13.27
N GLY B 354 28.35 -39.35 14.14
CA GLY B 354 28.96 -38.07 14.44
C GLY B 354 28.36 -36.89 13.73
N TYR B 355 27.26 -37.07 12.99
CA TYR B 355 26.68 -35.95 12.26
C TYR B 355 25.82 -35.09 13.17
N SER B 356 25.58 -33.87 12.72
CA SER B 356 24.87 -32.85 13.49
C SER B 356 23.47 -32.70 12.94
N LEU B 357 22.48 -33.04 13.77
CA LEU B 357 21.07 -32.84 13.44
C LEU B 357 20.53 -31.66 14.23
N VAL B 358 19.79 -30.78 13.57
CA VAL B 358 19.21 -29.65 14.28
C VAL B 358 18.22 -30.17 15.31
N THR B 359 18.30 -29.66 16.54
CA THR B 359 17.58 -30.08 17.75
C THR B 359 18.03 -31.44 18.27
N GLY B 360 18.97 -32.13 17.61
CA GLY B 360 19.46 -33.40 18.10
C GLY B 360 18.52 -34.57 17.87
N GLY B 361 17.58 -34.46 16.96
CA GLY B 361 16.69 -35.57 16.67
C GLY B 361 15.47 -35.06 15.93
N THR B 362 14.38 -35.82 16.07
CA THR B 362 13.13 -35.44 15.41
C THR B 362 11.95 -36.00 16.20
N GLU B 363 10.82 -35.29 16.09
CA GLU B 363 9.52 -35.72 16.55
C GLU B 363 8.53 -35.84 15.39
N ASN B 364 9.01 -35.73 14.16
CA ASN B 364 8.07 -35.88 13.07
C ASN B 364 8.67 -36.74 11.96
N HIS B 365 8.45 -36.36 10.72
CA HIS B 365 8.81 -37.17 9.58
C HIS B 365 10.17 -36.82 9.00
N LEU B 366 10.85 -35.80 9.50
CA LEU B 366 12.07 -35.36 8.83
C LEU B 366 13.18 -35.12 9.83
N VAL B 367 14.40 -35.06 9.30
CA VAL B 367 15.54 -34.58 10.06
C VAL B 367 16.18 -33.49 9.24
N LEU B 368 16.72 -32.51 9.95
CA LEU B 368 17.42 -31.39 9.34
C LEU B 368 18.88 -31.55 9.74
N TRP B 369 19.72 -31.80 8.75
CA TRP B 369 21.11 -32.21 8.96
C TRP B 369 22.02 -31.02 8.66
N ASP B 370 22.73 -30.55 9.69
CA ASP B 370 23.62 -29.40 9.56
C ASP B 370 24.98 -29.91 9.09
N LEU B 371 25.35 -29.54 7.86
CA LEU B 371 26.60 -30.01 7.25
C LEU B 371 27.77 -29.07 7.49
N ARG B 372 27.53 -27.90 8.06
CA ARG B 372 28.62 -26.95 8.24
C ARG B 372 29.74 -27.46 9.13
N PRO B 373 29.50 -28.25 10.19
CA PRO B 373 30.64 -28.82 10.93
C PRO B 373 31.57 -29.67 10.08
N LEU B 374 31.10 -30.17 8.94
CA LEU B 374 31.92 -30.97 8.04
C LEU B 374 32.63 -30.13 6.99
N GLY B 375 32.39 -28.83 6.96
CA GLY B 375 32.93 -28.01 5.88
C GLY B 375 32.22 -28.21 4.56
N LEU B 376 30.95 -28.60 4.59
CA LEU B 376 30.19 -28.88 3.37
C LEU B 376 28.98 -27.97 3.29
N THR B 377 28.57 -27.65 2.06
CA THR B 377 27.30 -26.99 1.81
C THR B 377 26.33 -27.98 1.16
N GLY B 378 25.03 -27.72 1.37
CA GLY B 378 24.03 -28.70 0.99
C GLY B 378 23.97 -28.98 -0.48
N ASN B 379 24.34 -28.01 -1.33
CA ASN B 379 24.30 -28.24 -2.77
C ASN B 379 25.26 -29.33 -3.16
N LYS B 380 26.44 -29.36 -2.56
CA LYS B 380 27.41 -30.41 -2.86
C LYS B 380 26.85 -31.76 -2.50
N VAL B 381 26.34 -31.92 -1.27
CA VAL B 381 25.73 -33.18 -0.87
C VAL B 381 24.55 -33.51 -1.76
N GLU B 382 23.66 -32.55 -1.99
CA GLU B 382 22.50 -32.81 -2.84
C GLU B 382 22.92 -33.28 -4.23
N LYS B 383 23.93 -32.63 -4.82
CA LYS B 383 24.36 -32.99 -6.17
C LYS B 383 25.00 -34.37 -6.18
N LEU B 384 25.94 -34.62 -5.26
CA LEU B 384 26.55 -35.95 -5.18
C LEU B 384 25.48 -37.01 -4.97
N CYS B 385 24.60 -36.81 -3.99
CA CYS B 385 23.50 -37.75 -3.77
C CYS B 385 22.70 -37.97 -5.04
N ASP B 386 22.37 -36.88 -5.74
CA ASP B 386 21.58 -36.98 -6.97
C ASP B 386 22.25 -37.87 -8.01
N LEU B 387 23.58 -37.74 -8.18
CA LEU B 387 24.30 -38.62 -9.10
C LEU B 387 24.25 -40.07 -8.65
N CYS B 388 23.97 -40.31 -7.36
CA CYS B 388 23.87 -41.65 -6.82
C CYS B 388 22.43 -42.13 -6.69
N ASN B 389 21.49 -41.42 -7.31
CA ASN B 389 20.07 -41.75 -7.22
C ASN B 389 19.58 -41.67 -5.77
N ILE B 390 20.21 -40.83 -4.96
CA ILE B 390 19.72 -40.51 -3.63
C ILE B 390 19.11 -39.12 -3.72
N THR B 391 17.81 -39.03 -3.50
CA THR B 391 17.09 -37.80 -3.76
C THR B 391 16.87 -37.05 -2.45
N VAL B 392 17.61 -35.97 -2.28
CA VAL B 392 17.47 -35.12 -1.11
C VAL B 392 17.30 -33.70 -1.61
N ASN B 393 17.20 -32.77 -0.69
CA ASN B 393 17.34 -31.39 -1.09
C ASN B 393 18.20 -30.68 -0.06
N LYS B 394 19.14 -29.87 -0.58
CA LYS B 394 19.82 -28.90 0.24
C LYS B 394 18.79 -28.07 1.01
N ASN B 395 19.18 -27.60 2.18
CA ASN B 395 18.21 -26.90 3.00
C ASN B 395 18.91 -25.86 3.85
N ALA B 396 18.31 -24.69 3.93
CA ALA B 396 18.86 -23.67 4.81
C ALA B 396 18.79 -24.15 6.25
N VAL B 397 19.80 -23.80 7.04
CA VAL B 397 19.75 -24.01 8.48
C VAL B 397 19.95 -22.66 9.12
N PHE B 398 19.91 -22.61 10.46
CA PHE B 398 19.97 -21.33 11.15
C PHE B 398 21.28 -20.61 10.84
N GLY B 399 21.15 -19.38 10.34
CA GLY B 399 22.29 -18.55 9.97
C GLY B 399 22.50 -18.41 8.47
N ASP B 400 21.84 -19.23 7.67
CA ASP B 400 22.15 -19.30 6.24
C ASP B 400 21.71 -18.04 5.52
N SER B 401 22.59 -17.58 4.61
CA SER B 401 22.31 -16.46 3.73
C SER B 401 22.35 -16.88 2.27
N SER B 402 22.05 -18.15 2.00
CA SER B 402 22.03 -18.67 0.64
C SER B 402 21.10 -19.87 0.59
N ALA B 403 20.27 -19.93 -0.45
CA ALA B 403 19.33 -21.03 -0.63
C ALA B 403 19.83 -22.08 -1.60
N LEU B 404 20.57 -21.67 -2.62
CA LEU B 404 21.16 -22.58 -3.57
C LEU B 404 22.51 -23.10 -3.10
N ALA B 405 23.11 -22.47 -2.09
CA ALA B 405 24.32 -22.97 -1.45
C ALA B 405 24.17 -22.88 0.07
N PRO B 406 23.20 -23.61 0.65
CA PRO B 406 22.97 -23.55 2.10
C PRO B 406 23.83 -24.52 2.90
N GLY B 407 23.70 -24.48 4.22
CA GLY B 407 24.56 -25.25 5.09
C GLY B 407 24.01 -26.59 5.53
N GLY B 408 22.83 -26.97 5.06
CA GLY B 408 22.21 -28.18 5.55
C GLY B 408 21.63 -29.02 4.43
N VAL B 409 21.20 -30.22 4.82
CA VAL B 409 20.37 -31.07 3.98
C VAL B 409 19.17 -31.53 4.81
N ARG B 410 18.01 -31.58 4.18
CA ARG B 410 16.81 -32.08 4.82
C ARG B 410 16.52 -33.48 4.28
N ILE B 411 16.18 -34.40 5.18
CA ILE B 411 15.88 -35.79 4.85
C ILE B 411 14.51 -36.13 5.44
N GLY B 412 13.66 -36.78 4.66
CA GLY B 412 12.34 -37.14 5.15
C GLY B 412 12.02 -38.61 4.90
N ALA B 413 11.19 -39.14 5.77
CA ALA B 413 10.81 -40.55 5.76
C ALA B 413 9.51 -40.90 5.00
N PRO B 414 8.59 -39.98 4.67
CA PRO B 414 7.30 -40.44 4.14
C PRO B 414 7.37 -41.28 2.87
N ALA B 415 8.17 -40.88 1.86
CA ALA B 415 8.10 -41.57 0.58
C ALA B 415 8.64 -42.99 0.69
N MET B 416 9.80 -43.16 1.33
CA MET B 416 10.32 -44.54 1.41
C MET B 416 9.53 -45.38 2.41
N THR B 417 8.99 -44.77 3.47
CA THR B 417 8.07 -45.54 4.31
C THR B 417 6.88 -46.04 3.50
N SER B 418 6.42 -45.26 2.51
CA SER B 418 5.27 -45.69 1.73
C SER B 418 5.58 -46.90 0.86
N ARG B 419 6.85 -47.09 0.52
CA ARG B 419 7.26 -48.30 -0.15
C ARG B 419 7.43 -49.47 0.79
N GLY B 420 7.12 -49.30 2.07
CA GLY B 420 7.17 -50.39 3.01
C GLY B 420 8.43 -50.48 3.84
N LEU B 421 9.32 -49.50 3.76
CA LEU B 421 10.55 -49.57 4.55
C LEU B 421 10.27 -49.40 6.04
N VAL B 422 11.04 -50.13 6.86
CA VAL B 422 10.90 -50.06 8.30
C VAL B 422 12.22 -49.58 8.89
N GLU B 423 12.40 -49.67 10.21
CA GLU B 423 13.50 -48.92 10.82
C GLU B 423 14.85 -49.42 10.34
N LYS B 424 15.01 -50.74 10.26
CA LYS B 424 16.29 -51.28 9.83
C LYS B 424 16.60 -50.87 8.41
N ASP B 425 15.58 -50.74 7.58
CA ASP B 425 15.79 -50.22 6.23
C ASP B 425 16.22 -48.78 6.28
N PHE B 426 15.67 -48.01 7.21
CA PHE B 426 16.10 -46.62 7.30
C PHE B 426 17.48 -46.51 7.93
N GLU B 427 17.92 -47.53 8.67
CA GLU B 427 19.31 -47.51 9.09
C GLU B 427 20.23 -47.77 7.90
N GLN B 428 19.78 -48.62 6.96
CA GLN B 428 20.54 -48.79 5.72
C GLN B 428 20.61 -47.51 4.92
N ILE B 429 19.50 -46.78 4.81
CA ILE B 429 19.49 -45.48 4.17
C ILE B 429 20.50 -44.56 4.85
N GLY B 430 20.52 -44.59 6.19
CA GLY B 430 21.50 -43.81 6.92
C GLY B 430 22.92 -44.15 6.50
N GLU B 431 23.20 -45.44 6.29
CA GLU B 431 24.54 -45.82 5.86
C GLU B 431 24.81 -45.33 4.45
N PHE B 432 23.78 -45.34 3.58
CA PHE B 432 23.99 -44.83 2.22
C PHE B 432 24.31 -43.35 2.24
N LEU B 433 23.62 -42.60 3.09
CA LEU B 433 23.90 -41.18 3.24
C LEU B 433 25.28 -40.95 3.84
N HIS B 434 25.65 -41.80 4.79
CA HIS B 434 27.00 -41.76 5.34
C HIS B 434 28.04 -42.00 4.24
N ARG B 435 27.82 -42.99 3.39
CA ARG B 435 28.72 -43.15 2.25
C ARG B 435 28.70 -41.92 1.36
N ALA B 436 27.51 -41.39 1.06
CA ALA B 436 27.39 -40.24 0.18
C ALA B 436 28.17 -39.05 0.71
N VAL B 437 27.96 -38.71 1.99
CA VAL B 437 28.64 -37.55 2.55
C VAL B 437 30.15 -37.80 2.65
N THR B 438 30.55 -39.04 2.97
CA THR B 438 31.97 -39.38 3.01
C THR B 438 32.61 -39.19 1.64
N LEU B 439 31.95 -39.67 0.59
CA LEU B 439 32.45 -39.44 -0.76
C LEU B 439 32.47 -37.95 -1.09
N THR B 440 31.43 -37.22 -0.67
CA THR B 440 31.42 -35.77 -0.90
C THR B 440 32.64 -35.11 -0.26
N LEU B 441 32.97 -35.51 0.97
CA LEU B 441 34.21 -35.05 1.63
C LEU B 441 35.44 -35.39 0.80
N GLU B 442 35.50 -36.61 0.27
CA GLU B 442 36.70 -37.05 -0.43
C GLU B 442 36.87 -36.32 -1.76
N ILE B 443 35.77 -36.06 -2.47
CA ILE B 443 35.86 -35.23 -3.68
C ILE B 443 36.36 -33.85 -3.32
N GLN B 444 35.71 -33.21 -2.34
CA GLN B 444 36.15 -31.88 -1.91
C GLN B 444 37.61 -31.90 -1.47
N LYS B 445 38.00 -32.91 -0.69
CA LYS B 445 39.38 -32.98 -0.23
C LYS B 445 40.34 -33.15 -1.40
N GLU B 446 39.97 -33.97 -2.38
CA GLU B 446 40.86 -34.22 -3.51
CA GLU B 446 40.83 -34.24 -3.52
C GLU B 446 40.84 -33.09 -4.53
N HIS B 447 39.68 -32.50 -4.79
CA HIS B 447 39.54 -31.53 -5.88
C HIS B 447 39.37 -30.08 -5.43
N GLY B 448 38.84 -29.82 -4.24
CA GLY B 448 38.79 -28.47 -3.69
C GLY B 448 37.39 -28.07 -3.27
N LYS B 449 37.34 -26.97 -2.51
CA LYS B 449 36.08 -26.44 -1.99
C LYS B 449 35.33 -25.54 -2.97
N LEU B 450 36.03 -24.92 -3.90
CA LEU B 450 35.36 -24.14 -4.94
C LEU B 450 34.57 -25.08 -5.85
N LEU B 451 33.37 -24.64 -6.25
CA LEU B 451 32.47 -25.53 -6.99
C LEU B 451 33.07 -25.95 -8.32
N LYS B 452 33.77 -25.04 -9.00
CA LYS B 452 34.36 -25.40 -10.29
C LYS B 452 35.40 -26.50 -10.12
N ASP B 453 36.17 -26.44 -9.02
CA ASP B 453 37.08 -27.52 -8.69
C ASP B 453 36.31 -28.77 -8.31
N PHE B 454 35.42 -28.64 -7.32
CA PHE B 454 34.67 -29.77 -6.79
C PHE B 454 33.96 -30.57 -7.88
N ASN B 455 33.40 -29.88 -8.88
CA ASN B 455 32.66 -30.58 -9.92
C ASN B 455 33.56 -31.45 -10.80
N LYS B 456 34.88 -31.20 -10.80
CA LYS B 456 35.80 -32.08 -11.51
C LYS B 456 35.80 -33.48 -10.93
N GLY B 457 35.52 -33.61 -9.64
CA GLY B 457 35.42 -34.91 -9.02
C GLY B 457 34.16 -35.69 -9.31
N LEU B 458 33.20 -35.07 -10.01
CA LEU B 458 31.93 -35.72 -10.31
C LEU B 458 31.93 -36.42 -11.66
N VAL B 459 32.96 -36.24 -12.47
CA VAL B 459 33.04 -36.84 -13.80
C VAL B 459 33.82 -38.14 -13.69
N ASN B 460 33.30 -39.20 -14.31
CA ASN B 460 33.95 -40.50 -14.39
C ASN B 460 34.54 -40.91 -13.03
N ASN B 461 33.69 -40.88 -12.03
CA ASN B 461 34.06 -41.24 -10.67
C ASN B 461 33.53 -42.63 -10.38
N LYS B 462 34.43 -43.61 -10.33
CA LYS B 462 33.97 -44.98 -10.11
C LYS B 462 33.23 -45.12 -8.79
N ALA B 463 33.61 -44.32 -7.79
CA ALA B 463 32.99 -44.43 -6.48
C ALA B 463 31.55 -43.95 -6.52
N ILE B 464 31.26 -42.91 -7.30
CA ILE B 464 29.88 -42.50 -7.51
C ILE B 464 29.11 -43.59 -8.23
N GLU B 465 29.68 -44.12 -9.32
CA GLU B 465 29.03 -45.19 -10.07
C GLU B 465 28.76 -46.39 -9.19
N ASP B 466 29.72 -46.73 -8.31
CA ASP B 466 29.52 -47.85 -7.40
C ASP B 466 28.40 -47.55 -6.42
N LEU B 467 28.40 -46.34 -5.84
CA LEU B 467 27.35 -46.01 -4.88
C LEU B 467 25.99 -46.02 -5.56
N LYS B 468 25.91 -45.41 -6.76
CA LYS B 468 24.68 -45.43 -7.53
C LYS B 468 24.15 -46.85 -7.73
N ALA B 469 25.02 -47.78 -8.11
CA ALA B 469 24.56 -49.15 -8.35
C ALA B 469 24.10 -49.83 -7.08
N ASP B 470 24.82 -49.61 -5.96
CA ASP B 470 24.38 -50.18 -4.69
C ASP B 470 23.03 -49.61 -4.26
N VAL B 471 22.81 -48.31 -4.50
CA VAL B 471 21.52 -47.69 -4.17
C VAL B 471 20.40 -48.33 -4.98
N GLU B 472 20.63 -48.55 -6.27
CA GLU B 472 19.61 -49.18 -7.09
C GLU B 472 19.33 -50.60 -6.63
N LYS B 473 20.38 -51.36 -6.30
CA LYS B 473 20.20 -52.73 -5.81
C LYS B 473 19.35 -52.77 -4.54
N PHE B 474 19.60 -51.86 -3.61
CA PHE B 474 18.80 -51.78 -2.40
C PHE B 474 17.37 -51.39 -2.73
N SER B 475 17.21 -50.41 -3.63
CA SER B 475 15.88 -49.84 -3.86
C SER B 475 14.94 -50.86 -4.52
N ALA B 476 15.51 -51.74 -5.33
CA ALA B 476 14.73 -52.72 -6.07
C ALA B 476 14.16 -53.81 -5.17
N LEU B 477 14.51 -53.81 -3.88
CA LEU B 477 14.02 -54.82 -2.96
C LEU B 477 12.60 -54.56 -2.48
N PHE B 478 12.07 -53.37 -2.76
CA PHE B 478 10.86 -52.90 -2.12
C PHE B 478 9.72 -52.75 -3.11
N ASP B 479 8.50 -52.83 -2.59
CA ASP B 479 7.30 -52.61 -3.38
C ASP B 479 7.18 -51.13 -3.77
N MET B 480 6.17 -50.83 -4.55
CA MET B 480 6.00 -49.45 -5.01
C MET B 480 4.53 -49.17 -5.28
N PRO B 481 3.94 -48.15 -4.64
CA PRO B 481 2.55 -47.78 -4.94
C PRO B 481 2.47 -46.85 -6.15
N GLY B 482 1.25 -46.73 -6.68
CA GLY B 482 0.96 -45.81 -7.75
C GLY B 482 1.05 -46.43 -9.14
N PHE B 483 1.92 -47.41 -9.30
CA PHE B 483 2.06 -48.14 -10.56
C PHE B 483 2.72 -49.46 -10.22
N LEU B 484 2.64 -50.41 -11.16
CA LEU B 484 3.21 -51.72 -10.94
C LEU B 484 4.62 -51.77 -11.52
N VAL B 485 5.61 -51.98 -10.65
CA VAL B 485 6.99 -52.15 -11.11
C VAL B 485 7.07 -53.27 -12.14
N SER B 486 6.34 -54.36 -11.92
CA SER B 486 6.35 -55.48 -12.84
C SER B 486 5.93 -55.10 -14.25
N GLU B 487 5.20 -53.99 -14.42
CA GLU B 487 4.77 -53.57 -15.74
C GLU B 487 5.47 -52.34 -16.27
N MET B 488 6.46 -51.80 -15.56
CA MET B 488 7.04 -50.57 -16.11
C MET B 488 7.93 -50.90 -17.31
N LYS B 489 8.10 -49.90 -18.16
CA LYS B 489 8.79 -50.13 -19.42
C LYS B 489 10.27 -50.43 -19.21
N TYR B 490 10.89 -49.82 -18.21
CA TYR B 490 12.35 -49.88 -18.07
C TYR B 490 12.70 -50.84 -16.94
N LYS B 491 13.16 -52.02 -17.31
CA LYS B 491 13.42 -53.08 -16.34
C LYS B 491 14.89 -53.09 -15.92
N ASP B 492 15.14 -53.82 -14.85
CA ASP B 492 16.49 -53.88 -14.27
C ASP B 492 17.55 -54.51 -15.18
N HIS C 21 30.37 33.54 30.44
CA HIS C 21 29.13 34.08 30.99
C HIS C 21 28.14 34.45 29.88
N MET C 22 26.86 34.37 30.21
CA MET C 22 25.79 34.67 29.26
C MET C 22 25.72 36.16 28.94
N ASP C 23 25.18 36.47 27.76
CA ASP C 23 24.79 37.85 27.46
C ASP C 23 23.69 38.28 28.42
N PRO C 24 23.56 39.57 28.68
CA PRO C 24 22.35 40.04 29.38
C PRO C 24 21.12 39.75 28.53
N VAL C 25 20.02 39.44 29.20
CA VAL C 25 18.79 39.13 28.47
C VAL C 25 18.41 40.27 27.53
N SER C 26 18.49 41.51 28.01
CA SER C 26 18.04 42.64 27.20
C SER C 26 18.79 42.72 25.87
N VAL C 27 20.08 42.41 25.87
CA VAL C 27 20.91 42.62 24.69
C VAL C 27 20.47 41.70 23.55
N TRP C 28 20.40 40.39 23.80
CA TRP C 28 19.95 39.51 22.73
C TRP C 28 18.42 39.47 22.63
N GLY C 29 17.73 39.61 23.76
CA GLY C 29 16.34 39.24 23.83
C GLY C 29 15.32 40.36 23.77
N ASN C 30 15.73 41.60 24.04
CA ASN C 30 14.82 42.71 24.00
C ASN C 30 15.18 43.78 22.97
N THR C 31 16.32 43.66 22.33
CA THR C 31 16.76 44.66 21.37
C THR C 31 15.99 44.53 20.06
N PRO C 32 15.61 45.63 19.43
CA PRO C 32 14.80 45.56 18.21
C PRO C 32 15.55 44.93 17.06
N LEU C 33 14.75 44.39 16.13
CA LEU C 33 15.29 43.74 14.94
C LEU C 33 16.27 44.66 14.19
N ALA C 34 15.96 45.95 14.13
CA ALA C 34 16.79 46.86 13.35
C ALA C 34 18.22 46.88 13.86
N THR C 35 18.43 46.60 15.14
CA THR C 35 19.77 46.53 15.72
C THR C 35 20.33 45.10 15.74
N VAL C 36 19.51 44.12 16.11
CA VAL C 36 19.97 42.74 16.18
C VAL C 36 20.37 42.21 14.81
N ASP C 37 19.54 42.48 13.79
CA ASP C 37 19.75 41.91 12.46
C ASP C 37 19.44 42.97 11.41
N PRO C 38 20.34 43.93 11.21
CA PRO C 38 20.06 44.97 10.20
C PRO C 38 19.81 44.42 8.80
N GLU C 39 20.43 43.29 8.43
CA GLU C 39 20.22 42.72 7.11
C GLU C 39 18.78 42.29 6.92
N ILE C 40 18.25 41.53 7.87
CA ILE C 40 16.88 41.06 7.75
C ILE C 40 15.92 42.23 7.89
N HIS C 41 16.22 43.17 8.78
CA HIS C 41 15.40 44.37 8.89
C HIS C 41 15.32 45.08 7.56
N ASP C 42 16.48 45.24 6.91
CA ASP C 42 16.55 45.98 5.65
C ASP C 42 15.77 45.26 4.55
N LEU C 43 15.89 43.93 4.50
CA LEU C 43 15.18 43.17 3.47
C LEU C 43 13.66 43.23 3.69
N ILE C 44 13.23 43.17 4.95
CA ILE C 44 11.81 43.33 5.21
C ILE C 44 11.35 44.71 4.77
N GLU C 45 12.17 45.73 5.02
CA GLU C 45 11.81 47.07 4.59
C GLU C 45 11.75 47.16 3.07
N LYS C 46 12.68 46.51 2.38
CA LYS C 46 12.61 46.45 0.93
C LYS C 46 11.33 45.77 0.47
N GLU C 47 10.95 44.69 1.16
CA GLU C 47 9.74 43.97 0.78
C GLU C 47 8.51 44.84 1.04
N LYS C 48 8.52 45.59 2.15
CA LYS C 48 7.43 46.50 2.43
C LYS C 48 7.24 47.50 1.30
N ARG C 49 8.34 48.14 0.86
CA ARG C 49 8.26 49.07 -0.25
C ARG C 49 7.69 48.38 -1.48
N ARG C 50 8.26 47.24 -1.84
CA ARG C 50 7.80 46.49 -3.01
C ARG C 50 6.30 46.24 -2.92
N GLN C 51 5.81 45.92 -1.72
CA GLN C 51 4.40 45.57 -1.58
C GLN C 51 3.48 46.77 -1.78
N CYS C 52 3.93 47.97 -1.47
CA CYS C 52 3.04 49.11 -1.59
C CYS C 52 3.38 50.01 -2.76
N ARG C 53 4.34 49.63 -3.60
CA ARG C 53 4.73 50.48 -4.72
C ARG C 53 4.62 49.77 -6.06
N GLY C 54 4.17 48.53 -6.08
CA GLY C 54 3.84 47.86 -7.32
C GLY C 54 2.39 47.46 -7.32
N ILE C 55 1.98 46.67 -8.31
CA ILE C 55 0.62 46.19 -8.43
C ILE C 55 0.68 44.70 -8.16
N GLU C 56 0.10 44.29 -7.05
CA GLU C 56 0.23 42.91 -6.57
C GLU C 56 -1.02 42.14 -7.00
N LEU C 57 -0.87 41.27 -7.99
CA LEU C 57 -2.00 40.62 -8.65
C LEU C 57 -2.03 39.10 -8.48
N ILE C 58 -1.16 38.54 -7.65
CA ILE C 58 -1.25 37.11 -7.38
C ILE C 58 -2.56 36.82 -6.66
N ALA C 59 -3.38 35.94 -7.24
CA ALA C 59 -4.77 35.79 -6.79
C ALA C 59 -4.86 35.18 -5.41
N SER C 60 -3.83 34.45 -5.01
CA SER C 60 -3.75 33.83 -3.69
C SER C 60 -3.11 34.74 -2.64
N GLU C 61 -2.76 35.98 -3.00
CA GLU C 61 -2.13 36.88 -2.04
C GLU C 61 -3.15 37.88 -1.52
N ASN C 62 -2.89 38.36 -0.32
CA ASN C 62 -3.63 39.49 0.20
C ASN C 62 -2.68 40.33 1.03
N PHE C 63 -3.19 41.48 1.49
CA PHE C 63 -2.46 42.34 2.42
C PHE C 63 -3.26 42.31 3.71
N THR C 64 -2.75 41.58 4.70
CA THR C 64 -3.51 41.43 5.93
C THR C 64 -3.32 42.66 6.82
N SER C 65 -4.13 42.72 7.88
CA SER C 65 -4.17 43.94 8.68
C SER C 65 -2.98 44.00 9.64
N PHE C 66 -2.71 45.21 10.12
CA PHE C 66 -1.71 45.40 11.15
C PHE C 66 -2.07 44.64 12.40
N ALA C 67 -3.37 44.61 12.73
CA ALA C 67 -3.82 43.95 13.95
C ALA C 67 -3.55 42.45 13.88
N VAL C 68 -3.79 41.85 12.71
CA VAL C 68 -3.40 40.45 12.48
C VAL C 68 -1.90 40.27 12.68
N ILE C 69 -1.11 41.18 12.11
CA ILE C 69 0.34 41.03 12.15
C ILE C 69 0.85 41.16 13.60
N GLU C 70 0.21 42.03 14.41
CA GLU C 70 0.62 42.18 15.81
C GLU C 70 0.35 40.91 16.61
N ALA C 71 -0.75 40.23 16.32
CA ALA C 71 -1.00 38.94 16.96
C ALA C 71 -0.01 37.89 16.47
N LEU C 72 0.24 37.89 15.17
CA LEU C 72 1.16 36.95 14.56
C LEU C 72 2.56 37.08 15.17
N GLY C 73 3.02 38.31 15.35
CA GLY C 73 4.31 38.56 15.95
C GLY C 73 4.19 38.79 17.44
N SER C 74 4.01 37.72 18.20
CA SER C 74 3.74 37.86 19.63
C SER C 74 4.30 36.68 20.37
N ALA C 75 4.31 36.81 21.70
CA ALA C 75 4.72 35.77 22.62
C ALA C 75 3.91 34.48 22.50
N LEU C 76 2.77 34.50 21.79
CA LEU C 76 2.06 33.26 21.50
C LEU C 76 2.95 32.23 20.83
N THR C 77 3.99 32.68 20.12
CA THR C 77 4.91 31.74 19.49
C THR C 77 5.63 30.84 20.49
N ASN C 78 5.70 31.24 21.75
CA ASN C 78 6.50 30.50 22.73
C ASN C 78 5.80 29.28 23.30
N LYS C 79 4.53 29.03 22.99
CA LYS C 79 3.73 28.07 23.75
C LYS C 79 3.54 26.75 23.00
N TYR C 80 3.87 25.65 23.68
CA TYR C 80 3.46 24.31 23.25
C TYR C 80 2.08 23.99 23.80
N SER C 81 1.15 23.64 22.92
CA SER C 81 -0.21 23.39 23.38
C SER C 81 -0.84 22.23 22.62
N GLU C 82 -0.10 21.15 22.41
CA GLU C 82 -0.68 20.00 21.70
C GLU C 82 -1.93 19.51 22.41
N GLY C 83 -2.91 19.08 21.63
CA GLY C 83 -4.15 18.61 22.19
C GLY C 83 -5.30 19.52 21.85
N MET C 84 -6.32 19.50 22.68
CA MET C 84 -7.50 20.30 22.48
C MET C 84 -7.66 21.25 23.66
N PRO C 85 -8.29 22.39 23.45
CA PRO C 85 -8.67 23.25 24.58
C PRO C 85 -9.25 22.46 25.73
N GLY C 86 -8.72 22.70 26.95
CA GLY C 86 -9.13 21.99 28.14
C GLY C 86 -8.70 20.55 28.22
N ASN C 87 -8.03 20.01 27.20
CA ASN C 87 -7.51 18.63 27.23
C ASN C 87 -6.20 18.60 26.46
N ARG C 88 -5.18 19.20 27.07
CA ARG C 88 -3.87 19.39 26.46
C ARG C 88 -2.86 18.37 26.99
N TYR C 89 -1.78 18.24 26.25
CA TYR C 89 -0.62 17.43 26.66
C TYR C 89 0.41 18.23 27.44
N TYR C 90 0.18 19.53 27.65
CA TYR C 90 1.10 20.39 28.37
C TYR C 90 0.29 21.25 29.33
N GLY C 91 0.92 21.61 30.44
CA GLY C 91 0.38 22.64 31.29
C GLY C 91 0.54 24.03 30.69
N GLY C 92 -0.04 24.99 31.39
CA GLY C 92 0.15 26.38 31.08
C GLY C 92 -0.75 26.95 30.01
N ASN C 93 -1.82 26.25 29.66
CA ASN C 93 -2.57 26.66 28.48
C ASN C 93 -3.87 27.38 28.81
N GLU C 94 -4.02 27.90 30.04
CA GLU C 94 -5.24 28.63 30.40
C GLU C 94 -5.63 29.64 29.33
N TYR C 95 -4.69 30.47 28.90
CA TYR C 95 -5.06 31.54 27.98
C TYR C 95 -5.02 31.10 26.54
N ILE C 96 -4.07 30.21 26.20
CA ILE C 96 -4.04 29.61 24.88
C ILE C 96 -5.38 28.93 24.59
N ASP C 97 -5.99 28.32 25.60
CA ASP C 97 -7.25 27.61 25.38
C ASP C 97 -8.36 28.60 25.03
N GLN C 98 -8.38 29.72 25.72
CA GLN C 98 -9.35 30.79 25.44
C GLN C 98 -9.16 31.36 24.04
N ILE C 99 -7.90 31.57 23.62
CA ILE C 99 -7.65 32.05 22.26
C ILE C 99 -8.15 31.04 21.23
N GLU C 100 -7.82 29.76 21.42
CA GLU C 100 -8.23 28.77 20.43
C GLU C 100 -9.74 28.57 20.42
N ASN C 101 -10.38 28.58 21.59
CA ASN C 101 -11.85 28.50 21.61
C ASN C 101 -12.48 29.69 20.92
N LEU C 102 -11.92 30.88 21.14
CA LEU C 102 -12.45 32.09 20.51
C LEU C 102 -12.29 32.03 19.00
N CYS C 103 -11.11 31.61 18.53
CA CYS C 103 -10.86 31.45 17.10
CA CYS C 103 -10.95 31.55 17.08
C CYS C 103 -11.87 30.51 16.46
N ARG C 104 -12.09 29.35 17.10
CA ARG C 104 -13.07 28.39 16.58
C ARG C 104 -14.47 28.98 16.54
N SER C 105 -14.89 29.66 17.60
CA SER C 105 -16.24 30.22 17.58
CA SER C 105 -16.23 30.23 17.60
C SER C 105 -16.36 31.30 16.53
N ARG C 106 -15.34 32.16 16.40
CA ARG C 106 -15.36 33.19 15.36
C ARG C 106 -15.32 32.58 13.97
N ALA C 107 -14.66 31.42 13.82
CA ALA C 107 -14.66 30.74 12.53
C ALA C 107 -16.07 30.29 12.17
N LEU C 108 -16.77 29.65 13.11
CA LEU C 108 -18.15 29.27 12.84
C LEU C 108 -19.02 30.48 12.55
N GLN C 109 -18.85 31.55 13.32
CA GLN C 109 -19.68 32.73 13.16
C GLN C 109 -19.42 33.41 11.82
N ALA C 110 -18.15 33.45 11.39
CA ALA C 110 -17.81 34.11 10.14
C ALA C 110 -18.53 33.46 8.96
N PHE C 111 -18.73 32.15 9.01
CA PHE C 111 -19.41 31.45 7.93
C PHE C 111 -20.84 31.10 8.28
N HIS C 112 -21.39 31.71 9.34
CA HIS C 112 -22.81 31.59 9.69
C HIS C 112 -23.22 30.14 9.89
N LEU C 113 -22.37 29.40 10.60
CA LEU C 113 -22.60 27.99 10.87
C LEU C 113 -23.07 27.80 12.31
N ASP C 114 -24.04 26.91 12.49
CA ASP C 114 -24.49 26.55 13.82
C ASP C 114 -23.55 25.50 14.42
N ALA C 115 -23.05 25.76 15.62
CA ALA C 115 -22.15 24.83 16.28
C ALA C 115 -22.75 23.44 16.47
N GLN C 116 -24.07 23.30 16.44
CA GLN C 116 -24.68 21.98 16.51
C GLN C 116 -24.55 21.20 15.21
N SER C 117 -24.28 21.89 14.10
CA SER C 117 -24.20 21.26 12.79
C SER C 117 -22.81 21.25 12.20
N TRP C 118 -21.92 22.12 12.71
CA TRP C 118 -20.58 22.26 12.18
C TRP C 118 -19.61 22.45 13.33
N GLY C 119 -18.46 21.79 13.23
CA GLY C 119 -17.31 22.10 14.05
C GLY C 119 -16.18 22.57 13.16
N VAL C 120 -15.09 23.02 13.78
CA VAL C 120 -13.94 23.47 13.00
C VAL C 120 -12.67 23.21 13.80
N ASN C 121 -11.61 22.86 13.08
CA ASN C 121 -10.29 22.71 13.66
C ASN C 121 -9.43 23.80 13.05
N VAL C 122 -8.84 24.63 13.90
CA VAL C 122 -8.10 25.81 13.44
C VAL C 122 -6.60 25.62 13.61
N GLN C 123 -6.13 24.40 13.88
CA GLN C 123 -4.70 24.15 14.03
C GLN C 123 -3.89 23.87 12.77
N PRO C 124 -4.47 23.57 11.60
CA PRO C 124 -3.62 23.31 10.42
C PRO C 124 -2.63 24.44 10.18
N TYR C 125 -1.38 24.05 9.93
CA TYR C 125 -0.33 25.03 9.72
C TYR C 125 -0.60 25.90 8.51
N SER C 126 -1.16 25.30 7.46
CA SER C 126 -1.42 26.00 6.21
C SER C 126 -2.51 25.24 5.47
N GLY C 127 -2.78 25.66 4.23
CA GLY C 127 -3.80 24.99 3.45
C GLY C 127 -3.44 23.55 3.11
N SER C 128 -2.20 23.31 2.73
CA SER C 128 -1.86 21.95 2.29
C SER C 128 -1.89 21.02 3.49
N PRO C 129 -1.39 21.45 4.67
CA PRO C 129 -1.58 20.63 5.88
C PRO C 129 -3.05 20.40 6.23
N ALA C 130 -3.93 21.39 5.99
CA ALA C 130 -5.34 21.21 6.28
C ALA C 130 -5.93 20.11 5.41
N ASN C 131 -5.60 20.10 4.11
CA ASN C 131 -6.16 19.09 3.21
C ASN C 131 -5.61 17.72 3.54
N PHE C 132 -4.31 17.61 3.81
CA PHE C 132 -3.75 16.31 4.09
C PHE C 132 -4.30 15.74 5.39
N ALA C 133 -4.58 16.59 6.39
CA ALA C 133 -5.21 16.09 7.60
C ALA C 133 -6.65 15.66 7.33
N ALA C 134 -7.38 16.43 6.54
CA ALA C 134 -8.75 16.06 6.20
C ALA C 134 -8.76 14.71 5.49
N TYR C 135 -7.82 14.48 4.56
CA TYR C 135 -7.78 13.22 3.82
C TYR C 135 -7.42 12.10 4.77
N THR C 136 -6.38 12.32 5.58
CA THR C 136 -5.96 11.32 6.55
C THR C 136 -7.09 10.97 7.51
N ALA C 137 -7.95 11.93 7.84
CA ALA C 137 -9.06 11.67 8.76
C ALA C 137 -10.04 10.64 8.19
N VAL C 138 -10.37 10.76 6.90
CA VAL C 138 -11.47 9.99 6.34
C VAL C 138 -11.01 8.95 5.33
N LEU C 139 -9.73 8.89 5.01
CA LEU C 139 -9.21 7.95 4.03
C LEU C 139 -8.12 7.06 4.62
N ASN C 140 -8.07 5.84 4.15
CA ASN C 140 -6.91 5.01 4.37
C ASN C 140 -5.92 5.22 3.24
N PRO C 141 -4.64 4.86 3.42
CA PRO C 141 -3.70 4.93 2.31
C PRO C 141 -4.24 4.20 1.10
N HIS C 142 -4.06 4.81 -0.06
CA HIS C 142 -4.44 4.33 -1.39
C HIS C 142 -5.94 4.43 -1.65
N ASP C 143 -6.75 4.96 -0.73
CA ASP C 143 -8.14 5.19 -1.07
C ASP C 143 -8.23 6.18 -2.25
N ARG C 144 -9.36 6.11 -2.94
CA ARG C 144 -9.53 6.83 -4.20
C ARG C 144 -10.12 8.21 -3.96
N ILE C 145 -9.53 9.21 -4.64
CA ILE C 145 -10.00 10.59 -4.60
C ILE C 145 -10.11 11.10 -6.02
N MET C 146 -11.04 12.03 -6.22
CA MET C 146 -11.05 12.81 -7.46
C MET C 146 -11.23 14.28 -7.12
N GLY C 147 -10.36 15.09 -7.70
CA GLY C 147 -10.48 16.53 -7.61
C GLY C 147 -10.28 17.13 -8.99
N LEU C 148 -10.51 18.45 -9.06
CA LEU C 148 -10.30 19.14 -10.32
C LEU C 148 -8.85 19.04 -10.74
N ASP C 149 -8.62 18.62 -11.98
CA ASP C 149 -7.26 18.51 -12.51
C ASP C 149 -6.57 19.86 -12.44
N LEU C 150 -5.27 19.85 -12.12
CA LEU C 150 -4.57 21.12 -11.94
C LEU C 150 -4.64 22.02 -13.18
N PRO C 151 -4.40 21.55 -14.41
CA PRO C 151 -4.51 22.46 -15.57
C PRO C 151 -5.93 22.93 -15.82
N SER C 152 -6.93 22.23 -15.27
CA SER C 152 -8.31 22.67 -15.31
C SER C 152 -8.65 23.67 -14.21
N GLY C 153 -7.73 23.89 -13.27
CA GLY C 153 -7.96 24.84 -12.19
C GLY C 153 -7.88 24.25 -10.79
N GLY C 154 -7.66 22.95 -10.63
CA GLY C 154 -7.58 22.39 -9.30
C GLY C 154 -6.24 22.64 -8.62
N HIS C 155 -6.18 22.33 -7.32
CA HIS C 155 -4.98 22.56 -6.54
C HIS C 155 -4.07 21.33 -6.56
N LEU C 156 -2.77 21.59 -6.35
CA LEU C 156 -1.80 20.52 -6.12
C LEU C 156 -2.35 19.40 -5.24
N THR C 157 -2.94 19.76 -4.11
CA THR C 157 -3.31 18.79 -3.09
C THR C 157 -4.61 18.08 -3.39
N HIS C 158 -5.18 18.32 -4.56
CA HIS C 158 -6.40 17.66 -4.97
C HIS C 158 -6.12 16.40 -5.78
N GLY C 159 -4.91 15.85 -5.64
CA GLY C 159 -4.54 14.62 -6.30
C GLY C 159 -3.71 14.79 -7.55
N TYR C 160 -2.88 15.83 -7.62
CA TYR C 160 -2.27 16.21 -8.87
C TYR C 160 -1.16 15.25 -9.28
N TYR C 161 -1.33 14.62 -10.43
CA TYR C 161 -0.24 14.03 -11.19
C TYR C 161 -0.36 14.50 -12.62
N THR C 162 0.77 14.53 -13.31
CA THR C 162 0.79 15.18 -14.62
C THR C 162 0.17 14.27 -15.67
N SER C 163 -0.12 14.86 -16.84
CA SER C 163 -0.60 14.08 -17.97
C SER C 163 0.44 13.06 -18.45
N GLY C 164 1.70 13.25 -18.10
CA GLY C 164 2.75 12.28 -18.37
C GLY C 164 2.89 11.22 -17.30
N GLY C 165 2.06 11.28 -16.27
CA GLY C 165 2.00 10.27 -15.24
C GLY C 165 2.91 10.51 -14.04
N LYS C 166 3.55 11.67 -13.97
CA LYS C 166 4.45 11.94 -12.87
C LYS C 166 3.64 12.38 -11.66
N LYS C 167 3.83 11.69 -10.54
CA LYS C 167 3.12 12.05 -9.32
C LYS C 167 3.78 13.28 -8.73
N ILE C 168 3.05 14.38 -8.65
CA ILE C 168 3.62 15.64 -8.21
C ILE C 168 3.25 15.93 -6.76
N SER C 169 1.97 15.93 -6.45
CA SER C 169 1.53 16.06 -5.07
C SER C 169 1.61 14.71 -4.39
N ALA C 170 1.91 14.75 -3.08
CA ALA C 170 1.83 13.51 -2.30
C ALA C 170 0.39 13.03 -2.17
N THR C 171 -0.59 13.88 -2.48
CA THR C 171 -1.96 13.40 -2.52
C THR C 171 -2.20 12.44 -3.67
N SER C 172 -1.28 12.33 -4.63
CA SER C 172 -1.36 11.28 -5.64
C SER C 172 -0.46 10.10 -5.32
N ILE C 173 0.32 10.20 -4.25
CA ILE C 173 1.20 9.13 -3.81
C ILE C 173 0.57 8.31 -2.70
N TYR C 174 0.14 8.98 -1.62
CA TYR C 174 -0.48 8.24 -0.53
C TYR C 174 -1.94 7.90 -0.79
N PHE C 175 -2.56 8.51 -1.79
CA PHE C 175 -3.94 8.22 -2.19
C PHE C 175 -3.96 8.01 -3.70
N GLU C 176 -5.04 7.41 -4.17
CA GLU C 176 -5.19 7.07 -5.57
C GLU C 176 -6.09 8.10 -6.24
N SER C 177 -5.49 8.95 -7.08
CA SER C 177 -6.16 10.09 -7.66
C SER C 177 -6.64 9.80 -9.08
N LEU C 178 -7.83 10.29 -9.40
CA LEU C 178 -8.26 10.41 -10.80
C LEU C 178 -8.94 11.76 -10.96
N PRO C 179 -8.28 12.72 -11.58
CA PRO C 179 -8.87 14.06 -11.66
C PRO C 179 -10.03 14.11 -12.64
N TYR C 180 -10.95 15.04 -12.40
CA TYR C 180 -11.93 15.43 -13.41
C TYR C 180 -11.51 16.75 -14.04
N LYS C 181 -12.02 17.03 -15.23
CA LYS C 181 -11.48 18.14 -16.01
C LYS C 181 -12.59 19.10 -16.40
N VAL C 182 -12.18 20.29 -16.86
CA VAL C 182 -13.14 21.17 -17.53
C VAL C 182 -13.33 20.73 -18.96
N ASN C 183 -14.43 21.19 -19.55
CA ASN C 183 -14.66 21.10 -20.99
C ASN C 183 -13.56 21.84 -21.75
N SER C 184 -12.91 21.15 -22.68
CA SER C 184 -11.72 21.70 -23.32
C SER C 184 -12.02 22.89 -24.23
N THR C 185 -13.28 23.14 -24.56
CA THR C 185 -13.60 24.31 -25.38
C THR C 185 -14.28 25.42 -24.60
N THR C 186 -15.04 25.12 -23.55
CA THR C 186 -15.69 26.17 -22.79
C THR C 186 -14.94 26.57 -21.53
N GLY C 187 -14.14 25.68 -20.96
CA GLY C 187 -13.45 25.97 -19.72
C GLY C 187 -14.26 25.76 -18.46
N TYR C 188 -15.51 25.36 -18.61
CA TYR C 188 -16.38 25.05 -17.48
C TYR C 188 -16.25 23.59 -17.10
N ILE C 189 -16.42 23.32 -15.81
CA ILE C 189 -16.43 21.93 -15.34
C ILE C 189 -17.45 21.15 -16.13
N ASP C 190 -17.04 19.98 -16.62
CA ASP C 190 -17.94 19.11 -17.35
C ASP C 190 -18.58 18.18 -16.32
N TYR C 191 -19.78 18.54 -15.86
CA TYR C 191 -20.38 17.78 -14.76
C TYR C 191 -20.84 16.39 -15.22
N ASP C 192 -21.18 16.25 -16.50
CA ASP C 192 -21.52 14.92 -17.01
C ASP C 192 -20.32 13.99 -17.01
N ARG C 193 -19.16 14.48 -17.45
CA ARG C 193 -17.97 13.65 -17.42
C ARG C 193 -17.50 13.41 -15.99
N LEU C 194 -17.68 14.40 -15.11
CA LEU C 194 -17.44 14.17 -13.69
C LEU C 194 -18.26 13.00 -13.17
N GLU C 195 -19.56 12.99 -13.48
CA GLU C 195 -20.41 11.92 -12.99
C GLU C 195 -19.99 10.56 -13.55
N GLU C 196 -19.71 10.50 -14.85
CA GLU C 196 -19.33 9.23 -15.45
C GLU C 196 -18.04 8.71 -14.86
N LYS C 197 -17.07 9.61 -14.66
CA LYS C 197 -15.81 9.24 -14.03
C LYS C 197 -16.02 8.73 -12.61
N ALA C 198 -16.82 9.45 -11.81
CA ALA C 198 -17.04 9.02 -10.43
C ALA C 198 -17.70 7.64 -10.38
N LEU C 199 -18.62 7.38 -11.31
CA LEU C 199 -19.26 6.06 -11.35
C LEU C 199 -18.30 4.97 -11.81
N ASP C 200 -17.33 5.29 -12.67
CA ASP C 200 -16.37 4.28 -13.10
C ASP C 200 -15.31 4.04 -12.04
N PHE C 201 -14.77 5.13 -11.51
CA PHE C 201 -13.61 5.09 -10.62
C PHE C 201 -13.99 4.79 -9.17
N ARG C 202 -15.20 5.18 -8.76
CA ARG C 202 -15.73 4.95 -7.42
C ARG C 202 -14.82 5.56 -6.35
N PRO C 203 -14.65 6.87 -6.35
CA PRO C 203 -13.81 7.50 -5.32
C PRO C 203 -14.47 7.43 -3.96
N LYS C 204 -13.63 7.36 -2.93
CA LYS C 204 -14.12 7.49 -1.57
C LYS C 204 -14.39 8.95 -1.21
N LEU C 205 -13.67 9.86 -1.87
CA LEU C 205 -13.75 11.28 -1.58
C LEU C 205 -13.70 12.03 -2.91
N ILE C 206 -14.65 12.93 -3.10
CA ILE C 206 -14.64 13.87 -4.20
C ILE C 206 -14.33 15.25 -3.61
N ILE C 207 -13.42 15.95 -4.26
CA ILE C 207 -12.95 17.26 -3.84
C ILE C 207 -13.43 18.26 -4.87
N CYS C 208 -14.00 19.36 -4.38
CA CYS C 208 -14.34 20.50 -5.23
C CYS C 208 -13.70 21.74 -4.63
N GLY C 209 -13.76 22.84 -5.37
CA GLY C 209 -12.91 23.99 -5.08
C GLY C 209 -11.61 23.92 -5.84
N GLY C 210 -10.97 25.07 -5.99
CA GLY C 210 -9.78 25.06 -6.82
C GLY C 210 -8.98 26.34 -6.68
N SER C 211 -7.87 26.35 -7.42
CA SER C 211 -6.88 27.44 -7.39
C SER C 211 -6.99 28.38 -8.57
N ALA C 212 -7.50 27.93 -9.72
CA ALA C 212 -7.52 28.82 -10.87
C ALA C 212 -8.78 28.61 -11.71
N TYR C 213 -9.85 28.16 -11.07
CA TYR C 213 -11.15 28.05 -11.74
C TYR C 213 -11.90 29.34 -11.57
N PRO C 214 -12.22 30.06 -12.65
CA PRO C 214 -12.82 31.40 -12.53
C PRO C 214 -14.33 31.41 -12.41
N ARG C 215 -14.97 30.28 -12.14
CA ARG C 215 -16.42 30.26 -12.04
C ARG C 215 -16.82 29.68 -10.70
N ASP C 216 -18.10 29.84 -10.37
CA ASP C 216 -18.63 29.25 -9.16
C ASP C 216 -18.87 27.76 -9.38
N TRP C 217 -19.26 27.09 -8.30
CA TRP C 217 -19.34 25.63 -8.25
C TRP C 217 -20.78 25.23 -8.00
N ASP C 218 -21.26 24.24 -8.75
CA ASP C 218 -22.60 23.69 -8.51
C ASP C 218 -22.44 22.61 -7.45
N TYR C 219 -22.32 23.06 -6.19
CA TYR C 219 -22.14 22.10 -5.10
C TYR C 219 -23.30 21.13 -5.02
N LYS C 220 -24.50 21.56 -5.41
CA LYS C 220 -25.66 20.67 -5.37
C LYS C 220 -25.46 19.48 -6.30
N ARG C 221 -24.95 19.75 -7.51
CA ARG C 221 -24.61 18.67 -8.43
C ARG C 221 -23.49 17.79 -7.89
N PHE C 222 -22.47 18.41 -7.27
CA PHE C 222 -21.42 17.58 -6.67
C PHE C 222 -22.00 16.65 -5.62
N ARG C 223 -22.96 17.14 -4.84
CA ARG C 223 -23.61 16.28 -3.85
C ARG C 223 -24.39 15.15 -4.52
N GLU C 224 -25.07 15.45 -5.63
CA GLU C 224 -25.79 14.43 -6.37
C GLU C 224 -24.84 13.35 -6.88
N VAL C 225 -23.69 13.75 -7.41
CA VAL C 225 -22.71 12.78 -7.90
C VAL C 225 -22.15 11.99 -6.72
N ALA C 226 -21.77 12.68 -5.64
CA ALA C 226 -21.21 11.96 -4.50
C ALA C 226 -22.19 10.94 -3.94
N ASP C 227 -23.48 11.29 -3.88
CA ASP C 227 -24.48 10.37 -3.37
C ASP C 227 -24.69 9.19 -4.33
N LYS C 228 -24.57 9.42 -5.63
CA LYS C 228 -24.74 8.34 -6.61
C LYS C 228 -23.64 7.31 -6.52
N CYS C 229 -22.42 7.73 -6.16
CA CYS C 229 -21.31 6.79 -6.02
C CYS C 229 -20.91 6.56 -4.56
N GLY C 230 -21.65 7.12 -3.62
CA GLY C 230 -21.35 6.84 -2.21
C GLY C 230 -20.08 7.49 -1.70
N ALA C 231 -19.67 8.60 -2.29
CA ALA C 231 -18.46 9.26 -1.84
C ALA C 231 -18.75 10.32 -0.78
N LEU C 232 -17.72 10.61 0.03
CA LEU C 232 -17.67 11.84 0.80
C LEU C 232 -17.44 13.01 -0.14
N LEU C 233 -17.87 14.20 0.28
CA LEU C 233 -17.71 15.39 -0.55
C LEU C 233 -17.04 16.49 0.27
N LEU C 234 -15.88 16.93 -0.19
CA LEU C 234 -15.11 17.95 0.50
C LEU C 234 -14.97 19.14 -0.43
N CYS C 235 -15.18 20.35 0.08
CA CYS C 235 -14.87 21.56 -0.67
C CYS C 235 -13.63 22.19 -0.06
N ASP C 236 -12.68 22.53 -0.92
CA ASP C 236 -11.53 23.35 -0.55
C ASP C 236 -11.82 24.76 -1.05
N MET C 237 -12.26 25.65 -0.15
CA MET C 237 -12.61 27.00 -0.57
C MET C 237 -11.50 27.99 -0.30
N ALA C 238 -10.25 27.52 -0.17
CA ALA C 238 -9.11 28.39 0.14
C ALA C 238 -9.16 29.75 -0.56
N HIS C 239 -9.30 29.74 -1.88
CA HIS C 239 -9.23 31.00 -2.63
C HIS C 239 -10.39 31.93 -2.29
N THR C 240 -11.61 31.40 -2.28
CA THR C 240 -12.80 32.25 -2.19
C THR C 240 -13.40 32.30 -0.79
N SER C 241 -12.69 31.82 0.24
CA SER C 241 -13.26 31.73 1.59
C SER C 241 -13.80 33.07 2.07
N GLY C 242 -13.13 34.17 1.71
CA GLY C 242 -13.66 35.46 2.10
C GLY C 242 -14.95 35.77 1.38
N LEU C 243 -15.02 35.41 0.10
CA LEU C 243 -16.27 35.61 -0.64
C LEU C 243 -17.37 34.69 -0.12
N VAL C 244 -17.02 33.48 0.32
CA VAL C 244 -18.00 32.60 0.95
C VAL C 244 -18.52 33.21 2.24
N ALA C 245 -17.61 33.67 3.11
CA ALA C 245 -18.03 34.30 4.37
C ALA C 245 -18.97 35.46 4.13
N ALA C 246 -18.65 36.28 3.14
CA ALA C 246 -19.45 37.44 2.80
C ALA C 246 -20.74 37.09 2.06
N GLN C 247 -20.99 35.80 1.84
CA GLN C 247 -22.18 35.32 1.13
C GLN C 247 -22.26 35.94 -0.26
N GLU C 248 -21.11 36.01 -0.94
CA GLU C 248 -21.01 36.58 -2.27
C GLU C 248 -20.77 35.54 -3.36
N VAL C 249 -20.52 34.29 -2.98
CA VAL C 249 -20.47 33.15 -3.90
C VAL C 249 -21.22 32.01 -3.25
N ASN C 250 -21.42 30.94 -4.01
CA ASN C 250 -22.18 29.79 -3.50
C ASN C 250 -21.54 29.26 -2.23
N SER C 251 -22.39 28.85 -1.26
CA SER C 251 -21.86 28.28 -0.04
C SER C 251 -21.61 26.79 -0.23
N PRO C 252 -20.40 26.29 0.07
CA PRO C 252 -20.17 24.85 0.04
C PRO C 252 -20.82 24.11 1.21
N PHE C 253 -21.04 24.79 2.33
CA PHE C 253 -21.55 24.12 3.52
C PHE C 253 -22.94 23.54 3.31
N GLU C 254 -23.71 24.07 2.37
CA GLU C 254 -25.03 23.52 2.10
C GLU C 254 -24.99 22.08 1.62
N TYR C 255 -23.88 21.64 1.01
CA TYR C 255 -23.84 20.35 0.34
C TYR C 255 -22.64 19.48 0.69
N CYS C 256 -21.59 20.05 1.23
CA CYS C 256 -20.34 19.32 1.45
C CYS C 256 -20.25 18.82 2.89
N ASP C 257 -19.59 17.65 3.03
CA ASP C 257 -19.36 17.04 4.32
C ASP C 257 -18.29 17.79 5.10
N ILE C 258 -17.24 18.19 4.39
CA ILE C 258 -16.05 18.82 4.95
C ILE C 258 -15.72 20.00 4.07
N VAL C 259 -15.30 21.09 4.68
CA VAL C 259 -14.85 22.26 3.94
C VAL C 259 -13.50 22.65 4.50
N THR C 260 -12.47 22.63 3.65
CA THR C 260 -11.17 23.09 4.11
C THR C 260 -10.91 24.47 3.55
N THR C 261 -9.92 25.13 4.12
CA THR C 261 -9.62 26.45 3.60
C THR C 261 -8.27 26.88 4.12
N THR C 262 -7.67 27.80 3.37
CA THR C 262 -6.64 28.64 3.96
C THR C 262 -7.29 29.89 4.50
N THR C 263 -6.50 30.67 5.22
CA THR C 263 -7.02 31.88 5.78
C THR C 263 -6.33 33.13 5.24
N HIS C 264 -5.30 32.98 4.38
CA HIS C 264 -4.50 34.14 3.98
C HIS C 264 -4.85 34.67 2.59
N LYS C 265 -5.78 34.03 1.88
CA LYS C 265 -6.14 34.49 0.54
C LYS C 265 -7.26 35.52 0.66
N SER C 266 -8.43 35.27 0.06
CA SER C 266 -9.45 36.31 0.12
C SER C 266 -10.02 36.52 1.53
N LEU C 267 -9.79 35.58 2.45
CA LEU C 267 -10.17 35.77 3.84
C LEU C 267 -9.30 36.81 4.55
N ARG C 268 -8.09 37.09 4.05
CA ARG C 268 -7.29 38.24 4.47
C ARG C 268 -6.78 38.10 5.89
N GLY C 269 -6.47 36.88 6.28
CA GLY C 269 -5.89 36.63 7.59
C GLY C 269 -4.45 36.21 7.50
N PRO C 270 -3.97 35.58 8.56
CA PRO C 270 -2.62 35.01 8.55
C PRO C 270 -2.58 33.76 7.68
N ARG C 271 -1.37 33.23 7.47
CA ARG C 271 -1.22 31.97 6.75
C ARG C 271 -1.53 30.83 7.70
N ALA C 272 -2.60 30.11 7.44
CA ALA C 272 -3.04 29.02 8.30
C ALA C 272 -4.10 28.26 7.52
N GLY C 273 -4.55 27.15 8.10
CA GLY C 273 -5.63 26.39 7.53
C GLY C 273 -6.70 26.13 8.58
N MET C 274 -7.91 25.86 8.11
CA MET C 274 -9.02 25.42 8.94
C MET C 274 -9.69 24.25 8.25
N ILE C 275 -10.25 23.34 9.05
CA ILE C 275 -11.06 22.25 8.56
C ILE C 275 -12.44 22.33 9.21
N PHE C 276 -13.47 22.61 8.41
CA PHE C 276 -14.85 22.55 8.89
C PHE C 276 -15.43 21.19 8.59
N TYR C 277 -16.26 20.69 9.50
CA TYR C 277 -16.83 19.36 9.32
C TYR C 277 -18.24 19.32 9.91
N ARG C 278 -19.11 18.56 9.27
CA ARG C 278 -20.46 18.39 9.78
C ARG C 278 -20.46 17.63 11.11
N LYS C 279 -21.41 18.02 11.96
CA LYS C 279 -21.72 17.36 13.22
C LYS C 279 -23.23 17.12 13.28
N GLY C 280 -23.61 16.14 14.08
CA GLY C 280 -25.01 15.93 14.37
C GLY C 280 -25.68 14.97 13.41
N PRO C 281 -27.02 14.98 13.41
CA PRO C 281 -27.76 13.97 12.64
C PRO C 281 -27.45 14.03 11.16
N LYS C 282 -27.31 12.86 10.55
CA LYS C 282 -27.15 12.78 9.11
C LYS C 282 -28.48 12.99 8.41
N PRO C 283 -28.46 13.50 7.19
CA PRO C 283 -29.68 13.53 6.38
C PRO C 283 -30.18 12.11 6.12
N PRO C 284 -31.46 11.94 5.79
CA PRO C 284 -31.99 10.58 5.61
C PRO C 284 -31.42 9.94 4.35
N LYS C 285 -30.91 8.72 4.52
CA LYS C 285 -30.40 7.90 3.43
C LYS C 285 -30.96 6.50 3.57
N LYS C 286 -31.28 5.87 2.43
CA LYS C 286 -31.80 4.51 2.44
C LYS C 286 -30.75 3.55 3.00
N GLY C 287 -31.20 2.63 3.85
CA GLY C 287 -30.31 1.68 4.47
C GLY C 287 -29.55 2.24 5.66
N GLN C 288 -29.31 3.56 5.64
CA GLN C 288 -28.62 4.21 6.75
C GLN C 288 -29.45 4.12 8.02
N PRO C 289 -28.86 3.69 9.14
CA PRO C 289 -29.65 3.57 10.38
C PRO C 289 -30.33 4.87 10.75
N GLU C 290 -31.48 4.75 11.40
CA GLU C 290 -32.08 5.89 12.05
C GLU C 290 -31.14 6.37 13.16
N ASN C 291 -31.35 7.62 13.60
CA ASN C 291 -30.54 8.24 14.64
C ASN C 291 -29.06 8.35 14.25
N ALA C 292 -28.73 8.17 12.97
CA ALA C 292 -27.35 8.24 12.54
C ALA C 292 -26.83 9.67 12.66
N VAL C 293 -25.60 9.80 13.16
CA VAL C 293 -24.98 11.10 13.35
C VAL C 293 -23.64 11.10 12.64
N TYR C 294 -23.17 12.30 12.29
CA TYR C 294 -21.88 12.41 11.66
C TYR C 294 -20.77 12.02 12.62
N ASP C 295 -19.69 11.49 12.06
CA ASP C 295 -18.56 10.96 12.80
C ASP C 295 -17.24 11.62 12.39
N PHE C 296 -17.29 12.88 11.96
CA PHE C 296 -16.09 13.53 11.43
C PHE C 296 -15.19 14.10 12.52
N GLU C 297 -15.81 14.67 13.56
CA GLU C 297 -15.10 15.51 14.53
CA GLU C 297 -15.12 15.50 14.54
C GLU C 297 -13.87 14.83 15.09
N ASP C 298 -14.05 13.67 15.73
CA ASP C 298 -12.93 13.01 16.39
C ASP C 298 -11.87 12.61 15.38
N LYS C 299 -12.27 12.15 14.19
CA LYS C 299 -11.29 11.74 13.18
C LYS C 299 -10.50 12.93 12.66
N ILE C 300 -11.20 14.02 12.37
CA ILE C 300 -10.51 15.21 11.88
CA ILE C 300 -10.54 15.24 11.90
C ILE C 300 -9.57 15.74 12.96
N ASN C 301 -10.04 15.84 14.20
CA ASN C 301 -9.17 16.33 15.27
C ASN C 301 -7.94 15.45 15.42
N PHE C 302 -8.15 14.12 15.45
CA PHE C 302 -7.03 13.21 15.63
C PHE C 302 -6.06 13.27 14.46
N ALA C 303 -6.57 13.44 13.24
CA ALA C 303 -5.68 13.50 12.09
C ALA C 303 -4.76 14.73 12.17
N VAL C 304 -5.28 15.87 12.60
CA VAL C 304 -4.42 17.03 12.77
C VAL C 304 -3.39 16.75 13.85
N PHE C 305 -3.85 16.29 15.01
CA PHE C 305 -2.94 15.92 16.07
C PHE C 305 -3.60 14.81 16.89
N PRO C 306 -2.87 13.70 17.19
CA PRO C 306 -1.44 13.51 17.00
C PRO C 306 -0.96 12.90 15.68
N SER C 307 -1.84 12.70 14.70
CA SER C 307 -1.41 11.94 13.52
CA SER C 307 -1.42 11.94 13.52
C SER C 307 -0.37 12.70 12.70
N LEU C 308 -0.62 13.97 12.39
CA LEU C 308 0.19 14.67 11.40
C LEU C 308 1.00 15.83 11.95
N GLN C 309 0.41 16.71 12.74
CA GLN C 309 1.11 17.88 13.22
C GLN C 309 1.69 17.64 14.60
N GLY C 310 2.45 18.63 15.06
CA GLY C 310 2.90 18.68 16.43
C GLY C 310 2.22 19.84 17.13
N GLY C 311 3.02 20.74 17.71
CA GLY C 311 2.46 21.84 18.44
C GLY C 311 1.74 22.81 17.52
N PRO C 312 0.52 23.20 17.88
CA PRO C 312 -0.12 24.31 17.17
C PRO C 312 0.79 25.53 17.13
N HIS C 313 0.62 26.36 16.10
CA HIS C 313 1.30 27.65 16.05
C HIS C 313 0.32 28.68 16.59
N ASN C 314 0.38 28.88 17.90
CA ASN C 314 -0.64 29.69 18.56
C ASN C 314 -0.63 31.15 18.09
N HIS C 315 0.51 31.65 17.64
CA HIS C 315 0.49 33.03 17.11
C HIS C 315 -0.33 33.11 15.85
N GLN C 316 -0.32 32.03 15.04
CA GLN C 316 -1.21 31.95 13.87
C GLN C 316 -2.67 31.90 14.29
N ILE C 317 -2.95 31.07 15.28
CA ILE C 317 -4.31 30.91 15.77
C ILE C 317 -4.83 32.23 16.35
N GLY C 318 -4.01 32.93 17.12
CA GLY C 318 -4.42 34.23 17.63
C GLY C 318 -4.65 35.22 16.51
N ALA C 319 -3.72 35.27 15.54
CA ALA C 319 -3.88 36.17 14.40
C ALA C 319 -5.11 35.80 13.58
N LEU C 320 -5.37 34.49 13.45
CA LEU C 320 -6.56 34.04 12.73
C LEU C 320 -7.84 34.50 13.43
N ALA C 321 -7.86 34.39 14.76
CA ALA C 321 -9.01 34.91 15.50
C ALA C 321 -9.28 36.37 15.17
N VAL C 322 -8.22 37.18 15.12
CA VAL C 322 -8.38 38.59 14.72
C VAL C 322 -9.00 38.68 13.34
N ALA C 323 -8.46 37.90 12.39
CA ALA C 323 -8.89 38.01 11.00
C ALA C 323 -10.34 37.61 10.84
N LEU C 324 -10.78 36.60 11.59
CA LEU C 324 -12.16 36.15 11.52
C LEU C 324 -13.10 37.17 12.12
N LYS C 325 -12.66 37.85 13.18
CA LYS C 325 -13.45 38.96 13.67
C LYS C 325 -13.58 40.03 12.61
N GLN C 326 -12.48 40.34 11.90
CA GLN C 326 -12.55 41.37 10.87
C GLN C 326 -13.36 40.91 9.67
N ALA C 327 -13.32 39.61 9.34
CA ALA C 327 -14.10 39.11 8.22
C ALA C 327 -15.59 39.13 8.50
N ALA C 328 -15.99 39.12 9.78
CA ALA C 328 -17.40 39.19 10.17
C ALA C 328 -17.92 40.62 10.31
N SER C 329 -17.41 41.55 9.54
CA SER C 329 -17.85 42.94 9.67
C SER C 329 -18.60 43.38 8.42
N PRO C 330 -19.51 44.37 8.54
CA PRO C 330 -20.15 44.91 7.32
C PRO C 330 -19.12 45.39 6.31
N GLY C 331 -18.04 45.99 6.79
CA GLY C 331 -17.01 46.45 5.88
C GLY C 331 -16.44 45.32 5.06
N PHE C 332 -16.39 44.12 5.64
CA PHE C 332 -15.78 43.04 4.88
C PHE C 332 -16.68 42.57 3.74
N LYS C 333 -18.02 42.63 3.92
CA LYS C 333 -18.90 42.21 2.83
C LYS C 333 -18.76 43.13 1.63
N ALA C 334 -18.68 44.44 1.88
CA ALA C 334 -18.45 45.39 0.80
C ALA C 334 -17.09 45.18 0.15
N TYR C 335 -16.07 44.84 0.94
CA TYR C 335 -14.79 44.43 0.36
C TYR C 335 -14.98 43.27 -0.61
N ALA C 336 -15.70 42.24 -0.17
CA ALA C 336 -15.84 41.04 -0.98
C ALA C 336 -16.62 41.33 -2.25
N LYS C 337 -17.69 42.13 -2.17
CA LYS C 337 -18.36 42.54 -3.42
C LYS C 337 -17.41 43.30 -4.32
N GLN C 338 -16.56 44.15 -3.74
CA GLN C 338 -15.65 44.92 -4.57
C GLN C 338 -14.64 44.02 -5.26
N VAL C 339 -14.16 42.99 -4.56
CA VAL C 339 -13.22 42.07 -5.18
C VAL C 339 -13.83 41.45 -6.43
N LYS C 340 -15.09 40.99 -6.31
CA LYS C 340 -15.76 40.37 -7.45
C LYS C 340 -15.99 41.38 -8.57
N ALA C 341 -16.43 42.57 -8.21
CA ALA C 341 -16.67 43.61 -9.22
C ALA C 341 -15.37 44.00 -9.93
N ASN C 342 -14.29 44.09 -9.17
CA ASN C 342 -12.99 44.41 -9.74
C ASN C 342 -12.50 43.32 -10.68
N ALA C 343 -12.63 42.05 -10.28
CA ALA C 343 -12.24 40.97 -11.18
C ALA C 343 -13.02 41.02 -12.48
N VAL C 344 -14.33 41.24 -12.40
CA VAL C 344 -15.16 41.29 -13.59
C VAL C 344 -14.74 42.46 -14.47
N ALA C 345 -14.49 43.62 -13.85
CA ALA C 345 -14.15 44.80 -14.64
C ALA C 345 -12.82 44.61 -15.35
N LEU C 346 -11.86 43.99 -14.66
CA LEU C 346 -10.60 43.61 -15.30
C LEU C 346 -10.84 42.63 -16.43
N GLY C 347 -11.64 41.57 -16.17
CA GLY C 347 -11.89 40.59 -17.20
C GLY C 347 -12.47 41.20 -18.46
N LYS C 348 -13.42 42.12 -18.30
CA LYS C 348 -14.05 42.77 -19.45
C LYS C 348 -13.03 43.60 -20.24
N TYR C 349 -12.18 44.35 -19.54
CA TYR C 349 -11.10 45.10 -20.19
C TYR C 349 -10.20 44.20 -21.05
N LEU C 350 -9.71 43.11 -20.47
CA LEU C 350 -8.77 42.25 -21.19
C LEU C 350 -9.46 41.58 -22.37
N MET C 351 -10.69 41.14 -22.19
CA MET C 351 -11.33 40.45 -23.29
C MET C 351 -11.65 41.43 -24.40
N GLY C 352 -11.92 42.70 -24.04
CA GLY C 352 -12.11 43.71 -25.07
C GLY C 352 -10.91 43.85 -25.99
N LYS C 353 -9.70 43.64 -25.46
CA LYS C 353 -8.48 43.72 -26.27
C LYS C 353 -8.24 42.43 -27.06
N GLY C 354 -8.99 41.38 -26.77
CA GLY C 354 -8.83 40.10 -27.43
C GLY C 354 -8.03 39.09 -26.64
N TYR C 355 -7.80 39.31 -25.36
CA TYR C 355 -7.09 38.30 -24.58
C TYR C 355 -8.02 37.16 -24.21
N SER C 356 -7.45 35.97 -24.20
CA SER C 356 -8.22 34.72 -24.06
C SER C 356 -8.32 34.38 -22.59
N LEU C 357 -9.41 34.78 -21.95
CA LEU C 357 -9.64 34.38 -20.58
C LEU C 357 -10.44 33.09 -20.58
N VAL C 358 -10.05 32.14 -19.73
CA VAL C 358 -10.76 30.87 -19.66
CA VAL C 358 -10.78 30.88 -19.70
C VAL C 358 -12.18 31.12 -19.15
N THR C 359 -13.17 30.51 -19.80
CA THR C 359 -14.62 30.71 -19.61
C THR C 359 -15.05 32.11 -20.02
N GLY C 360 -14.17 32.93 -20.57
CA GLY C 360 -14.57 34.25 -21.04
C GLY C 360 -15.01 35.21 -19.95
N GLY C 361 -14.50 35.04 -18.74
CA GLY C 361 -14.88 35.94 -17.67
C GLY C 361 -14.59 35.33 -16.31
N THR C 362 -15.29 35.85 -15.29
CA THR C 362 -15.11 35.35 -13.94
C THR C 362 -16.38 35.56 -13.13
N GLU C 363 -16.57 34.67 -12.17
CA GLU C 363 -17.57 34.84 -11.14
C GLU C 363 -16.92 34.98 -9.76
N ASN C 364 -15.60 35.06 -9.69
CA ASN C 364 -15.00 35.17 -8.37
C ASN C 364 -13.97 36.29 -8.39
N HIS C 365 -12.83 36.05 -7.78
CA HIS C 365 -11.79 37.03 -7.54
C HIS C 365 -10.66 36.98 -8.57
N LEU C 366 -10.69 36.03 -9.51
CA LEU C 366 -9.53 35.81 -10.37
C LEU C 366 -9.95 35.69 -11.83
N VAL C 367 -8.99 35.91 -12.72
CA VAL C 367 -9.12 35.49 -14.11
C VAL C 367 -7.92 34.60 -14.46
N LEU C 368 -8.17 33.64 -15.33
CA LEU C 368 -7.13 32.78 -15.85
C LEU C 368 -7.02 33.06 -17.34
N TRP C 369 -5.81 33.40 -17.78
CA TRP C 369 -5.58 34.05 -19.07
C TRP C 369 -4.66 33.15 -19.88
N ASP C 370 -5.16 32.67 -21.00
CA ASP C 370 -4.43 31.77 -21.88
C ASP C 370 -3.60 32.62 -22.84
N LEU C 371 -2.28 32.53 -22.70
CA LEU C 371 -1.33 33.26 -23.52
C LEU C 371 -0.92 32.53 -24.78
N ARG C 372 -1.24 31.24 -24.88
CA ARG C 372 -0.78 30.47 -26.04
C ARG C 372 -1.24 31.03 -27.37
N PRO C 373 -2.46 31.58 -27.53
CA PRO C 373 -2.82 32.14 -28.84
C PRO C 373 -1.92 33.29 -29.27
N LEU C 374 -1.21 33.91 -28.31
CA LEU C 374 -0.24 34.95 -28.63
C LEU C 374 1.14 34.38 -28.93
N GLY C 375 1.32 33.07 -28.77
CA GLY C 375 2.63 32.48 -28.96
C GLY C 375 3.55 32.70 -27.77
N LEU C 376 2.99 32.92 -26.58
CA LEU C 376 3.75 33.26 -25.39
C LEU C 376 3.54 32.20 -24.32
N THR C 377 4.52 32.06 -23.43
CA THR C 377 4.34 31.27 -22.22
C THR C 377 4.28 32.18 -21.00
N GLY C 378 3.69 31.66 -19.91
CA GLY C 378 3.44 32.49 -18.75
C GLY C 378 4.69 32.96 -18.04
N ASN C 379 5.78 32.22 -18.15
CA ASN C 379 7.01 32.63 -17.48
C ASN C 379 7.54 33.93 -18.07
N LYS C 380 7.44 34.08 -19.39
CA LYS C 380 7.90 35.32 -19.99
C LYS C 380 7.09 36.51 -19.50
N VAL C 381 5.77 36.35 -19.42
CA VAL C 381 4.91 37.45 -18.96
C VAL C 381 5.17 37.74 -17.50
N GLU C 382 5.30 36.70 -16.68
CA GLU C 382 5.59 36.88 -15.26
C GLU C 382 6.88 37.67 -15.06
N LYS C 383 7.92 37.29 -15.79
CA LYS C 383 9.22 37.95 -15.67
C LYS C 383 9.14 39.41 -16.13
N LEU C 384 8.52 39.66 -17.28
CA LEU C 384 8.44 41.05 -17.75
C LEU C 384 7.62 41.88 -16.76
N CYS C 385 6.48 41.34 -16.33
CA CYS C 385 5.67 42.05 -15.32
C CYS C 385 6.49 42.36 -14.08
N ASP C 386 7.25 41.37 -13.60
CA ASP C 386 8.07 41.57 -12.40
C ASP C 386 9.01 42.76 -12.56
N LEU C 387 9.59 42.93 -13.75
CA LEU C 387 10.51 44.03 -13.98
C LEU C 387 9.80 45.39 -13.98
N CYS C 388 8.49 45.40 -14.21
CA CYS C 388 7.66 46.60 -14.16
C CYS C 388 6.90 46.76 -12.85
N ASN C 389 7.27 46.00 -11.81
CA ASN C 389 6.60 46.06 -10.51
C ASN C 389 5.17 45.56 -10.59
N ILE C 390 4.88 44.67 -11.54
CA ILE C 390 3.57 44.06 -11.67
C ILE C 390 3.75 42.61 -11.29
N THR C 391 3.10 42.20 -10.21
CA THR C 391 3.36 40.88 -9.63
C THR C 391 2.21 39.96 -9.99
N VAL C 392 2.51 38.94 -10.79
CA VAL C 392 1.53 37.97 -11.25
C VAL C 392 2.13 36.60 -11.01
N ASN C 393 1.40 35.56 -11.38
CA ASN C 393 2.09 34.29 -11.54
C ASN C 393 1.66 33.64 -12.82
N LYS C 394 2.65 33.07 -13.53
CA LYS C 394 2.40 32.16 -14.62
CA LYS C 394 2.40 32.15 -14.61
C LYS C 394 1.48 31.06 -14.09
N ASN C 395 0.76 30.40 -14.98
CA ASN C 395 -0.18 29.44 -14.44
C ASN C 395 -0.51 28.46 -15.55
N ALA C 396 -0.63 27.19 -15.17
CA ALA C 396 -1.03 26.18 -16.14
C ALA C 396 -2.43 26.45 -16.65
N VAL C 397 -2.66 26.10 -17.91
CA VAL C 397 -3.98 26.12 -18.52
C VAL C 397 -4.20 24.77 -19.18
N PHE C 398 -5.41 24.54 -19.66
CA PHE C 398 -5.82 23.21 -20.06
C PHE C 398 -4.86 22.62 -21.09
N GLY C 399 -4.41 21.40 -20.83
CA GLY C 399 -3.49 20.72 -21.71
C GLY C 399 -2.02 21.07 -21.57
N ASP C 400 -1.66 21.89 -20.58
CA ASP C 400 -0.26 22.26 -20.39
C ASP C 400 0.55 21.06 -19.96
N SER C 401 1.80 21.00 -20.45
CA SER C 401 2.77 19.98 -20.03
C SER C 401 3.95 20.59 -19.29
N SER C 402 3.81 21.84 -18.85
CA SER C 402 4.87 22.52 -18.12
C SER C 402 4.24 23.44 -17.09
N ALA C 403 4.78 23.44 -15.87
CA ALA C 403 4.36 24.39 -14.86
C ALA C 403 5.28 25.60 -14.79
N LEU C 404 6.57 25.43 -15.10
CA LEU C 404 7.48 26.56 -15.02
C LEU C 404 7.52 27.37 -16.30
N ALA C 405 7.05 26.80 -17.41
CA ALA C 405 6.84 27.55 -18.65
C ALA C 405 5.45 27.21 -19.18
N PRO C 406 4.41 27.54 -18.42
CA PRO C 406 3.05 27.12 -18.79
C PRO C 406 2.48 28.07 -19.83
N GLY C 407 1.26 27.79 -20.25
CA GLY C 407 0.67 28.60 -21.28
C GLY C 407 -0.17 29.74 -20.79
N GLY C 408 -0.24 30.00 -19.48
CA GLY C 408 -1.16 30.98 -18.97
C GLY C 408 -0.55 31.91 -17.93
N VAL C 409 -1.36 32.88 -17.53
CA VAL C 409 -1.05 33.73 -16.39
C VAL C 409 -2.34 33.92 -15.63
N ARG C 410 -2.25 34.00 -14.30
CA ARG C 410 -3.42 34.14 -13.45
C ARG C 410 -3.36 35.48 -12.75
N ILE C 411 -4.48 36.21 -12.75
CA ILE C 411 -4.58 37.53 -12.15
C ILE C 411 -5.69 37.53 -11.11
N GLY C 412 -5.42 38.10 -9.94
CA GLY C 412 -6.42 38.16 -8.90
C GLY C 412 -6.62 39.57 -8.39
N ALA C 413 -7.82 39.82 -7.87
CA ALA C 413 -8.21 41.11 -7.35
C ALA C 413 -8.05 41.33 -5.84
N PRO C 414 -7.94 40.30 -4.97
CA PRO C 414 -8.01 40.60 -3.53
C PRO C 414 -6.99 41.60 -2.99
N ALA C 415 -5.70 41.43 -3.34
CA ALA C 415 -4.67 42.27 -2.73
C ALA C 415 -4.88 43.74 -3.07
N MET C 416 -5.10 44.05 -4.34
CA MET C 416 -5.18 45.48 -4.63
C MET C 416 -6.52 46.05 -4.20
N THR C 417 -7.56 45.22 -4.19
CA THR C 417 -8.83 45.67 -3.63
C THR C 417 -8.65 46.05 -2.16
N SER C 418 -7.79 45.30 -1.44
CA SER C 418 -7.55 45.63 -0.03
C SER C 418 -6.90 47.00 0.13
N ARG C 419 -6.21 47.50 -0.89
CA ARG C 419 -5.66 48.85 -0.84
C ARG C 419 -6.70 49.89 -1.24
N GLY C 420 -7.93 49.47 -1.54
CA GLY C 420 -9.02 50.40 -1.80
C GLY C 420 -9.34 50.61 -3.27
N LEU C 421 -8.76 49.84 -4.18
CA LEU C 421 -8.99 50.08 -5.60
C LEU C 421 -10.40 49.66 -5.97
N VAL C 422 -11.00 50.40 -6.91
CA VAL C 422 -12.34 50.12 -7.43
C VAL C 422 -12.25 49.79 -8.92
N GLU C 423 -13.41 49.74 -9.60
CA GLU C 423 -13.42 49.14 -10.94
C GLU C 423 -12.56 49.91 -11.92
N LYS C 424 -12.68 51.23 -11.92
CA LYS C 424 -11.87 52.04 -12.84
C LYS C 424 -10.38 51.83 -12.58
N ASP C 425 -10.01 51.61 -11.31
CA ASP C 425 -8.63 51.29 -10.99
C ASP C 425 -8.23 49.95 -11.58
N PHE C 426 -9.12 48.96 -11.56
CA PHE C 426 -8.76 47.68 -12.16
C PHE C 426 -8.81 47.71 -13.68
N GLU C 427 -9.57 48.64 -14.29
CA GLU C 427 -9.39 48.87 -15.71
C GLU C 427 -8.00 49.43 -16.00
N GLN C 428 -7.51 50.33 -15.16
CA GLN C 428 -6.13 50.79 -15.36
C GLN C 428 -5.12 49.65 -15.20
N ILE C 429 -5.36 48.78 -14.21
CA ILE C 429 -4.54 47.58 -14.09
C ILE C 429 -4.60 46.76 -15.37
N GLY C 430 -5.79 46.63 -15.96
CA GLY C 430 -5.89 45.91 -17.23
C GLY C 430 -5.04 46.54 -18.30
N GLU C 431 -5.07 47.88 -18.38
CA GLU C 431 -4.24 48.60 -19.33
C GLU C 431 -2.76 48.33 -19.08
N PHE C 432 -2.32 48.36 -17.81
CA PHE C 432 -0.92 48.02 -17.52
C PHE C 432 -0.60 46.60 -17.99
N LEU C 433 -1.51 45.65 -17.73
CA LEU C 433 -1.26 44.27 -18.17
C LEU C 433 -1.20 44.16 -19.68
N HIS C 434 -2.12 44.86 -20.38
CA HIS C 434 -2.07 44.88 -21.83
C HIS C 434 -0.72 45.43 -22.30
N ARG C 435 -0.26 46.51 -21.67
CA ARG C 435 1.05 47.05 -22.03
C ARG C 435 2.15 46.04 -21.78
N ALA C 436 2.08 45.34 -20.65
CA ALA C 436 3.10 44.37 -20.27
C ALA C 436 3.12 43.17 -21.22
N VAL C 437 1.95 42.62 -21.54
CA VAL C 437 1.91 41.50 -22.47
C VAL C 437 2.28 41.95 -23.90
N THR C 438 1.83 43.13 -24.32
CA THR C 438 2.30 43.66 -25.60
C THR C 438 3.82 43.76 -25.63
N LEU C 439 4.40 44.35 -24.59
CA LEU C 439 5.84 44.49 -24.53
C LEU C 439 6.53 43.13 -24.53
N THR C 440 5.95 42.16 -23.81
CA THR C 440 6.50 40.80 -23.81
C THR C 440 6.56 40.23 -25.21
N LEU C 441 5.46 40.35 -25.95
CA LEU C 441 5.42 39.84 -27.31
C LEU C 441 6.41 40.56 -28.21
N GLU C 442 6.54 41.89 -28.03
CA GLU C 442 7.46 42.67 -28.83
C GLU C 442 8.88 42.21 -28.60
N ILE C 443 9.23 41.96 -27.34
CA ILE C 443 10.57 41.48 -27.02
C ILE C 443 10.81 40.13 -27.67
N GLN C 444 9.86 39.20 -27.53
CA GLN C 444 10.00 37.90 -28.15
C GLN C 444 10.15 38.03 -29.67
N LYS C 445 9.38 38.94 -30.27
CA LYS C 445 9.42 39.10 -31.72
C LYS C 445 10.77 39.66 -32.18
N GLU C 446 11.39 40.53 -31.37
CA GLU C 446 12.65 41.15 -31.74
C GLU C 446 13.86 40.29 -31.39
N HIS C 447 13.80 39.59 -30.26
CA HIS C 447 14.95 38.87 -29.76
C HIS C 447 14.83 37.36 -29.81
N GLY C 448 13.62 36.81 -29.83
CA GLY C 448 13.43 35.39 -30.03
C GLY C 448 12.78 34.71 -28.83
N LYS C 449 12.46 33.45 -29.04
CA LYS C 449 11.67 32.68 -28.08
C LYS C 449 12.52 32.01 -27.01
N LEU C 450 13.78 31.68 -27.31
CA LEU C 450 14.64 31.09 -26.30
C LEU C 450 14.89 32.08 -25.17
N LEU C 451 14.89 31.58 -23.93
CA LEU C 451 15.03 32.47 -22.78
C LEU C 451 16.33 33.24 -22.83
N LYS C 452 17.42 32.60 -23.27
CA LYS C 452 18.69 33.29 -23.41
C LYS C 452 18.58 34.45 -24.41
N ASP C 453 17.77 34.27 -25.46
CA ASP C 453 17.52 35.35 -26.40
C ASP C 453 16.52 36.35 -25.84
N PHE C 454 15.44 35.85 -25.24
CA PHE C 454 14.39 36.73 -24.74
C PHE C 454 14.92 37.65 -23.65
N ASN C 455 15.84 37.13 -22.83
CA ASN C 455 16.34 37.93 -21.70
C ASN C 455 17.09 39.15 -22.18
N LYS C 456 17.65 39.11 -23.39
CA LYS C 456 18.41 40.24 -23.89
C LYS C 456 17.54 41.47 -24.07
N GLY C 457 16.26 41.28 -24.38
CA GLY C 457 15.33 42.38 -24.47
C GLY C 457 14.87 42.96 -23.15
N LEU C 458 15.28 42.37 -22.03
CA LEU C 458 14.86 42.85 -20.70
C LEU C 458 15.81 43.88 -20.12
N VAL C 459 16.85 44.26 -20.86
CA VAL C 459 17.91 45.13 -20.38
C VAL C 459 17.83 46.43 -21.15
N ASN C 460 17.88 47.56 -20.42
CA ASN C 460 17.83 48.89 -21.01
C ASN C 460 16.67 49.01 -22.00
N ASN C 461 15.52 48.48 -21.60
CA ASN C 461 14.31 48.57 -22.42
C ASN C 461 13.55 49.80 -21.93
N LYS C 462 13.55 50.88 -22.73
CA LYS C 462 12.89 52.11 -22.30
C LYS C 462 11.40 51.89 -22.03
N ALA C 463 10.78 50.99 -22.78
CA ALA C 463 9.36 50.72 -22.56
C ALA C 463 9.12 50.03 -21.23
N ILE C 464 10.06 49.16 -20.80
CA ILE C 464 9.97 48.61 -19.46
C ILE C 464 10.07 49.72 -18.43
N GLU C 465 11.04 50.61 -18.59
CA GLU C 465 11.22 51.68 -17.60
C GLU C 465 9.99 52.57 -17.52
N ASP C 466 9.44 52.94 -18.69
CA ASP C 466 8.21 53.74 -18.71
C ASP C 466 7.10 53.03 -17.95
N LEU C 467 6.88 51.74 -18.24
CA LEU C 467 5.77 51.04 -17.61
C LEU C 467 6.00 50.88 -16.12
N LYS C 468 7.23 50.53 -15.73
CA LYS C 468 7.56 50.47 -14.30
C LYS C 468 7.27 51.80 -13.62
N ALA C 469 7.74 52.91 -14.20
CA ALA C 469 7.50 54.22 -13.62
C ALA C 469 6.01 54.52 -13.50
N ASP C 470 5.22 54.20 -14.54
CA ASP C 470 3.79 54.46 -14.48
C ASP C 470 3.14 53.62 -13.40
N VAL C 471 3.58 52.37 -13.26
CA VAL C 471 3.04 51.45 -12.26
C VAL C 471 3.26 52.00 -10.86
N GLU C 472 4.49 52.44 -10.56
CA GLU C 472 4.74 52.90 -9.19
C GLU C 472 4.03 54.21 -8.91
N LYS C 473 3.95 55.11 -9.89
CA LYS C 473 3.14 56.31 -9.71
C LYS C 473 1.72 55.93 -9.31
N PHE C 474 1.11 55.03 -10.08
CA PHE C 474 -0.24 54.56 -9.81
C PHE C 474 -0.33 53.93 -8.42
N SER C 475 0.60 53.02 -8.12
CA SER C 475 0.52 52.28 -6.87
C SER C 475 0.61 53.22 -5.68
N ALA C 476 1.38 54.29 -5.81
CA ALA C 476 1.61 55.22 -4.72
C ALA C 476 0.37 56.05 -4.39
N LEU C 477 -0.65 56.01 -5.25
CA LEU C 477 -1.86 56.78 -4.95
C LEU C 477 -2.70 56.17 -3.84
N PHE C 478 -2.44 54.93 -3.44
CA PHE C 478 -3.38 54.20 -2.61
C PHE C 478 -2.82 53.94 -1.22
N ASP C 479 -3.74 53.80 -0.26
CA ASP C 479 -3.35 53.43 1.10
C ASP C 479 -2.84 52.00 1.13
N MET C 480 -2.40 51.57 2.32
CA MET C 480 -1.77 50.27 2.48
C MET C 480 -1.94 49.68 3.87
N PRO C 481 -2.60 48.53 3.97
CA PRO C 481 -2.79 47.90 5.27
C PRO C 481 -1.53 47.17 5.70
N GLY C 482 -1.42 46.93 7.00
CA GLY C 482 -0.41 46.07 7.56
C GLY C 482 0.78 46.82 8.14
N PHE C 483 1.11 47.97 7.56
CA PHE C 483 2.18 48.81 8.06
C PHE C 483 1.90 50.23 7.58
N LEU C 484 2.58 51.19 8.20
CA LEU C 484 2.46 52.59 7.84
C LEU C 484 3.47 52.91 6.75
N VAL C 485 2.97 53.20 5.55
CA VAL C 485 3.82 53.63 4.44
C VAL C 485 4.64 54.84 4.84
N SER C 486 4.04 55.77 5.59
CA SER C 486 4.72 56.98 6.00
C SER C 486 5.97 56.69 6.83
N GLU C 487 6.04 55.52 7.46
CA GLU C 487 7.11 55.20 8.39
C GLU C 487 8.12 54.21 7.80
N MET C 488 7.99 53.82 6.53
CA MET C 488 8.92 52.82 6.04
C MET C 488 10.29 53.44 5.74
N LYS C 489 11.30 52.57 5.78
CA LYS C 489 12.67 53.02 5.56
C LYS C 489 12.87 53.57 4.17
N TYR C 490 12.31 52.92 3.15
CA TYR C 490 12.66 53.22 1.78
C TYR C 490 11.60 54.12 1.15
N LYS C 491 11.97 55.36 0.90
CA LYS C 491 11.02 56.40 0.54
C LYS C 491 11.09 56.74 -0.94
N ASP C 492 10.08 57.47 -1.40
CA ASP C 492 9.90 57.75 -2.81
C ASP C 492 10.97 58.71 -3.36
N HIS D 21 -20.17 50.93 0.66
CA HIS D 21 -18.82 51.45 0.45
C HIS D 21 -17.82 50.74 1.39
N MET D 22 -16.61 50.54 0.88
CA MET D 22 -15.58 49.87 1.65
C MET D 22 -15.13 50.76 2.80
N ASP D 23 -14.72 50.14 3.91
CA ASP D 23 -14.07 50.88 4.97
C ASP D 23 -12.79 51.55 4.46
N PRO D 24 -12.40 52.67 5.06
CA PRO D 24 -11.06 53.21 4.80
C PRO D 24 -10.01 52.20 5.19
N VAL D 25 -8.91 52.19 4.44
CA VAL D 25 -7.86 51.19 4.70
C VAL D 25 -7.37 51.31 6.14
N SER D 26 -7.22 52.54 6.64
CA SER D 26 -6.58 52.72 7.93
C SER D 26 -7.40 52.10 9.06
N VAL D 27 -8.74 52.16 8.97
CA VAL D 27 -9.58 51.73 10.08
C VAL D 27 -9.42 50.24 10.36
N TRP D 28 -9.56 49.42 9.33
CA TRP D 28 -9.38 47.98 9.50
C TRP D 28 -7.93 47.56 9.37
N GLY D 29 -7.16 48.27 8.55
CA GLY D 29 -5.87 47.77 8.09
C GLY D 29 -4.63 48.30 8.77
N ASN D 30 -4.73 49.44 9.45
CA ASN D 30 -3.58 50.02 10.14
C ASN D 30 -3.80 50.21 11.64
N THR D 31 -5.01 49.98 12.14
CA THR D 31 -5.32 50.22 13.54
C THR D 31 -4.68 49.13 14.41
N PRO D 32 -4.11 49.49 15.56
CA PRO D 32 -3.45 48.46 16.40
C PRO D 32 -4.42 47.38 16.87
N LEU D 33 -3.86 46.18 17.09
CA LEU D 33 -4.60 45.05 17.64
C LEU D 33 -5.42 45.45 18.87
N ALA D 34 -4.81 46.21 19.80
CA ALA D 34 -5.49 46.58 21.05
C ALA D 34 -6.83 47.28 20.81
N THR D 35 -6.98 47.98 19.69
CA THR D 35 -8.27 48.56 19.35
C THR D 35 -9.11 47.66 18.48
N VAL D 36 -8.47 46.98 17.51
CA VAL D 36 -9.20 46.15 16.56
C VAL D 36 -9.83 44.95 17.27
N ASP D 37 -9.08 44.32 18.17
CA ASP D 37 -9.50 43.07 18.81
C ASP D 37 -9.05 43.10 20.27
N PRO D 38 -9.76 43.84 21.12
CA PRO D 38 -9.34 43.92 22.53
C PRO D 38 -9.34 42.58 23.24
N GLU D 39 -10.26 41.67 22.90
CA GLU D 39 -10.26 40.34 23.51
C GLU D 39 -8.96 39.60 23.25
N ILE D 40 -8.56 39.51 21.98
CA ILE D 40 -7.31 38.82 21.66
C ILE D 40 -6.12 39.58 22.22
N HIS D 41 -6.15 40.92 22.14
CA HIS D 41 -5.10 41.70 22.76
C HIS D 41 -4.98 41.34 24.22
N ASP D 42 -6.10 41.32 24.93
CA ASP D 42 -6.07 41.07 26.36
C ASP D 42 -5.58 39.66 26.65
N LEU D 43 -6.01 38.69 25.84
CA LEU D 43 -5.55 37.30 26.04
C LEU D 43 -4.06 37.18 25.80
N ILE D 44 -3.53 37.87 24.79
CA ILE D 44 -2.08 37.83 24.62
C ILE D 44 -1.39 38.48 25.81
N GLU D 45 -1.92 39.58 26.34
CA GLU D 45 -1.31 40.20 27.50
C GLU D 45 -1.35 39.27 28.69
N LYS D 46 -2.43 38.52 28.86
CA LYS D 46 -2.46 37.57 29.98
C LYS D 46 -1.42 36.49 29.79
N GLU D 47 -1.24 36.03 28.54
CA GLU D 47 -0.25 35.00 28.29
C GLU D 47 1.18 35.54 28.46
N LYS D 48 1.40 36.81 28.14
CA LYS D 48 2.71 37.41 28.40
C LYS D 48 3.03 37.38 29.89
N ARG D 49 2.07 37.77 30.72
CA ARG D 49 2.29 37.76 32.16
C ARG D 49 2.55 36.35 32.65
N ARG D 50 1.73 35.40 32.19
CA ARG D 50 1.93 34.00 32.57
C ARG D 50 3.35 33.54 32.25
N GLN D 51 3.85 33.90 31.08
CA GLN D 51 5.16 33.41 30.66
C GLN D 51 6.27 33.94 31.55
N CYS D 52 6.12 35.14 32.10
CA CYS D 52 7.22 35.72 32.87
C CYS D 52 6.95 35.74 34.37
N ARG D 53 5.82 35.17 34.82
CA ARG D 53 5.54 35.09 36.26
C ARG D 53 5.34 33.66 36.74
N GLY D 54 5.59 32.67 35.89
CA GLY D 54 5.67 31.29 36.31
C GLY D 54 7.07 30.72 36.13
N ILE D 55 7.16 29.42 36.39
CA ILE D 55 8.37 28.66 36.13
C ILE D 55 8.06 27.73 34.97
N GLU D 56 8.66 28.02 33.81
CA GLU D 56 8.30 27.45 32.52
C GLU D 56 9.28 26.33 32.26
N LEU D 57 8.84 25.08 32.47
CA LEU D 57 9.76 23.96 32.46
C LEU D 57 9.46 22.94 31.35
N ILE D 58 8.59 23.28 30.40
CA ILE D 58 8.39 22.38 29.26
C ILE D 58 9.69 22.34 28.46
N ALA D 59 10.23 21.14 28.29
CA ALA D 59 11.57 21.00 27.72
C ALA D 59 11.63 21.44 26.27
N SER D 60 10.51 21.39 25.56
CA SER D 60 10.42 21.82 24.18
C SER D 60 10.09 23.30 24.02
N GLU D 61 9.93 24.03 25.11
CA GLU D 61 9.61 25.45 25.01
C GLU D 61 10.86 26.29 25.20
N ASN D 62 10.84 27.48 24.62
CA ASN D 62 11.85 28.48 24.90
C ASN D 62 11.18 29.84 24.85
N PHE D 63 11.94 30.87 25.16
CA PHE D 63 11.49 32.25 25.04
C PHE D 63 12.35 32.92 23.98
N THR D 64 11.76 33.27 22.86
CA THR D 64 12.57 33.73 21.75
C THR D 64 12.70 35.25 21.85
N SER D 65 13.61 35.81 21.05
CA SER D 65 13.95 37.22 21.16
C SER D 65 12.88 38.10 20.55
N PHE D 66 12.83 39.35 21.02
CA PHE D 66 11.98 40.36 20.39
C PHE D 66 12.30 40.50 18.90
N ALA D 67 13.59 40.45 18.54
CA ALA D 67 13.98 40.62 17.14
C ALA D 67 13.37 39.52 16.27
N VAL D 68 13.40 38.27 16.74
CA VAL D 68 12.73 37.18 16.04
C VAL D 68 11.25 37.49 15.87
N ILE D 69 10.62 37.93 16.95
CA ILE D 69 9.18 38.16 16.95
C ILE D 69 8.82 39.31 16.00
N GLU D 70 9.68 40.32 15.88
CA GLU D 70 9.43 41.42 14.96
C GLU D 70 9.49 40.95 13.50
N ALA D 71 10.40 40.03 13.18
CA ALA D 71 10.41 39.48 11.84
C ALA D 71 9.22 38.58 11.64
N LEU D 72 8.83 37.85 12.69
CA LEU D 72 7.70 36.93 12.61
C LEU D 72 6.40 37.67 12.33
N GLY D 73 6.19 38.80 13.01
CA GLY D 73 5.03 39.63 12.75
C GLY D 73 5.39 40.75 11.78
N SER D 74 5.34 40.44 10.49
CA SER D 74 5.75 41.42 9.48
C SER D 74 5.06 41.11 8.17
N ALA D 75 5.24 42.03 7.21
CA ALA D 75 4.62 41.92 5.89
C ALA D 75 5.13 40.73 5.11
N LEU D 76 6.16 40.02 5.58
CA LEU D 76 6.59 38.78 4.94
C LEU D 76 5.44 37.78 4.86
N THR D 77 4.47 37.87 5.78
CA THR D 77 3.32 36.98 5.75
C THR D 77 2.51 37.13 4.46
N ASN D 78 2.60 38.27 3.76
CA ASN D 78 1.73 38.46 2.59
C ASN D 78 2.22 37.76 1.33
N LYS D 79 3.41 37.16 1.31
CA LYS D 79 4.03 36.77 0.03
C LYS D 79 3.87 35.29 -0.29
N TYR D 80 3.42 34.98 -1.52
CA TYR D 80 3.50 33.62 -2.07
C TYR D 80 4.83 33.42 -2.80
N SER D 81 5.53 32.35 -2.47
CA SER D 81 6.88 32.18 -2.99
C SER D 81 7.24 30.69 -3.13
N GLU D 82 6.29 29.89 -3.61
CA GLU D 82 6.59 28.48 -3.84
C GLU D 82 7.76 28.34 -4.81
N GLY D 83 8.58 27.33 -4.56
CA GLY D 83 9.69 26.98 -5.43
C GLY D 83 10.98 27.21 -4.67
N MET D 84 12.03 27.57 -5.39
N MET D 84 12.04 27.56 -5.39
CA MET D 84 13.35 27.82 -4.85
CA MET D 84 13.35 27.82 -4.83
C MET D 84 13.74 29.27 -5.12
C MET D 84 13.75 29.26 -5.12
N PRO D 85 14.61 29.85 -4.29
CA PRO D 85 15.13 31.19 -4.61
C PRO D 85 15.67 31.21 -6.03
N GLY D 86 15.26 32.22 -6.79
CA GLY D 86 15.66 32.34 -8.18
C GLY D 86 14.87 31.49 -9.15
N ASN D 87 13.98 30.63 -8.67
CA ASN D 87 13.25 29.73 -9.53
C ASN D 87 11.89 29.47 -8.88
N ARG D 88 11.07 30.51 -8.83
CA ARG D 88 9.81 30.50 -8.11
C ARG D 88 8.63 30.30 -9.06
N TYR D 89 7.49 29.93 -8.47
CA TYR D 89 6.24 29.82 -9.19
C TYR D 89 5.46 31.13 -9.21
N TYR D 90 6.04 32.21 -8.67
CA TYR D 90 5.35 33.48 -8.53
C TYR D 90 6.35 34.60 -8.76
N GLY D 91 5.87 35.71 -9.32
CA GLY D 91 6.67 36.90 -9.39
C GLY D 91 6.77 37.60 -8.04
N GLY D 92 7.63 38.62 -8.01
CA GLY D 92 7.73 39.52 -6.89
C GLY D 92 8.60 39.06 -5.75
N ASN D 93 9.44 38.04 -5.95
CA ASN D 93 10.13 37.41 -4.84
C ASN D 93 11.59 37.82 -4.72
N GLU D 94 11.99 38.93 -5.33
CA GLU D 94 13.40 39.34 -5.28
C GLU D 94 13.91 39.44 -3.84
N TYR D 95 13.11 40.00 -2.92
CA TYR D 95 13.60 40.13 -1.55
C TYR D 95 13.37 38.88 -0.72
N ILE D 96 12.21 38.24 -0.90
CA ILE D 96 11.97 36.95 -0.25
C ILE D 96 13.08 35.97 -0.60
N ASP D 97 13.58 36.03 -1.84
CA ASP D 97 14.66 35.13 -2.22
C ASP D 97 15.92 35.43 -1.41
N GLN D 98 16.28 36.71 -1.27
CA GLN D 98 17.45 37.05 -0.45
C GLN D 98 17.26 36.61 0.98
N ILE D 99 16.04 36.73 1.52
CA ILE D 99 15.80 36.30 2.89
C ILE D 99 15.95 34.79 3.02
N GLU D 100 15.36 34.02 2.09
CA GLU D 100 15.52 32.57 2.20
C GLU D 100 16.96 32.14 1.99
N ASN D 101 17.66 32.75 1.04
CA ASN D 101 19.09 32.46 0.81
C ASN D 101 19.90 32.77 2.06
N LEU D 102 19.64 33.93 2.68
CA LEU D 102 20.33 34.28 3.91
C LEU D 102 20.03 33.27 5.01
N CYS D 103 18.77 32.87 5.14
CA CYS D 103 18.39 31.88 6.14
C CYS D 103 19.14 30.56 5.93
N ARG D 104 19.13 30.04 4.71
CA ARG D 104 19.83 28.77 4.45
C ARG D 104 21.32 28.88 4.74
N SER D 105 21.94 30.00 4.33
CA SER D 105 23.36 30.15 4.59
CA SER D 105 23.36 30.20 4.60
C SER D 105 23.65 30.24 6.09
N ARG D 106 22.82 30.97 6.84
CA ARG D 106 23.03 31.09 8.28
C ARG D 106 22.76 29.76 9.00
N ALA D 107 21.84 28.95 8.47
CA ALA D 107 21.62 27.62 9.03
C ALA D 107 22.87 26.76 8.89
N LEU D 108 23.51 26.79 7.72
CA LEU D 108 24.76 26.05 7.56
C LEU D 108 25.84 26.62 8.45
N GLN D 109 25.91 27.95 8.54
CA GLN D 109 26.92 28.60 9.36
C GLN D 109 26.74 28.24 10.83
N ALA D 110 25.49 28.16 11.28
CA ALA D 110 25.23 27.96 12.70
C ALA D 110 25.68 26.58 13.16
N PHE D 111 25.68 25.59 12.27
CA PHE D 111 26.13 24.25 12.59
C PHE D 111 27.49 23.95 11.98
N HIS D 112 28.21 24.98 11.54
CA HIS D 112 29.58 24.87 11.05
C HIS D 112 29.67 23.81 9.95
N LEU D 113 28.73 23.88 9.01
CA LEU D 113 28.65 22.89 7.93
C LEU D 113 29.20 23.48 6.65
N ASP D 114 29.94 22.67 5.90
CA ASP D 114 30.48 23.10 4.62
C ASP D 114 29.41 22.91 3.55
N ALA D 115 29.12 23.98 2.82
CA ALA D 115 28.05 23.96 1.82
C ALA D 115 28.31 22.95 0.71
N GLN D 116 29.56 22.53 0.50
CA GLN D 116 29.84 21.51 -0.50
C GLN D 116 29.43 20.12 -0.01
N SER D 117 29.27 19.96 1.30
CA SER D 117 28.98 18.67 1.92
C SER D 117 27.58 18.58 2.47
N TRP D 118 26.91 19.72 2.68
CA TRP D 118 25.62 19.79 3.32
C TRP D 118 24.79 20.86 2.66
N GLY D 119 23.51 20.59 2.49
CA GLY D 119 22.54 21.60 2.14
C GLY D 119 21.43 21.61 3.18
N VAL D 120 20.53 22.57 3.04
CA VAL D 120 19.46 22.70 4.02
C VAL D 120 18.24 23.29 3.35
N ASN D 121 17.09 22.76 3.70
CA ASN D 121 15.80 23.30 3.27
C ASN D 121 15.14 23.90 4.50
N VAL D 122 14.82 25.20 4.43
CA VAL D 122 14.27 25.94 5.57
C VAL D 122 12.78 26.22 5.41
N GLN D 123 12.12 25.58 4.46
CA GLN D 123 10.69 25.81 4.28
C GLN D 123 9.74 24.99 5.15
N PRO D 124 10.13 23.90 5.81
CA PRO D 124 9.14 23.13 6.58
C PRO D 124 8.41 24.00 7.60
N TYR D 125 7.09 23.82 7.67
CA TYR D 125 6.27 24.67 8.54
C TYR D 125 6.61 24.46 10.00
N SER D 126 7.01 23.25 10.37
CA SER D 126 7.29 22.93 11.76
C SER D 126 8.10 21.63 11.77
N GLY D 127 8.32 21.09 12.96
CA GLY D 127 9.12 19.87 13.06
C GLY D 127 8.46 18.65 12.44
N SER D 128 7.18 18.46 12.70
CA SER D 128 6.49 17.30 12.17
C SER D 128 6.43 17.38 10.65
N PRO D 129 6.10 18.53 10.07
CA PRO D 129 6.22 18.64 8.61
C PRO D 129 7.64 18.39 8.11
N ALA D 130 8.66 18.83 8.83
CA ALA D 130 10.02 18.57 8.36
C ALA D 130 10.30 17.07 8.31
N ASN D 131 9.83 16.32 9.32
CA ASN D 131 10.12 14.89 9.34
C ASN D 131 9.35 14.17 8.25
N PHE D 132 8.06 14.49 8.11
CA PHE D 132 7.28 13.81 7.08
C PHE D 132 7.82 14.06 5.69
N ALA D 133 8.34 15.27 5.45
CA ALA D 133 8.97 15.57 4.17
C ALA D 133 10.27 14.80 3.98
N ALA D 134 11.13 14.75 5.01
CA ALA D 134 12.32 13.93 4.92
C ALA D 134 11.97 12.47 4.62
N TYR D 135 10.94 11.94 5.28
CA TYR D 135 10.55 10.55 5.03
C TYR D 135 10.05 10.38 3.60
N THR D 136 9.20 11.30 3.17
CA THR D 136 8.62 11.24 1.83
C THR D 136 9.69 11.34 0.75
N ALA D 137 10.77 12.10 1.03
CA ALA D 137 11.85 12.24 0.07
C ALA D 137 12.58 10.94 -0.20
N VAL D 138 12.80 10.13 0.83
CA VAL D 138 13.67 8.96 0.69
C VAL D 138 12.93 7.63 0.82
N LEU D 139 11.64 7.66 1.15
CA LEU D 139 10.88 6.43 1.32
C LEU D 139 9.67 6.41 0.42
N ASN D 140 9.31 5.22 -0.04
CA ASN D 140 8.02 4.95 -0.65
C ASN D 140 7.02 4.60 0.44
N PRO D 141 5.72 4.75 0.17
CA PRO D 141 4.72 4.31 1.14
C PRO D 141 5.00 2.88 1.59
N HIS D 142 4.86 2.67 2.89
CA HIS D 142 4.98 1.39 3.58
C HIS D 142 6.44 0.96 3.76
N ASP D 143 7.41 1.76 3.33
CA ASP D 143 8.79 1.40 3.63
C ASP D 143 9.02 1.41 5.14
N ARG D 144 10.03 0.66 5.57
CA ARG D 144 10.21 0.42 7.00
C ARG D 144 11.13 1.44 7.63
N ILE D 145 10.74 1.89 8.83
CA ILE D 145 11.48 2.87 9.62
C ILE D 145 11.57 2.36 11.05
N MET D 146 12.69 2.70 11.70
CA MET D 146 12.97 2.38 13.09
C MET D 146 13.33 3.67 13.79
N GLY D 147 12.60 4.00 14.86
CA GLY D 147 12.94 5.12 15.69
C GLY D 147 12.85 4.74 17.15
N LEU D 148 13.29 5.64 18.01
CA LEU D 148 13.21 5.38 19.44
C LEU D 148 11.74 5.35 19.85
N ASP D 149 11.35 4.28 20.53
CA ASP D 149 9.97 4.14 21.01
C ASP D 149 9.61 5.35 21.86
N LEU D 150 8.38 5.84 21.70
CA LEU D 150 7.98 7.03 22.45
C LEU D 150 8.10 6.87 23.96
N PRO D 151 7.68 5.75 24.58
CA PRO D 151 7.92 5.60 26.03
C PRO D 151 9.40 5.53 26.38
N SER D 152 10.26 5.23 25.42
CA SER D 152 11.69 5.19 25.65
C SER D 152 12.32 6.55 25.44
N GLY D 153 11.56 7.52 24.95
CA GLY D 153 12.08 8.86 24.72
C GLY D 153 11.98 9.36 23.30
N GLY D 154 11.48 8.57 22.34
CA GLY D 154 11.38 9.06 20.98
C GLY D 154 10.14 9.91 20.74
N HIS D 155 10.07 10.49 19.55
CA HIS D 155 8.99 11.39 19.19
C HIS D 155 7.87 10.66 18.46
N LEU D 156 6.65 11.22 18.60
CA LEU D 156 5.49 10.80 17.80
C LEU D 156 5.87 10.50 16.36
N THR D 157 6.56 11.43 15.72
CA THR D 157 6.80 11.27 14.29
C THR D 157 7.90 10.28 13.97
N HIS D 158 8.44 9.58 14.96
CA HIS D 158 9.44 8.55 14.69
C HIS D 158 8.79 7.17 14.53
N GLY D 159 7.48 7.14 14.31
CA GLY D 159 6.81 5.90 13.98
C GLY D 159 5.97 5.33 15.08
N TYR D 160 5.38 6.20 15.89
CA TYR D 160 4.72 5.78 17.11
C TYR D 160 3.39 5.08 16.80
N TYR D 161 3.28 3.82 17.19
CA TYR D 161 2.02 3.18 17.49
C TYR D 161 2.13 2.65 18.90
N THR D 162 0.99 2.41 19.53
CA THR D 162 1.04 2.09 20.95
C THR D 162 1.38 0.62 21.14
N SER D 163 1.76 0.29 22.39
CA SER D 163 1.89 -1.12 22.74
C SER D 163 0.56 -1.88 22.62
N GLY D 164 -0.56 -1.20 22.40
CA GLY D 164 -1.81 -1.85 22.11
C GLY D 164 -2.11 -1.97 20.64
N GLY D 165 -1.19 -1.55 19.78
CA GLY D 165 -1.38 -1.67 18.34
C GLY D 165 -2.10 -0.50 17.69
N LYS D 166 -2.38 0.57 18.43
CA LYS D 166 -3.06 1.70 17.82
C LYS D 166 -2.05 2.58 17.09
N LYS D 167 -2.25 2.74 15.79
CA LYS D 167 -1.41 3.66 15.03
C LYS D 167 -1.76 5.09 15.41
N ILE D 168 -0.79 5.80 15.98
CA ILE D 168 -1.06 7.13 16.51
C ILE D 168 -0.49 8.15 15.54
N SER D 169 0.80 8.07 15.27
CA SER D 169 1.40 8.99 14.31
C SER D 169 1.12 8.50 12.90
N ALA D 170 0.95 9.44 11.98
CA ALA D 170 0.86 9.07 10.57
C ALA D 170 2.15 8.47 10.06
N THR D 171 3.27 8.66 10.75
CA THR D 171 4.48 7.95 10.34
C THR D 171 4.33 6.44 10.49
N SER D 172 3.41 5.96 11.33
CA SER D 172 3.17 4.52 11.43
CA SER D 172 3.11 4.55 11.49
C SER D 172 2.02 4.07 10.54
N ILE D 173 1.39 5.00 9.82
CA ILE D 173 0.29 4.71 8.90
C ILE D 173 0.79 4.64 7.46
N TYR D 174 1.51 5.66 7.04
CA TYR D 174 2.02 5.70 5.69
C TYR D 174 3.34 4.97 5.53
N PHE D 175 4.02 4.68 6.65
CA PHE D 175 5.22 3.87 6.67
C PHE D 175 5.07 2.76 7.69
N GLU D 176 5.99 1.81 7.65
CA GLU D 176 5.95 0.65 8.52
C GLU D 176 6.99 0.83 9.60
N SER D 177 6.53 1.02 10.83
CA SER D 177 7.38 1.39 11.94
C SER D 177 7.63 0.20 12.85
N LEU D 178 8.86 0.10 13.37
CA LEU D 178 9.18 -0.80 14.47
C LEU D 178 10.16 -0.04 15.34
N PRO D 179 9.78 0.30 16.55
CA PRO D 179 10.66 1.10 17.41
C PRO D 179 11.74 0.28 18.07
N TYR D 180 12.85 0.95 18.39
CA TYR D 180 13.81 0.40 19.33
C TYR D 180 13.62 1.08 20.69
N LYS D 181 14.11 0.42 21.73
CA LYS D 181 13.82 0.82 23.10
C LYS D 181 15.11 1.01 23.89
N VAL D 182 14.96 1.68 25.04
CA VAL D 182 16.03 1.71 26.03
C VAL D 182 16.00 0.43 26.85
N ASN D 183 17.14 0.14 27.47
CA ASN D 183 17.23 -0.90 28.48
C ASN D 183 16.25 -0.63 29.61
N SER D 184 15.40 -1.61 29.92
CA SER D 184 14.34 -1.40 30.88
C SER D 184 14.85 -1.17 32.29
N THR D 185 16.13 -1.43 32.54
CA THR D 185 16.73 -1.22 33.86
C THR D 185 17.51 0.09 33.94
N THR D 186 18.37 0.34 32.96
CA THR D 186 19.27 1.48 33.00
C THR D 186 18.69 2.74 32.37
N GLY D 187 17.75 2.60 31.44
CA GLY D 187 17.24 3.78 30.75
C GLY D 187 18.06 4.23 29.56
N TYR D 188 19.18 3.61 29.30
CA TYR D 188 19.99 3.96 28.13
C TYR D 188 19.55 3.13 26.95
N ILE D 189 19.71 3.70 25.75
CA ILE D 189 19.49 2.96 24.53
C ILE D 189 20.31 1.67 24.54
N ASP D 190 19.65 0.58 24.19
CA ASP D 190 20.28 -0.72 24.13
C ASP D 190 20.77 -0.88 22.71
N TYR D 191 22.05 -0.59 22.47
CA TYR D 191 22.52 -0.55 21.09
C TYR D 191 22.64 -1.93 20.49
N ASP D 192 22.89 -2.95 21.32
CA ASP D 192 22.90 -4.32 20.83
C ASP D 192 21.53 -4.74 20.34
N ARG D 193 20.49 -4.47 21.15
CA ARG D 193 19.13 -4.81 20.73
C ARG D 193 18.69 -3.99 19.53
N LEU D 194 19.11 -2.72 19.47
CA LEU D 194 18.86 -1.94 18.26
C LEU D 194 19.44 -2.65 17.04
N GLU D 195 20.68 -3.12 17.15
CA GLU D 195 21.30 -3.80 16.02
C GLU D 195 20.54 -5.08 15.66
N GLU D 196 20.23 -5.91 16.66
CA GLU D 196 19.48 -7.13 16.37
C GLU D 196 18.18 -6.81 15.66
N LYS D 197 17.46 -5.81 16.17
CA LYS D 197 16.18 -5.43 15.58
C LYS D 197 16.34 -4.94 14.14
N ALA D 198 17.36 -4.11 13.89
CA ALA D 198 17.58 -3.60 12.54
C ALA D 198 17.90 -4.73 11.57
N LEU D 199 18.69 -5.72 11.99
CA LEU D 199 19.01 -6.81 11.08
C LEU D 199 17.82 -7.74 10.86
N ASP D 200 16.88 -7.80 11.81
CA ASP D 200 15.66 -8.59 11.63
C ASP D 200 14.66 -7.87 10.75
N PHE D 201 14.36 -6.62 11.10
CA PHE D 201 13.29 -5.81 10.48
C PHE D 201 13.73 -5.25 9.13
N ARG D 202 15.02 -4.98 9.00
CA ARG D 202 15.62 -4.40 7.79
CA ARG D 202 15.60 -4.42 7.78
C ARG D 202 14.93 -3.10 7.40
N PRO D 203 15.04 -2.07 8.25
CA PRO D 203 14.42 -0.78 7.92
C PRO D 203 15.16 -0.12 6.76
N LYS D 204 14.39 0.64 5.99
CA LYS D 204 15.04 1.51 4.99
C LYS D 204 15.64 2.75 5.63
N LEU D 205 15.08 3.19 6.76
CA LEU D 205 15.51 4.40 7.44
C LEU D 205 15.55 4.12 8.93
N ILE D 206 16.65 4.51 9.58
CA ILE D 206 16.75 4.49 11.03
C ILE D 206 16.79 5.92 11.50
N ILE D 207 15.97 6.22 12.50
CA ILE D 207 15.87 7.54 13.08
C ILE D 207 16.54 7.51 14.45
N CYS D 208 17.38 8.50 14.72
CA CYS D 208 17.85 8.77 16.07
C CYS D 208 17.49 10.20 16.42
N GLY D 209 17.76 10.55 17.68
CA GLY D 209 17.21 11.76 18.27
C GLY D 209 15.87 11.48 18.92
N GLY D 210 15.51 12.33 19.88
CA GLY D 210 14.28 12.05 20.58
C GLY D 210 13.74 13.26 21.30
N SER D 211 12.65 13.02 22.04
CA SER D 211 11.97 14.09 22.77
C SER D 211 12.17 14.03 24.27
N ALA D 212 12.49 12.88 24.82
CA ALA D 212 12.57 12.78 26.27
C ALA D 212 13.71 11.86 26.68
N TYR D 213 14.72 11.71 25.83
CA TYR D 213 15.88 10.91 26.16
C TYR D 213 16.93 11.79 26.81
N PRO D 214 17.30 11.55 28.10
CA PRO D 214 18.17 12.50 28.83
C PRO D 214 19.65 12.28 28.60
N ARG D 215 20.02 11.54 27.56
CA ARG D 215 21.43 11.26 27.33
C ARG D 215 21.81 11.62 25.91
N ASP D 216 23.11 11.64 25.66
CA ASP D 216 23.58 11.85 24.31
C ASP D 216 23.46 10.54 23.52
N TRP D 217 23.78 10.63 22.23
CA TRP D 217 23.56 9.56 21.26
C TRP D 217 24.90 9.14 20.69
N ASP D 218 25.11 7.83 20.57
CA ASP D 218 26.33 7.33 19.92
C ASP D 218 26.04 7.25 18.44
N TYR D 219 26.18 8.40 17.76
CA TYR D 219 25.86 8.42 16.34
C TYR D 219 26.78 7.52 15.55
N LYS D 220 28.02 7.35 16.00
CA LYS D 220 28.93 6.45 15.30
C LYS D 220 28.40 5.01 15.32
N ARG D 221 27.85 4.58 16.46
CA ARG D 221 27.29 3.24 16.52
C ARG D 221 26.02 3.14 15.68
N PHE D 222 25.18 4.18 15.68
CA PHE D 222 24.02 4.18 14.79
C PHE D 222 24.47 4.03 13.34
N ARG D 223 25.53 4.74 12.95
CA ARG D 223 26.04 4.60 11.58
C ARG D 223 26.54 3.19 11.32
N GLU D 224 27.17 2.56 12.31
CA GLU D 224 27.63 1.19 12.14
C GLU D 224 26.45 0.25 11.94
N VAL D 225 25.36 0.45 12.68
CA VAL D 225 24.18 -0.38 12.51
C VAL D 225 23.54 -0.13 11.15
N ALA D 226 23.37 1.14 10.80
CA ALA D 226 22.76 1.49 9.51
C ALA D 226 23.55 0.86 8.37
N ASP D 227 24.87 0.90 8.45
CA ASP D 227 25.69 0.35 7.38
C ASP D 227 25.56 -1.17 7.31
N LYS D 228 25.46 -1.84 8.47
CA LYS D 228 25.32 -3.30 8.47
C LYS D 228 23.99 -3.74 7.89
N CYS D 229 22.91 -3.00 8.11
CA CYS D 229 21.62 -3.38 7.56
C CYS D 229 21.27 -2.65 6.28
N GLY D 230 22.12 -1.74 5.82
CA GLY D 230 21.81 -1.03 4.59
C GLY D 230 20.76 0.06 4.71
N ALA D 231 20.62 0.67 5.88
CA ALA D 231 19.61 1.71 6.05
C ALA D 231 20.21 3.10 5.91
N LEU D 232 19.36 4.04 5.53
CA LEU D 232 19.67 5.45 5.71
C LEU D 232 19.59 5.81 7.18
N LEU D 233 20.33 6.84 7.59
CA LEU D 233 20.38 7.27 8.98
C LEU D 233 20.02 8.74 9.10
N LEU D 234 18.94 9.02 9.82
CA LEU D 234 18.42 10.36 10.01
C LEU D 234 18.47 10.68 11.49
N CYS D 235 18.98 11.85 11.85
CA CYS D 235 18.88 12.33 13.21
C CYS D 235 17.88 13.47 13.27
N ASP D 236 16.96 13.38 14.20
CA ASP D 236 16.03 14.45 14.52
C ASP D 236 16.57 15.16 15.76
N MET D 237 17.25 16.30 15.57
CA MET D 237 17.86 16.93 16.72
C MET D 237 16.98 18.01 17.32
N ALA D 238 15.72 18.11 16.92
CA ALA D 238 14.83 19.18 17.37
C ALA D 238 15.14 19.71 18.77
N HIS D 239 15.16 18.82 19.75
CA HIS D 239 15.28 19.24 21.14
C HIS D 239 16.64 19.87 21.42
N THR D 240 17.72 19.24 20.97
CA THR D 240 19.06 19.70 21.33
C THR D 240 19.75 20.51 20.24
N SER D 241 19.01 20.97 19.22
CA SER D 241 19.65 21.62 18.08
C SER D 241 20.51 22.80 18.53
N GLY D 242 20.03 23.58 19.51
CA GLY D 242 20.84 24.67 20.03
C GLY D 242 22.14 24.17 20.65
N LEU D 243 22.05 23.04 21.37
CA LEU D 243 23.23 22.47 22.01
C LEU D 243 24.18 21.93 20.94
N VAL D 244 23.62 21.38 19.86
CA VAL D 244 24.42 20.87 18.76
C VAL D 244 25.18 22.00 18.09
N ALA D 245 24.48 23.09 17.79
CA ALA D 245 25.10 24.24 17.15
C ALA D 245 26.23 24.81 18.01
N ALA D 246 26.02 24.87 19.31
CA ALA D 246 27.05 25.36 20.22
C ALA D 246 28.13 24.34 20.48
N GLN D 247 28.04 23.15 19.87
CA GLN D 247 29.01 22.08 20.03
C GLN D 247 29.10 21.65 21.50
N GLU D 248 27.96 21.58 22.16
CA GLU D 248 27.90 21.12 23.54
C GLU D 248 27.37 19.70 23.68
N VAL D 249 26.91 19.09 22.60
CA VAL D 249 26.57 17.66 22.58
C VAL D 249 27.16 17.09 21.29
N ASN D 250 27.10 15.76 21.17
CA ASN D 250 27.62 15.10 19.98
C ASN D 250 26.94 15.64 18.74
N SER D 251 27.70 15.73 17.66
CA SER D 251 27.16 16.25 16.41
C SER D 251 26.60 15.12 15.56
N PRO D 252 25.33 15.14 15.21
CA PRO D 252 24.79 14.09 14.33
C PRO D 252 25.31 14.18 12.91
N PHE D 253 25.76 15.37 12.48
CA PHE D 253 26.22 15.53 11.10
C PHE D 253 27.44 14.67 10.80
N GLU D 254 28.19 14.27 11.83
CA GLU D 254 29.38 13.46 11.60
C GLU D 254 29.02 12.10 10.99
N TYR D 255 27.81 11.62 11.25
CA TYR D 255 27.47 10.24 10.91
C TYR D 255 26.12 10.07 10.24
N CYS D 256 25.25 11.07 10.23
CA CYS D 256 23.89 10.91 9.71
C CYS D 256 23.81 11.45 8.29
N ASP D 257 22.97 10.79 7.48
CA ASP D 257 22.71 11.24 6.11
C ASP D 257 21.87 12.50 6.09
N ILE D 258 20.85 12.55 6.93
CA ILE D 258 19.87 13.62 7.00
C ILE D 258 19.74 14.00 8.46
N VAL D 259 19.61 15.30 8.72
CA VAL D 259 19.37 15.82 10.05
C VAL D 259 18.17 16.75 9.98
N THR D 260 17.11 16.41 10.70
CA THR D 260 15.96 17.29 10.79
C THR D 260 16.01 18.00 12.13
N THR D 261 15.30 19.12 12.21
CA THR D 261 15.21 19.82 13.46
C THR D 261 14.02 20.76 13.43
N THR D 262 13.53 21.10 14.60
CA THR D 262 12.74 22.29 14.79
C THR D 262 13.69 23.43 15.13
N THR D 263 13.15 24.63 15.09
CA THR D 263 13.94 25.81 15.36
C THR D 263 13.48 26.55 16.62
N HIS D 264 12.43 26.06 17.28
CA HIS D 264 11.86 26.80 18.41
C HIS D 264 12.18 26.21 19.77
N LYS D 265 12.91 25.11 19.84
CA LYS D 265 13.25 24.53 21.14
C LYS D 265 14.56 25.13 21.61
N SER D 266 15.63 24.32 21.75
CA SER D 266 16.84 24.89 22.32
C SER D 266 17.51 25.85 21.35
N LEU D 267 17.16 25.79 20.06
CA LEU D 267 17.65 26.75 19.09
C LEU D 267 17.09 28.15 19.32
N ARG D 268 15.95 28.30 20.00
CA ARG D 268 15.43 29.60 20.46
C ARG D 268 14.97 30.48 19.32
N GLY D 269 14.48 29.87 18.24
CA GLY D 269 13.96 30.65 17.14
C GLY D 269 12.45 30.57 17.06
N PRO D 270 11.93 30.92 15.88
CA PRO D 270 10.48 30.81 15.64
C PRO D 270 10.11 29.34 15.52
N ARG D 271 8.81 29.07 15.41
CA ARG D 271 8.38 27.70 15.19
C ARG D 271 8.49 27.38 13.71
N ALA D 272 9.37 26.45 13.38
CA ALA D 272 9.71 26.14 12.01
C ALA D 272 10.48 24.83 12.04
N GLY D 273 10.67 24.24 10.86
CA GLY D 273 11.49 23.06 10.73
C GLY D 273 12.56 23.31 9.70
N MET D 274 13.60 22.49 9.78
CA MET D 274 14.71 22.56 8.84
C MET D 274 15.09 21.14 8.50
N ILE D 275 15.51 20.90 7.26
CA ILE D 275 16.04 19.59 6.90
C ILE D 275 17.43 19.80 6.31
N PHE D 276 18.44 19.28 6.98
CA PHE D 276 19.80 19.21 6.48
C PHE D 276 20.03 17.88 5.78
N TYR D 277 20.83 17.89 4.72
CA TYR D 277 21.10 16.65 4.00
C TYR D 277 22.50 16.70 3.40
N ARG D 278 23.10 15.53 3.29
CA ARG D 278 24.43 15.43 2.72
C ARG D 278 24.40 15.71 1.22
N LYS D 279 25.49 16.31 0.73
CA LYS D 279 25.75 16.56 -0.67
C LYS D 279 27.17 16.13 -0.97
N GLY D 280 27.48 16.06 -2.26
CA GLY D 280 28.84 15.83 -2.68
C GLY D 280 29.22 14.36 -2.65
N PRO D 281 30.52 14.07 -2.72
CA PRO D 281 30.95 12.68 -2.84
C PRO D 281 30.55 11.84 -1.63
N LYS D 282 30.18 10.62 -1.93
CA LYS D 282 29.87 9.63 -0.91
C LYS D 282 31.17 9.03 -0.35
N PRO D 283 31.17 8.67 0.93
CA PRO D 283 32.37 8.05 1.51
C PRO D 283 32.61 6.68 0.90
N PRO D 284 33.85 6.21 0.91
CA PRO D 284 34.17 4.88 0.36
C PRO D 284 33.40 3.79 1.08
N LYS D 285 32.65 3.01 0.31
CA LYS D 285 31.94 1.83 0.80
C LYS D 285 32.02 0.77 -0.29
N LYS D 286 32.39 -0.45 0.09
CA LYS D 286 32.52 -1.51 -0.89
C LYS D 286 31.16 -1.79 -1.53
N GLY D 287 31.20 -2.20 -2.80
CA GLY D 287 29.99 -2.38 -3.57
C GLY D 287 29.38 -1.09 -4.10
N GLN D 288 30.06 0.04 -3.96
CA GLN D 288 29.61 1.33 -4.45
C GLN D 288 30.56 1.83 -5.52
N PRO D 289 30.05 2.31 -6.67
CA PRO D 289 30.94 2.79 -7.73
C PRO D 289 31.75 4.01 -7.30
N GLU D 290 32.86 4.22 -8.00
CA GLU D 290 33.65 5.42 -7.79
C GLU D 290 32.88 6.65 -8.26
N ASN D 291 33.32 7.82 -7.78
CA ASN D 291 32.73 9.10 -8.14
C ASN D 291 31.25 9.20 -7.77
N ALA D 292 30.75 8.31 -6.91
CA ALA D 292 29.36 8.36 -6.50
CA ALA D 292 29.36 8.36 -6.50
C ALA D 292 29.13 9.55 -5.57
N VAL D 293 27.97 10.18 -5.71
CA VAL D 293 27.65 11.36 -4.90
C VAL D 293 26.23 11.22 -4.35
N TYR D 294 25.99 11.95 -3.28
CA TYR D 294 24.70 11.93 -2.63
C TYR D 294 23.63 12.51 -3.55
N ASP D 295 22.42 11.96 -3.44
CA ASP D 295 21.29 12.40 -4.25
CA ASP D 295 21.29 12.38 -4.25
C ASP D 295 20.10 12.79 -3.38
N PHE D 296 20.36 13.36 -2.19
CA PHE D 296 19.26 13.74 -1.32
C PHE D 296 18.64 15.07 -1.74
N GLU D 297 19.49 16.00 -2.20
CA GLU D 297 19.07 17.40 -2.35
CA GLU D 297 19.06 17.39 -2.33
C GLU D 297 17.77 17.52 -3.13
N ASP D 298 17.71 16.93 -4.33
CA ASP D 298 16.53 17.14 -5.16
C ASP D 298 15.31 16.44 -4.56
N LYS D 299 15.49 15.26 -3.96
CA LYS D 299 14.36 14.53 -3.37
C LYS D 299 13.80 15.28 -2.15
N ILE D 300 14.70 15.82 -1.32
CA ILE D 300 14.23 16.55 -0.15
CA ILE D 300 14.29 16.58 -0.14
C ILE D 300 13.52 17.83 -0.56
N ASN D 301 14.08 18.59 -1.51
CA ASN D 301 13.41 19.82 -1.92
C ASN D 301 12.05 19.51 -2.52
N PHE D 302 11.99 18.51 -3.41
CA PHE D 302 10.72 18.14 -4.03
C PHE D 302 9.70 17.64 -3.01
N ALA D 303 10.15 16.89 -2.00
CA ALA D 303 9.25 16.40 -0.97
C ALA D 303 8.62 17.54 -0.18
N VAL D 304 9.41 18.56 0.16
CA VAL D 304 8.85 19.72 0.83
C VAL D 304 7.84 20.43 -0.07
N PHE D 305 8.23 20.65 -1.32
CA PHE D 305 7.37 21.32 -2.29
C PHE D 305 7.82 20.87 -3.67
N PRO D 306 6.91 20.42 -4.54
CA PRO D 306 5.46 20.50 -4.38
C PRO D 306 4.77 19.28 -3.77
N SER D 307 5.52 18.34 -3.20
CA SER D 307 4.87 17.10 -2.77
CA SER D 307 4.88 17.10 -2.78
C SER D 307 3.94 17.35 -1.60
N LEU D 308 4.39 18.08 -0.59
CA LEU D 308 3.67 18.13 0.67
C LEU D 308 3.15 19.51 1.06
N GLN D 309 3.98 20.53 0.98
CA GLN D 309 3.60 21.85 1.44
C GLN D 309 3.12 22.68 0.27
N GLY D 310 2.62 23.87 0.60
CA GLY D 310 2.26 24.88 -0.37
C GLY D 310 3.24 26.03 -0.23
N GLY D 311 2.72 27.25 -0.07
CA GLY D 311 3.58 28.41 0.04
C GLY D 311 4.38 28.39 1.34
N PRO D 312 5.68 28.67 1.24
CA PRO D 312 6.46 28.85 2.47
C PRO D 312 5.90 30.00 3.28
N HIS D 313 6.14 29.94 4.57
CA HIS D 313 5.73 30.98 5.49
C HIS D 313 6.91 31.91 5.66
N ASN D 314 6.94 32.96 4.86
CA ASN D 314 8.16 33.72 4.74
C ASN D 314 8.43 34.52 5.99
N HIS D 315 7.39 34.88 6.75
CA HIS D 315 7.66 35.52 8.04
C HIS D 315 8.40 34.58 8.98
N GLN D 316 8.10 33.29 8.90
CA GLN D 316 8.84 32.29 9.70
C GLN D 316 10.28 32.21 9.25
N ILE D 317 10.50 32.22 7.93
CA ILE D 317 11.84 32.07 7.39
C ILE D 317 12.69 33.28 7.75
N GLY D 318 12.11 34.49 7.63
CA GLY D 318 12.83 35.68 8.06
C GLY D 318 13.13 35.66 9.55
N ALA D 319 12.13 35.30 10.37
CA ALA D 319 12.38 35.15 11.80
C ALA D 319 13.44 34.09 12.07
N LEU D 320 13.41 32.99 11.33
CA LEU D 320 14.42 31.95 11.50
C LEU D 320 15.81 32.47 11.17
N ALA D 321 15.91 33.26 10.11
CA ALA D 321 17.21 33.87 9.77
C ALA D 321 17.77 34.66 10.94
N VAL D 322 16.89 35.39 11.64
CA VAL D 322 17.33 36.17 12.79
C VAL D 322 17.82 35.24 13.89
N ALA D 323 17.03 34.21 14.19
CA ALA D 323 17.41 33.27 15.23
C ALA D 323 18.73 32.59 14.93
N LEU D 324 18.98 32.29 13.64
CA LEU D 324 20.22 31.58 13.30
C LEU D 324 21.43 32.50 13.42
N LYS D 325 21.26 33.78 13.07
CA LYS D 325 22.29 34.75 13.36
C LYS D 325 22.55 34.82 14.87
N GLN D 326 21.47 34.85 15.67
CA GLN D 326 21.65 34.91 17.10
C GLN D 326 22.35 33.65 17.63
N ALA D 327 22.07 32.50 17.02
CA ALA D 327 22.61 31.24 17.53
C ALA D 327 24.09 31.10 17.24
N ALA D 328 24.60 31.79 16.23
CA ALA D 328 26.01 31.63 15.90
C ALA D 328 26.91 32.49 16.77
N SER D 329 26.35 33.30 17.65
CA SER D 329 27.12 34.27 18.41
C SER D 329 27.79 33.61 19.61
N PRO D 330 28.86 34.22 20.13
CA PRO D 330 29.51 33.63 21.32
C PRO D 330 28.60 33.58 22.52
N GLY D 331 27.69 34.53 22.66
CA GLY D 331 26.76 34.49 23.77
C GLY D 331 25.87 33.25 23.73
N PHE D 332 25.56 32.77 22.53
CA PHE D 332 24.69 31.58 22.46
C PHE D 332 25.41 30.34 22.97
N LYS D 333 26.70 30.23 22.69
CA LYS D 333 27.45 29.09 23.21
C LYS D 333 27.43 29.08 24.72
N ALA D 334 27.62 30.26 25.33
CA ALA D 334 27.52 30.35 26.78
C ALA D 334 26.13 29.96 27.25
N TYR D 335 25.10 30.35 26.48
CA TYR D 335 23.74 29.97 26.81
C TYR D 335 23.59 28.45 26.81
N ALA D 336 24.08 27.79 25.75
CA ALA D 336 23.95 26.34 25.64
C ALA D 336 24.69 25.62 26.75
N LYS D 337 25.90 26.09 27.06
CA LYS D 337 26.64 25.56 28.20
C LYS D 337 25.81 25.67 29.47
N GLN D 338 25.16 26.82 29.65
CA GLN D 338 24.42 27.06 30.88
C GLN D 338 23.19 26.17 30.96
N VAL D 339 22.50 25.99 29.83
CA VAL D 339 21.35 25.09 29.79
C VAL D 339 21.75 23.71 30.31
N LYS D 340 22.87 23.20 29.81
CA LYS D 340 23.33 21.89 30.24
C LYS D 340 23.65 21.88 31.72
N ALA D 341 24.37 22.91 32.19
CA ALA D 341 24.74 22.98 33.60
C ALA D 341 23.50 23.08 34.48
N ASN D 342 22.50 23.83 34.03
CA ASN D 342 21.27 23.98 34.80
C ASN D 342 20.50 22.68 34.89
N ALA D 343 20.36 21.98 33.76
CA ALA D 343 19.73 20.67 33.76
C ALA D 343 20.42 19.71 34.73
N VAL D 344 21.75 19.68 34.69
CA VAL D 344 22.49 18.81 35.61
C VAL D 344 22.23 19.23 37.05
N ALA D 345 22.32 20.54 37.34
CA ALA D 345 22.13 21.00 38.71
C ALA D 345 20.74 20.66 39.22
N LEU D 346 19.74 20.76 38.35
CA LEU D 346 18.39 20.41 38.76
C LEU D 346 18.26 18.91 38.99
N GLY D 347 18.83 18.11 38.10
CA GLY D 347 18.76 16.67 38.29
C GLY D 347 19.41 16.23 39.58
N LYS D 348 20.59 16.76 39.88
CA LYS D 348 21.28 16.43 41.11
C LYS D 348 20.41 16.77 42.33
N TYR D 349 19.71 17.92 42.26
CA TYR D 349 18.85 18.33 43.37
C TYR D 349 17.69 17.36 43.56
N LEU D 350 17.01 16.98 42.47
CA LEU D 350 15.87 16.10 42.60
C LEU D 350 16.28 14.72 43.10
N MET D 351 17.36 14.18 42.54
CA MET D 351 17.89 12.91 43.01
C MET D 351 18.28 12.99 44.48
N GLY D 352 18.79 14.15 44.92
CA GLY D 352 19.15 14.33 46.31
C GLY D 352 17.95 14.28 47.24
N LYS D 353 16.78 14.63 46.74
CA LYS D 353 15.53 14.47 47.48
C LYS D 353 14.96 13.07 47.35
N GLY D 354 15.63 12.16 46.65
CA GLY D 354 15.17 10.79 46.55
C GLY D 354 14.25 10.51 45.38
N TYR D 355 14.15 11.40 44.42
CA TYR D 355 13.30 11.15 43.26
C TYR D 355 14.05 10.31 42.24
N SER D 356 13.29 9.70 41.33
CA SER D 356 13.82 8.74 40.38
C SER D 356 13.91 9.40 39.01
N LEU D 357 15.13 9.67 38.56
CA LEU D 357 15.36 10.21 37.23
C LEU D 357 15.82 9.11 36.28
N VAL D 358 15.23 9.08 35.08
CA VAL D 358 15.62 8.08 34.11
C VAL D 358 17.08 8.28 33.74
N THR D 359 17.87 7.21 33.83
CA THR D 359 19.33 7.17 33.66
C THR D 359 20.06 7.86 34.81
N GLY D 360 19.35 8.26 35.86
CA GLY D 360 20.03 8.84 37.01
C GLY D 360 20.72 10.16 36.71
N GLY D 361 20.17 10.94 35.80
CA GLY D 361 20.72 12.25 35.52
C GLY D 361 20.48 12.65 34.08
N THR D 362 21.35 13.53 33.57
CA THR D 362 21.16 14.05 32.25
C THR D 362 22.49 14.47 31.63
N GLU D 363 22.50 14.46 30.30
CA GLU D 363 23.61 14.92 29.50
C GLU D 363 23.16 16.02 28.55
N ASN D 364 21.90 16.44 28.64
CA ASN D 364 21.44 17.51 27.76
C ASN D 364 20.65 18.55 28.54
N HIS D 365 19.55 19.00 27.96
CA HIS D 365 18.78 20.10 28.52
C HIS D 365 17.62 19.63 29.39
N LEU D 366 17.37 18.33 29.49
CA LEU D 366 16.14 17.89 30.14
C LEU D 366 16.44 16.77 31.13
N VAL D 367 15.49 16.56 32.04
CA VAL D 367 15.48 15.36 32.87
C VAL D 367 14.13 14.72 32.71
N LEU D 368 14.11 13.40 32.83
CA LEU D 368 12.87 12.63 32.74
C LEU D 368 12.66 12.01 34.11
N TRP D 369 11.55 12.35 34.73
CA TRP D 369 11.30 12.04 36.14
C TRP D 369 10.21 10.98 36.24
N ASP D 370 10.58 9.80 36.76
CA ASP D 370 9.64 8.68 36.89
C ASP D 370 8.91 8.84 38.22
N LEU D 371 7.59 9.08 38.15
CA LEU D 371 6.77 9.32 39.35
C LEU D 371 6.14 8.05 39.90
N ARG D 372 6.29 6.93 39.22
CA ARG D 372 5.62 5.73 39.65
C ARG D 372 6.13 5.16 40.98
N PRO D 373 7.41 5.34 41.35
CA PRO D 373 7.81 4.96 42.72
C PRO D 373 7.06 5.72 43.79
N LEU D 374 6.52 6.89 43.45
CA LEU D 374 5.76 7.73 44.38
C LEU D 374 4.27 7.39 44.41
N GLY D 375 3.78 6.52 43.54
CA GLY D 375 2.36 6.32 43.40
C GLY D 375 1.61 7.43 42.68
N LEU D 376 2.28 8.19 41.84
CA LEU D 376 1.67 9.31 41.13
C LEU D 376 1.72 9.08 39.62
N THR D 377 0.74 9.65 38.91
CA THR D 377 0.84 9.80 37.48
C THR D 377 1.09 11.27 37.14
N GLY D 378 1.73 11.48 35.99
CA GLY D 378 2.20 12.81 35.63
C GLY D 378 1.11 13.81 35.38
N ASN D 379 -0.12 13.34 35.12
CA ASN D 379 -1.22 14.30 34.95
C ASN D 379 -1.53 14.97 36.27
N LYS D 380 -1.52 14.22 37.37
CA LYS D 380 -1.67 14.81 38.70
C LYS D 380 -0.64 15.90 38.91
N VAL D 381 0.63 15.58 38.67
CA VAL D 381 1.70 16.55 38.90
C VAL D 381 1.57 17.71 37.94
N GLU D 382 1.31 17.44 36.66
CA GLU D 382 1.20 18.54 35.71
C GLU D 382 0.07 19.49 36.11
N LYS D 383 -1.08 18.95 36.51
CA LYS D 383 -2.20 19.80 36.90
C LYS D 383 -1.86 20.59 38.16
N LEU D 384 -1.39 19.90 39.21
CA LEU D 384 -1.00 20.59 40.43
C LEU D 384 0.03 21.67 40.13
N CYS D 385 1.10 21.31 39.42
CA CYS D 385 2.09 22.29 39.01
C CYS D 385 1.43 23.45 38.29
N ASP D 386 0.48 23.14 37.38
CA ASP D 386 -0.19 24.15 36.59
C ASP D 386 -0.92 25.16 37.47
N LEU D 387 -1.68 24.68 38.48
CA LEU D 387 -2.34 25.63 39.37
C LEU D 387 -1.37 26.40 40.25
N CYS D 388 -0.09 26.03 40.27
CA CYS D 388 0.95 26.75 40.99
C CYS D 388 1.83 27.56 40.06
N ASN D 389 1.43 27.70 38.79
CA ASN D 389 2.22 28.40 37.77
C ASN D 389 3.57 27.76 37.55
N ILE D 390 3.67 26.45 37.78
CA ILE D 390 4.80 25.66 37.33
C ILE D 390 4.34 24.89 36.11
N THR D 391 4.97 25.20 34.98
CA THR D 391 4.52 24.71 33.69
C THR D 391 5.43 23.56 33.30
N VAL D 392 4.90 22.35 33.39
CA VAL D 392 5.60 21.14 33.03
C VAL D 392 4.67 20.39 32.09
N ASN D 393 5.11 19.23 31.63
CA ASN D 393 4.19 18.32 30.98
C ASN D 393 4.38 16.92 31.55
N LYS D 394 3.26 16.24 31.81
CA LYS D 394 3.30 14.81 32.03
C LYS D 394 4.02 14.18 30.84
N ASN D 395 4.67 13.04 31.09
CA ASN D 395 5.45 12.43 30.03
C ASN D 395 5.42 10.92 30.19
N ALA D 396 5.27 10.21 29.08
CA ALA D 396 5.35 8.77 29.15
C ALA D 396 6.76 8.38 29.61
N VAL D 397 6.83 7.27 30.35
CA VAL D 397 8.10 6.63 30.66
C VAL D 397 7.95 5.16 30.29
N PHE D 398 9.05 4.42 30.40
CA PHE D 398 9.12 3.08 29.84
C PHE D 398 8.01 2.19 30.40
N GLY D 399 7.31 1.50 29.51
CA GLY D 399 6.22 0.64 29.88
C GLY D 399 4.87 1.32 29.99
N ASP D 400 4.80 2.63 29.80
CA ASP D 400 3.53 3.33 29.89
C ASP D 400 2.61 2.93 28.76
N SER D 401 1.31 2.84 29.06
CA SER D 401 0.29 2.79 28.01
C SER D 401 -0.43 4.11 27.84
N SER D 402 -0.78 4.79 28.94
CA SER D 402 -1.51 6.04 28.86
C SER D 402 -0.58 7.20 28.55
N ALA D 403 -0.99 8.05 27.60
CA ALA D 403 -0.30 9.32 27.37
C ALA D 403 -0.88 10.45 28.19
N LEU D 404 -2.17 10.40 28.48
CA LEU D 404 -2.86 11.46 29.20
C LEU D 404 -2.81 11.24 30.71
N ALA D 405 -2.42 10.05 31.15
CA ALA D 405 -2.10 9.76 32.55
C ALA D 405 -0.86 8.88 32.58
N PRO D 406 0.29 9.41 32.17
CA PRO D 406 1.52 8.61 32.09
C PRO D 406 2.19 8.53 33.45
N GLY D 407 3.33 7.85 33.49
CA GLY D 407 4.03 7.60 34.73
C GLY D 407 5.11 8.59 35.06
N GLY D 408 5.37 9.57 34.18
CA GLY D 408 6.51 10.44 34.34
C GLY D 408 6.15 11.90 34.16
N VAL D 409 7.12 12.73 34.51
CA VAL D 409 7.09 14.16 34.23
C VAL D 409 8.43 14.53 33.61
N ARG D 410 8.36 15.36 32.58
CA ARG D 410 9.56 15.83 31.89
C ARG D 410 9.78 17.29 32.25
N ILE D 411 11.02 17.61 32.61
CA ILE D 411 11.43 18.96 33.01
C ILE D 411 12.60 19.36 32.14
N GLY D 412 12.57 20.57 31.58
CA GLY D 412 13.66 21.05 30.75
C GLY D 412 14.13 22.42 31.20
N ALA D 413 15.41 22.69 30.90
CA ALA D 413 16.09 23.93 31.28
C ALA D 413 16.08 25.09 30.28
N PRO D 414 15.87 24.88 28.96
CA PRO D 414 16.07 26.00 28.02
C PRO D 414 15.28 27.28 28.30
N ALA D 415 13.98 27.22 28.60
CA ALA D 415 13.21 28.46 28.72
C ALA D 415 13.66 29.30 29.91
N MET D 416 13.79 28.70 31.10
CA MET D 416 14.23 29.51 32.23
C MET D 416 15.68 29.93 32.14
N THR D 417 16.53 29.13 31.48
CA THR D 417 17.89 29.60 31.26
C THR D 417 17.90 30.84 30.38
N SER D 418 16.95 30.94 29.44
CA SER D 418 16.90 32.10 28.57
C SER D 418 16.53 33.35 29.34
N ARG D 419 15.83 33.20 30.47
CA ARG D 419 15.60 34.32 31.38
C ARG D 419 16.80 34.64 32.24
N GLY D 420 17.92 33.94 32.08
CA GLY D 420 19.12 34.26 32.81
C GLY D 420 19.38 33.45 34.07
N LEU D 421 18.58 32.42 34.33
CA LEU D 421 18.80 31.60 35.52
C LEU D 421 20.10 30.80 35.42
N VAL D 422 20.76 30.61 36.56
CA VAL D 422 21.96 29.78 36.63
C VAL D 422 21.71 28.62 37.57
N GLU D 423 22.78 27.90 37.96
CA GLU D 423 22.58 26.61 38.62
C GLU D 423 21.86 26.75 39.95
N LYS D 424 22.25 27.73 40.76
CA LYS D 424 21.57 27.91 42.04
C LYS D 424 20.10 28.23 41.86
N ASP D 425 19.76 28.95 40.79
CA ASP D 425 18.35 29.18 40.51
C ASP D 425 17.64 27.89 40.12
N PHE D 426 18.34 27.01 39.41
CA PHE D 426 17.70 25.74 39.06
C PHE D 426 17.63 24.82 40.27
N GLU D 427 18.53 24.98 41.23
CA GLU D 427 18.31 24.27 42.49
C GLU D 427 17.06 24.79 43.19
N GLN D 428 16.77 26.10 43.07
CA GLN D 428 15.54 26.62 43.62
C GLN D 428 14.33 26.05 42.89
N ILE D 429 14.42 25.94 41.56
CA ILE D 429 13.39 25.26 40.78
C ILE D 429 13.21 23.84 41.29
N GLY D 430 14.32 23.17 41.60
CA GLY D 430 14.22 21.83 42.14
C GLY D 430 13.44 21.79 43.43
N GLU D 431 13.67 22.76 44.32
CA GLU D 431 12.92 22.81 45.57
C GLU D 431 11.44 23.11 45.30
N PHE D 432 11.16 23.98 44.32
CA PHE D 432 9.76 24.24 43.99
C PHE D 432 9.06 22.97 43.50
N LEU D 433 9.73 22.20 42.66
CA LEU D 433 9.17 20.93 42.19
C LEU D 433 9.00 19.95 43.34
N HIS D 434 10.00 19.89 44.22
CA HIS D 434 9.91 19.05 45.42
C HIS D 434 8.70 19.45 46.27
N ARG D 435 8.51 20.76 46.47
CA ARG D 435 7.31 21.23 47.14
C ARG D 435 6.05 20.83 46.39
N ALA D 436 6.06 20.99 45.06
CA ALA D 436 4.90 20.67 44.24
C ALA D 436 4.53 19.20 44.34
N VAL D 437 5.51 18.30 44.24
CA VAL D 437 5.20 16.88 44.26
C VAL D 437 4.80 16.44 45.67
N THR D 438 5.43 17.01 46.69
CA THR D 438 5.01 16.77 48.07
C THR D 438 3.54 17.12 48.26
N LEU D 439 3.14 18.29 47.78
CA LEU D 439 1.75 18.70 47.90
C LEU D 439 0.83 17.81 47.08
N THR D 440 1.29 17.36 45.89
CA THR D 440 0.50 16.42 45.10
C THR D 440 0.24 15.14 45.88
N LEU D 441 1.27 14.63 46.55
CA LEU D 441 1.11 13.44 47.37
C LEU D 441 0.10 13.67 48.50
N GLU D 442 0.27 14.75 49.26
CA GLU D 442 -0.64 15.04 50.36
C GLU D 442 -2.08 15.15 49.88
N ILE D 443 -2.29 15.78 48.72
CA ILE D 443 -3.63 15.84 48.14
C ILE D 443 -4.12 14.44 47.86
N GLN D 444 -3.28 13.60 47.25
CA GLN D 444 -3.65 12.21 47.01
C GLN D 444 -3.89 11.49 48.33
N LYS D 445 -2.96 11.63 49.28
CA LYS D 445 -3.11 10.92 50.55
C LYS D 445 -4.38 11.33 51.26
N GLU D 446 -4.71 12.62 51.23
CA GLU D 446 -5.89 13.11 51.93
C GLU D 446 -7.18 12.79 51.18
N HIS D 447 -7.20 13.05 49.87
CA HIS D 447 -8.46 13.02 49.12
C HIS D 447 -8.65 11.78 48.26
N GLY D 448 -7.59 11.12 47.80
CA GLY D 448 -7.78 9.87 47.11
C GLY D 448 -6.99 9.75 45.82
N LYS D 449 -6.85 8.51 45.34
CA LYS D 449 -6.08 8.24 44.14
C LYS D 449 -6.93 8.30 42.87
N LEU D 450 -8.22 7.98 42.96
CA LEU D 450 -9.11 8.16 41.82
C LEU D 450 -9.23 9.64 41.48
N LEU D 451 -9.15 9.97 40.19
CA LEU D 451 -8.98 11.37 39.80
C LEU D 451 -10.10 12.25 40.37
N LYS D 452 -11.33 11.74 40.43
CA LYS D 452 -12.43 12.51 41.01
C LYS D 452 -12.21 12.77 42.49
N ASP D 453 -11.66 11.79 43.21
CA ASP D 453 -11.25 12.02 44.59
C ASP D 453 -10.14 13.06 44.65
N PHE D 454 -9.05 12.79 43.93
CA PHE D 454 -7.89 13.67 43.96
C PHE D 454 -8.27 15.11 43.63
N ASN D 455 -9.14 15.29 42.63
CA ASN D 455 -9.51 16.63 42.19
C ASN D 455 -10.25 17.42 43.27
N LYS D 456 -10.85 16.74 44.25
CA LYS D 456 -11.41 17.47 45.40
C LYS D 456 -10.32 18.29 46.09
N GLY D 457 -9.10 17.76 46.14
CA GLY D 457 -8.02 18.44 46.85
C GLY D 457 -7.52 19.71 46.18
N LEU D 458 -7.86 19.92 44.91
CA LEU D 458 -7.40 21.09 44.19
C LEU D 458 -8.32 22.30 44.35
N VAL D 459 -9.39 22.18 45.13
CA VAL D 459 -10.33 23.27 45.34
C VAL D 459 -9.92 24.07 46.57
N ASN D 460 -9.86 25.40 46.42
CA ASN D 460 -9.40 26.33 47.45
C ASN D 460 -8.44 25.71 48.43
N ASN D 461 -7.33 25.20 47.91
CA ASN D 461 -6.27 24.61 48.71
C ASN D 461 -5.32 25.75 49.05
N LYS D 462 -5.26 26.13 50.33
CA LYS D 462 -4.39 27.22 50.72
C LYS D 462 -2.92 26.89 50.42
N ALA D 463 -2.55 25.61 50.47
CA ALA D 463 -1.18 25.26 50.15
C ALA D 463 -0.87 25.45 48.67
N ILE D 464 -1.86 25.27 47.80
CA ILE D 464 -1.65 25.56 46.38
C ILE D 464 -1.45 27.06 46.19
N GLU D 465 -2.36 27.86 46.75
CA GLU D 465 -2.28 29.30 46.61
C GLU D 465 -0.96 29.82 47.17
N ASP D 466 -0.47 29.22 48.25
CA ASP D 466 0.80 29.66 48.83
C ASP D 466 1.95 29.33 47.90
N LEU D 467 1.98 28.10 47.39
CA LEU D 467 3.03 27.72 46.46
C LEU D 467 2.99 28.58 45.21
N LYS D 468 1.79 28.81 44.67
CA LYS D 468 1.64 29.67 43.49
C LYS D 468 2.24 31.05 43.75
N ALA D 469 1.91 31.66 44.89
CA ALA D 469 2.45 32.98 45.23
C ALA D 469 3.99 32.95 45.28
N ASP D 470 4.55 31.99 46.01
CA ASP D 470 6.00 31.86 46.11
C ASP D 470 6.66 31.73 44.74
N VAL D 471 6.11 30.86 43.88
CA VAL D 471 6.61 30.70 42.51
C VAL D 471 6.59 32.04 41.77
N GLU D 472 5.52 32.81 41.92
CA GLU D 472 5.44 34.10 41.25
C GLU D 472 6.51 35.06 41.77
N LYS D 473 6.71 35.08 43.08
CA LYS D 473 7.74 35.94 43.68
C LYS D 473 9.12 35.63 43.12
N PHE D 474 9.45 34.34 43.02
CA PHE D 474 10.73 33.92 42.47
C PHE D 474 10.85 34.31 41.01
N SER D 475 9.80 34.07 40.22
CA SER D 475 9.88 34.28 38.78
C SER D 475 10.09 35.76 38.48
N ALA D 476 9.48 36.62 39.28
CA ALA D 476 9.54 38.06 39.09
C ALA D 476 10.94 38.61 39.27
N LEU D 477 11.86 37.81 39.81
CA LEU D 477 13.22 38.24 40.01
C LEU D 477 13.99 38.35 38.69
N PHE D 478 13.50 37.74 37.61
CA PHE D 478 14.31 37.54 36.43
C PHE D 478 13.85 38.37 35.25
N ASP D 479 14.80 38.65 34.36
CA ASP D 479 14.50 39.34 33.11
C ASP D 479 13.69 38.43 32.19
N MET D 480 13.21 39.01 31.09
CA MET D 480 12.38 38.28 30.17
C MET D 480 12.61 38.73 28.73
N PRO D 481 13.02 37.84 27.82
CA PRO D 481 13.14 38.19 26.42
C PRO D 481 11.82 38.15 25.69
N GLY D 482 11.78 38.80 24.52
CA GLY D 482 10.65 38.74 23.62
C GLY D 482 9.69 39.91 23.75
N PHE D 483 9.57 40.46 24.95
CA PHE D 483 8.74 41.63 25.20
C PHE D 483 9.29 42.32 26.43
N LEU D 484 8.85 43.56 26.63
CA LEU D 484 9.30 44.36 27.75
C LEU D 484 8.32 44.14 28.90
N VAL D 485 8.81 43.55 29.98
CA VAL D 485 7.92 43.30 31.11
C VAL D 485 7.49 44.61 31.73
N SER D 486 8.40 45.60 31.75
CA SER D 486 8.06 46.93 32.25
C SER D 486 6.90 47.54 31.46
N GLU D 487 6.59 47.00 30.29
CA GLU D 487 5.59 47.54 29.39
C GLU D 487 4.30 46.73 29.33
N MET D 488 4.19 45.61 30.07
CA MET D 488 3.03 44.76 29.81
C MET D 488 1.78 45.28 30.54
N LYS D 489 0.63 44.85 30.03
CA LYS D 489 -0.63 45.37 30.55
C LYS D 489 -0.87 44.91 31.98
N TYR D 490 -0.38 43.73 32.35
CA TYR D 490 -0.71 43.14 33.64
C TYR D 490 0.54 43.02 34.49
N LYS D 491 0.64 43.85 35.54
CA LYS D 491 1.69 43.66 36.54
C LYS D 491 1.09 43.17 37.85
N ASP D 492 1.86 43.27 38.92
CA ASP D 492 1.31 43.09 40.26
C ASP D 492 0.79 44.44 40.75
N1 PLG E . -8.57 -15.72 -18.28
C2 PLG E . -9.72 -15.77 -18.96
C2A PLG E . -9.91 -14.81 -20.15
C3 PLG E . -10.71 -16.67 -18.57
O3 PLG E . -11.91 -16.70 -19.28
C4 PLG E . -10.49 -17.49 -17.50
C4A PLG E . -11.52 -18.50 -17.01
C5 PLG E . -9.33 -17.43 -16.84
C6 PLG E . -8.35 -16.52 -17.22
C5A PLG E . -9.05 -18.27 -15.60
OP4 PLG E . -8.78 -19.60 -15.84
P PLG E . -8.90 -20.55 -14.50
OP1 PLG E . -10.37 -20.79 -14.28
OP2 PLG E . -8.12 -21.78 -14.82
OP3 PLG E . -8.33 -19.82 -13.30
C PLG E . -14.98 -18.92 -18.01
O PLG E . -16.06 -19.56 -17.88
OXT PLG E . -14.93 -17.95 -18.82
CA PLG E . -13.74 -19.28 -17.20
N PLG E . -12.85 -18.16 -17.42
C1 EDO F . -0.99 7.59 -12.55
O1 EDO F . -0.27 6.35 -12.66
C2 EDO F . -0.80 8.20 -11.16
O2 EDO F . -1.40 7.42 -10.12
C1 EDO G . -5.50 -42.65 -14.98
O1 EDO G . -4.84 -43.78 -14.42
C2 EDO G . -4.72 -42.21 -16.21
O2 EDO G . -5.36 -42.73 -17.38
C S8R H . -19.41 -11.78 -9.13
C S8R H . -19.40 -11.82 -9.19
O S8R H . -19.55 -10.65 -9.44
O S8R H . -19.62 -10.70 -9.54
CB1 S8R H . -21.68 -11.11 -6.96
CB1 S8R H . -21.70 -11.13 -7.06
CB2 S8R H . -27.02 -12.30 -4.68
CB2 S8R H . -27.01 -12.27 -4.73
CG1 S8R H . -22.47 -12.41 -6.75
CG1 S8R H . -22.46 -12.42 -6.80
NG1 S8R H . -19.71 -12.24 -7.79
NG1 S8R H . -19.69 -12.24 -7.84
CG2 S8R H . -27.07 -13.80 -4.33
CG2 S8R H . -27.06 -13.78 -4.42
NG2 S8R H . -24.85 -12.19 -5.78
NG2 S8R H . -24.84 -12.15 -5.82
CD1 S8R H . -23.97 -12.23 -6.94
CD1 S8R H . -23.98 -12.23 -6.98
CD2 S8R H . -27.95 -14.62 -5.27
CD2 S8R H . -27.94 -14.59 -5.39
C11 S8R H . -18.94 -12.83 -10.13
C11 S8R H . -18.92 -12.88 -10.16
C12 S8R H . -18.49 -14.05 -9.66
C12 S8R H . -18.43 -14.07 -9.65
C13 S8R H . -18.08 -15.02 -10.56
C13 S8R H . -18.03 -15.06 -10.52
C14 S8R H . -18.14 -14.76 -11.92
C14 S8R H . -18.14 -14.84 -11.89
C15 S8R H . -18.60 -13.55 -12.39
C15 S8R H . -18.64 -13.66 -12.40
C16 S8R H . -19.00 -12.57 -11.49
C16 S8R H . -19.03 -12.67 -11.52
C2 S8R H . -17.09 -12.91 -17.84
C2 S8R H . -17.23 -12.78 -17.89
C4 S8R H . -15.80 -14.02 -16.24
C4 S8R H . -15.85 -13.75 -16.28
C4A S8R H . -16.72 -15.10 -16.27
C4A S8R H . -16.70 -14.87 -16.25
C5A S8R H . -15.36 -16.96 -15.14
C5A S8R H . -15.14 -16.44 -15.00
C6 S8R H . -17.81 -16.91 -15.06
C6 S8R H . -17.57 -16.82 -15.05
C7 S8R H . -18.72 -17.20 -16.24
C7 S8R H . -18.41 -17.21 -16.27
C8A S8R H . -17.83 -14.98 -17.14
C8A S8R H . -17.82 -14.88 -17.09
C9 S8R H . -18.54 -15.94 -14.05
C9 S8R H . -18.45 -15.96 -14.06
CA1 S8R H . -20.19 -11.32 -6.77
CA1 S8R H . -20.19 -11.28 -6.88
CA2 S8R H . -26.28 -12.02 -5.98
CA2 S8R H . -26.26 -11.96 -6.02
CT1 S8R H . -19.95 -12.00 -5.43
CT1 S8R H . -19.93 -11.86 -5.50
CT2 S8R H . -26.58 -10.59 -6.43
CT2 S8R H . -26.51 -10.51 -6.44
N1 S8R H . -17.98 -13.90 -17.89
N1 S8R H . -18.05 -13.83 -17.88
N10 S8R H . -17.72 -15.76 -12.87
N10 S8R H . -17.74 -15.86 -12.81
N3 S8R H . -16.02 -12.96 -17.03
N3 S8R H . -16.14 -12.75 -17.11
N5 S8R H . -16.61 -16.30 -15.48
N5 S8R H . -16.47 -16.04 -15.41
N8 S8R H . -18.87 -16.11 -17.22
N8 S8R H . -18.79 -16.06 -17.10
NA2 S8R H . -17.31 -11.75 -18.68
NA2 S8R H . -17.52 -11.66 -18.77
O11 S8R H . -19.37 -13.11 -5.39
O11 S8R H . -19.45 -13.02 -5.39
O12 S8R H . -27.51 -10.37 -7.26
O12 S8R H . -27.43 -10.25 -7.25
O21 S8R H . -20.34 -11.44 -4.36
O21 S8R H . -20.21 -11.17 -4.49
O22 S8R H . -25.90 -9.62 -5.99
O22 S8R H . -25.81 -9.58 -5.98
O4 S8R H . -14.68 -14.04 -15.41
O4 S8R H . -14.73 -13.68 -15.48
O5B S8R H . -14.32 -16.53 -15.48
O5B S8R H . -14.98 -17.39 -14.33
OEB S8R H . -24.43 -12.13 -8.03
OEB S8R H . -24.44 -12.11 -8.07
OEC S8R H . -28.76 -14.04 -6.05
OEC S8R H . -28.68 -14.00 -6.22
OED S8R H . -27.87 -15.87 -5.28
OED S8R H . -27.92 -15.84 -5.36
C1 EDO I . -1.75 -16.59 -5.34
O1 EDO I . -2.14 -17.94 -5.14
C2 EDO I . -2.63 -15.93 -6.40
O2 EDO I . -2.55 -16.64 -7.65
C1 EDO J . -16.26 -0.72 -12.86
O1 EDO J . -15.83 0.25 -13.82
C2 EDO J . -17.43 -0.11 -12.12
O2 EDO J . -18.47 0.20 -13.05
C1 EDO K . -3.61 12.63 -16.78
O1 EDO K . -4.36 13.31 -17.80
C2 EDO K . -3.64 13.45 -15.49
O2 EDO K . -5.01 13.58 -15.09
N1 PLG L . 3.29 -24.96 3.29
C2 PLG L . 4.37 -25.65 3.70
C2A PLG L . 4.65 -25.75 5.21
C3 PLG L . 5.21 -26.25 2.77
O3 PLG L . 6.33 -26.93 3.26
C4 PLG L . 4.95 -26.13 1.44
C4A PLG L . 5.83 -26.75 0.34
C5 PLG L . 3.85 -25.42 1.05
C6 PLG L . 3.01 -24.82 1.98
C5A PLG L . 3.50 -25.20 -0.41
OP4 PLG L . 3.00 -26.33 -1.05
P PLG L . 2.93 -26.21 -2.67
OP1 PLG L . 1.89 -27.23 -3.06
OP2 PLG L . 2.57 -24.81 -3.14
OP3 PLG L . 4.32 -26.54 -3.20
C PLG L . 9.05 -28.46 0.54
O PLG L . 9.93 -29.16 -0.05
OXT PLG L . 9.12 -28.27 1.77
CA PLG L . 7.88 -27.87 -0.23
N PLG L . 7.16 -27.11 0.78
C S8R M . 15.44 -18.25 -1.99
C S8R M . 15.43 -18.34 -1.95
O S8R M . 15.76 -17.59 -1.07
O S8R M . 15.78 -17.69 -1.01
CB1 S8R M . 17.99 -16.76 -3.32
CB1 S8R M . 17.93 -16.80 -3.27
CB2 S8R M . 23.10 -17.18 -5.89
CB2 S8R M . 23.10 -17.27 -5.86
CG1 S8R M . 18.53 -17.98 -4.08
CG1 S8R M . 18.50 -17.97 -4.08
NG1 S8R M . 15.78 -17.83 -3.34
NG1 S8R M . 15.72 -17.87 -3.29
CG2 S8R M . 23.02 -18.09 -7.11
CG2 S8R M . 22.90 -18.13 -7.12
NG2 S8R M . 20.96 -17.61 -4.83
NG2 S8R M . 20.93 -17.65 -4.82
CD1 S8R M . 20.04 -18.17 -3.87
CD1 S8R M . 19.99 -18.18 -3.84
CD2 S8R M . 21.71 -17.94 -7.87
CD2 S8R M . 21.55 -17.91 -7.81
C11 S8R M . 14.71 -19.58 -1.79
C11 S8R M . 14.70 -19.66 -1.76
C12 S8R M . 14.05 -20.14 -2.87
C12 S8R M . 14.00 -20.19 -2.85
C13 S8R M . 13.40 -21.35 -2.72
C13 S8R M . 13.35 -21.39 -2.72
C14 S8R M . 13.42 -21.99 -1.51
C14 S8R M . 13.38 -22.08 -1.53
C15 S8R M . 14.10 -21.45 -0.42
C15 S8R M . 14.09 -21.57 -0.43
C16 S8R M . 14.74 -20.23 -0.57
C16 S8R M . 14.74 -20.35 -0.56
C2 S8R M . 12.19 -24.41 4.28
C2 S8R M . 12.49 -24.44 4.39
C4 S8R M . 10.96 -23.84 2.38
C4 S8R M . 11.04 -23.81 2.66
C4A S8R M . 11.66 -24.83 1.65
C4A S8R M . 11.66 -24.79 1.84
C5A S8R M . 10.14 -25.09 -0.39
C5A S8R M . 9.89 -24.81 0.02
C6 S8R M . 12.53 -25.57 -0.53
C6 S8R M . 12.21 -25.54 -0.43
C7 S8R M . 13.31 -26.71 0.14
C7 S8R M . 12.87 -26.77 0.16
C8A S8R M . 12.64 -25.58 2.32
C8A S8R M . 12.69 -25.56 2.38
C9 S8R M . 13.52 -24.35 -0.78
C9 S8R M . 13.32 -24.45 -0.73
CA1 S8R M . 16.48 -16.57 -3.53
CA1 S8R M . 16.43 -16.61 -3.47
CA2 S8R M . 22.40 -17.76 -4.67
CA2 S8R M . 22.36 -17.82 -4.64
CT1 S8R M . 16.23 -16.11 -4.96
CT1 S8R M . 16.16 -16.12 -4.88
CT2 S8R M . 22.84 -17.03 -3.42
CT2 S8R M . 22.80 -17.06 -3.39
N1 S8R M . 12.87 -25.34 3.62
N1 S8R M . 13.08 -25.36 3.64
N10 S8R M . 12.76 -23.27 -1.36
N10 S8R M . 12.70 -23.35 -1.44
N3 S8R M . 11.25 -23.68 3.67
N3 S8R M . 11.49 -23.69 3.91
N5 S8R M . 11.45 -25.14 0.24
N5 S8R M . 11.26 -25.03 0.45
N8 S8R M . 13.44 -26.66 1.59
N8 S8R M . 13.39 -26.62 1.51
NA2 S8R M . 12.47 -24.18 5.68
NA2 S8R M . 12.91 -24.23 5.76
O11 S8R M . 15.57 -16.85 -5.74
O11 S8R M . 15.50 -16.85 -5.67
O12 S8R M . 22.26 -15.96 -3.07
O12 S8R M . 22.18 -16.02 -3.04
O21 S8R M . 16.69 -15.00 -5.35
O21 S8R M . 16.60 -15.00 -5.26
O22 S8R M . 23.79 -17.48 -2.73
O22 S8R M . 23.77 -17.47 -2.72
O4 S8R M . 9.98 -23.05 1.79
O4 S8R M . 10.02 -22.99 2.22
O5B S8R M . 9.19 -24.77 0.22
O5B S8R M . 9.56 -25.03 -1.10
OEB S8R M . 20.44 -18.77 -2.92
OEB S8R M . 20.38 -18.77 -2.88
OEC S8R M . 20.74 -17.31 -7.37
OEC S8R M . 21.30 -18.52 -8.88
OED S8R M . 21.58 -18.47 -9.02
OED S8R M . 20.70 -17.12 -7.32
C1 EDO N . 14.37 -12.01 8.50
O1 EDO N . 14.32 -11.41 9.81
C2 EDO N . 15.53 -11.45 7.68
O2 EDO N . 16.74 -11.48 8.46
C1 EDO O . 0.28 -1.91 14.62
O1 EDO O . -0.91 -1.56 13.92
C2 EDO O . 0.86 -3.15 13.95
O2 EDO O . -0.17 -4.07 13.55
N1 PLG P . -6.15 24.92 -1.49
C2 PLG P . -6.22 25.70 -2.56
C2A PLG P . -7.49 25.65 -3.40
C3 PLG P . -5.16 26.53 -2.89
O3 PLG P . -5.27 27.35 -4.02
C4 PLG P . -4.03 26.52 -2.09
C4A PLG P . -2.79 27.37 -2.34
C5 PLG P . -4.00 25.70 -0.99
C6 PLG P . -5.07 24.89 -0.72
C5A PLG P . -2.79 25.56 -0.08
OP4 PLG P . -2.49 26.63 0.74
P PLG P . -0.94 26.66 1.28
OP1 PLG P . -0.51 25.23 1.54
OP2 PLG P . -0.05 27.26 0.21
OP3 PLG P . -1.04 27.49 2.53
C PLG P . -2.10 29.53 -5.19
O PLG P . -3.17 29.19 -5.76
OXT PLG P . -1.32 30.40 -5.71
CA PLG P . -1.74 28.84 -3.87
N PLG P . -2.78 27.84 -3.70
C1 EDO Q . -13.16 1.24 -6.57
O1 EDO Q . -12.89 2.02 -5.40
C2 EDO Q . -12.38 -0.08 -6.55
O2 EDO Q . -11.00 0.19 -6.71
C1 EDO R . 2.37 16.07 6.53
O1 EDO R . 3.34 17.06 6.89
C2 EDO R . 1.50 16.56 5.37
O2 EDO R . 0.83 17.80 5.73
C1 EDO S . 20.81 49.64 -26.02
O1 EDO S . 19.68 49.00 -25.41
C2 EDO S . 21.60 48.61 -26.79
O2 EDO S . 20.76 47.47 -27.04
C S8R T . 4.38 21.05 -11.24
C S8R T . 4.33 21.11 -11.23
O S8R T . 3.74 20.37 -11.97
O S8R T . 3.72 20.46 -11.99
CB1 S8R T . 6.85 20.36 -13.23
CB1 S8R T . 6.79 20.47 -13.23
CB2 S8R T . 11.35 22.01 -16.63
CB2 S8R T . 11.35 22.02 -16.64
CG1 S8R T . 7.81 21.55 -13.12
CG1 S8R T . 7.82 21.59 -13.11
NG1 S8R T . 5.81 20.86 -11.12
NG1 S8R T . 5.76 20.92 -11.09
CG2 S8R T . 12.26 22.97 -15.88
CG2 S8R T . 12.28 23.01 -15.92
NG2 S8R T . 9.51 21.78 -15.04
NG2 S8R T . 9.53 21.82 -15.02
CD1 S8R T . 8.20 22.08 -14.50
CD1 S8R T . 8.20 22.11 -14.50
CD2 S8R T . 12.20 24.41 -16.40
CD2 S8R T . 12.12 24.46 -16.40
C11 S8R T . 3.74 22.20 -10.47
C11 S8R T . 3.72 22.26 -10.45
C12 S8R T . 4.44 22.74 -9.40
C12 S8R T . 4.41 22.78 -9.37
C13 S8R T . 3.89 23.79 -8.69
C13 S8R T . 3.90 23.83 -8.65
C14 S8R T . 2.66 24.29 -9.07
C14 S8R T . 2.70 24.39 -9.06
C15 S8R T . 1.97 23.75 -10.14
C15 S8R T . 2.00 23.89 -10.15
C16 S8R T . 2.51 22.70 -10.85
C16 S8R T . 2.51 22.82 -10.85
C2 S8R T . -3.48 25.74 -10.04
C2 S8R T . -3.49 25.68 -10.22
C4 S8R T . -2.22 25.22 -8.15
C4 S8R T . -2.29 25.03 -8.33
C4A S8R T . -1.46 26.37 -8.37
C4A S8R T . -1.51 26.19 -8.44
C5A S8R T . -0.38 26.69 -6.07
C5A S8R T . -0.47 26.17 -6.13
C6 S8R T . 0.73 27.44 -8.13
C6 S8R T . 0.61 27.33 -8.01
C7 S8R T . 0.26 28.64 -8.92
C7 S8R T . 0.06 28.59 -8.66
C8A S8R T . -1.76 27.17 -9.46
C8A S8R T . -1.79 27.06 -9.49
C9 S8R T . 1.45 26.44 -9.12
C9 S8R T . 1.43 26.52 -9.06
CA1 S8R T . 6.46 19.81 -11.86
CA1 S8R T . 6.39 19.87 -11.87
CA2 S8R T . 9.88 22.29 -16.35
CA2 S8R T . 9.89 22.31 -16.33
CT1 S8R T . 7.71 19.40 -11.09
CT1 S8R T . 7.62 19.45 -11.10
CT2 S8R T . 9.01 21.61 -17.41
CT2 S8R T . 9.00 21.66 -17.38
N1 S8R T . -2.76 26.83 -10.28
N1 S8R T . -2.76 26.78 -10.35
N10 S8R T . 2.08 25.39 -8.34
N10 S8R T . 2.17 25.50 -8.33
N3 S8R T . -3.22 24.94 -9.00
N3 S8R T . -3.26 24.82 -9.22
N5 S8R T . -0.35 26.81 -7.52
N5 S8R T . -0.44 26.55 -7.53
N8 S8R T . -0.94 28.43 -9.72
N8 S8R T . -0.97 28.32 -9.67
NA2 S8R T . -4.55 25.41 -10.96
NA2 S8R T . -4.53 25.42 -11.19
O11 S8R T . 8.46 18.51 -11.55
O11 S8R T . 8.36 18.54 -11.55
O12 S8R T . 8.65 20.42 -17.26
O12 S8R T . 8.66 20.45 -17.25
O21 S8R T . 7.96 19.96 -10.00
O21 S8R T . 7.90 20.01 -10.02
O22 S8R T . 8.66 22.25 -18.43
O22 S8R T . 8.59 22.35 -18.35
O4 S8R T . -1.97 24.37 -7.08
O4 S8R T . -2.08 24.12 -7.32
O5B S8R T . -1.31 26.20 -5.53
O5B S8R T . 0.41 26.46 -5.40
OEB S8R T . 7.43 22.73 -15.13
OEB S8R T . 7.43 22.72 -15.16
OEC S8R T . 12.77 25.33 -15.77
OEC S8R T . 12.63 25.39 -15.73
OED S8R T . 11.58 24.66 -17.48
OED S8R T . 11.48 24.72 -17.45
C1 EDO U . 12.35 -5.14 4.88
O1 EDO U . 12.78 -3.85 4.43
C2 EDO U . 12.50 -6.10 3.72
O2 EDO U . 12.90 -5.34 2.56
C1 EDO V . 5.85 42.54 15.23
O1 EDO V . 6.65 42.94 16.35
C2 EDO V . 4.37 42.56 15.59
O2 EDO V . 3.89 43.89 15.38
N1 PLG W . 10.94 16.11 16.58
C2 PLG W . 11.15 16.02 17.91
C2A PLG W . 12.33 15.19 18.41
C3 PLG W . 10.28 16.68 18.78
O3 PLG W . 10.52 16.54 20.14
C4 PLG W . 9.23 17.42 18.29
C4A PLG W . 8.23 18.16 19.18
C5 PLG W . 9.05 17.48 16.93
C6 PLG W . 9.91 16.82 16.08
C5A PLG W . 7.87 18.23 16.30
OP4 PLG W . 7.97 19.62 16.27
P PLG W . 6.54 20.36 15.93
OP1 PLG W . 6.99 21.74 15.48
OP2 PLG W . 5.77 20.33 17.23
OP3 PLG W . 5.76 19.64 14.85
C PLG W . 7.81 18.04 22.84
O PLG W . 8.73 17.18 23.00
OXT PLG W . 7.15 18.47 23.84
CA PLG W . 7.52 18.54 21.43
N PLG W . 8.29 17.70 20.53
C1 EDO X . 4.51 -1.24 20.44
O1 EDO X . 4.79 -1.59 21.80
C2 EDO X . 5.82 -0.77 19.84
O2 EDO X . 6.82 -1.78 20.06
C S8R Y . -0.75 9.35 22.47
C S8R Y . -0.76 9.36 22.46
O S8R Y . -0.34 8.25 22.60
O S8R Y . -0.35 8.26 22.59
CB1 S8R Y . -3.43 7.98 23.64
CB1 S8R Y . -3.44 7.99 23.58
CB2 S8R Y . -7.72 7.90 27.68
CB2 S8R Y . -7.84 7.68 27.32
CG1 S8R Y . -4.04 9.10 24.48
CG1 S8R Y . -4.01 9.11 24.45
NG1 S8R Y . -2.18 9.58 22.29
NG1 S8R Y . -2.17 9.59 22.26
CG2 S8R Y . -8.22 9.33 27.90
CG2 S8R Y . -8.59 8.83 28.01
NG2 S8R Y . -5.85 8.35 26.17
NG2 S8R Y . -5.87 8.33 26.06
CD1 S8R Y . -4.45 8.60 25.87
CD1 S8R Y . -4.46 8.60 25.82
CD2 S8R Y . -7.93 9.85 29.30
CD2 S8R Y . -8.45 10.16 27.26
C11 S8R Y . 0.16 10.56 22.57
C11 S8R Y . 0.17 10.56 22.58
C12 S8R Y . -0.27 11.78 22.06
C12 S8R Y . -0.25 11.79 22.10
C13 S8R Y . 0.55 12.89 22.17
C13 S8R Y . 0.58 12.89 22.22
C14 S8R Y . 1.77 12.78 22.79
C14 S8R Y . 1.82 12.75 22.81
C15 S8R Y . 2.20 11.56 23.31
C15 S8R Y . 2.24 11.52 23.29
C16 S8R Y . 1.39 10.45 23.20
C16 S8R Y . 1.42 10.42 23.17
C2 S8R Y . 8.02 11.71 24.12
C2 S8R Y . 7.91 11.80 24.06
C4 S8R Y . 6.89 12.71 22.36
C4 S8R Y . 6.70 12.87 22.38
C4A S8R Y . 6.35 13.65 23.24
C4A S8R Y . 6.21 13.79 23.33
C5A S8R Y . 5.57 15.38 21.56
C5A S8R Y . 5.37 15.70 21.84
C6 S8R Y . 4.53 15.22 23.78
C6 S8R Y . 4.40 15.28 24.04
C7 S8R Y . 5.26 15.60 25.07
C7 S8R Y . 5.09 15.55 25.36
C8A S8R Y . 6.70 13.55 24.60
C8A S8R Y . 6.65 13.65 24.65
C9 S8R Y . 3.43 14.13 24.10
C9 S8R Y . 3.30 14.16 24.22
CA1 S8R Y . -3.07 8.44 22.22
CA1 S8R Y . -3.08 8.47 22.17
CA2 S8R Y . -6.20 7.86 27.49
CA2 S8R Y . -6.33 7.84 27.34
CT1 S8R Y . -4.35 8.90 21.54
CT1 S8R Y . -4.35 8.92 21.46
CT2 S8R Y . -5.69 6.43 27.65
CT2 S8R Y . -5.72 6.45 27.57
N1 S8R Y . 7.53 12.58 25.00
N1 S8R Y . 7.48 12.66 24.98
N10 S8R Y . 2.62 13.94 22.90
N10 S8R Y . 2.69 13.89 22.93
N3 S8R Y . 7.70 11.78 22.83
N3 S8R Y . 7.53 11.91 22.78
N5 S8R Y . 5.45 14.73 22.85
N5 S8R Y . 5.31 14.91 23.05
N8 S8R Y . 6.13 14.54 25.61
N8 S8R Y . 6.16 14.61 25.73
NA2 S8R Y . 8.92 10.66 24.57
NA2 S8R Y . 8.82 10.75 24.45
O11 S8R Y . -4.49 10.12 21.29
O11 S8R Y . -4.49 10.15 21.19
O12 S8R Y . -5.17 6.09 28.75
O12 S8R Y . -5.12 6.21 28.66
O21 S8R Y . -5.24 8.06 21.22
O21 S8R Y . -5.24 8.08 21.16
O22 S8R Y . -5.78 5.60 26.71
O22 S8R Y . -5.80 5.56 26.67
O4 S8R Y . 6.59 12.73 21.00
O4 S8R Y . 6.31 12.92 21.04
O5B S8R Y . 4.84 16.28 21.30
O5B S8R Y . 6.15 15.43 20.99
OEB S8R Y . -3.62 8.43 26.70
OEB S8R Y . -3.66 8.41 26.67
OEC S8R Y . -8.34 10.98 29.66
OEC S8R Y . -8.70 11.23 27.85
OED S8R Y . -7.27 9.14 30.11
OED S8R Y . -8.10 10.17 26.05
#